data_6EB2
# 
_entry.id   6EB2 
# 
_audit_conform.dict_name       mmcif_pdbx.dic 
_audit_conform.dict_version    5.398 
_audit_conform.dict_location   http://mmcif.pdb.org/dictionaries/ascii/mmcif_pdbx.dic 
# 
loop_
_database_2.database_id 
_database_2.database_code 
_database_2.pdbx_database_accession 
_database_2.pdbx_DOI 
PDB   6EB2         pdb_00006eb2 10.2210/pdb6eb2/pdb 
WWPDB D_1000235928 ?            ?                   
# 
loop_
_pdbx_audit_revision_history.ordinal 
_pdbx_audit_revision_history.data_content_type 
_pdbx_audit_revision_history.major_revision 
_pdbx_audit_revision_history.minor_revision 
_pdbx_audit_revision_history.revision_date 
1 'Structure model' 1 0 2019-03-06 
2 'Structure model' 1 1 2019-12-18 
3 'Structure model' 1 2 2023-10-11 
4 'Structure model' 1 3 2024-11-13 
# 
_pdbx_audit_revision_details.ordinal             1 
_pdbx_audit_revision_details.revision_ordinal    1 
_pdbx_audit_revision_details.data_content_type   'Structure model' 
_pdbx_audit_revision_details.provider            repository 
_pdbx_audit_revision_details.type                'Initial release' 
_pdbx_audit_revision_details.description         ? 
_pdbx_audit_revision_details.details             ? 
# 
loop_
_pdbx_audit_revision_group.ordinal 
_pdbx_audit_revision_group.revision_ordinal 
_pdbx_audit_revision_group.data_content_type 
_pdbx_audit_revision_group.group 
1 2 'Structure model' 'Author supporting evidence' 
2 3 'Structure model' 'Data collection'            
3 3 'Structure model' 'Database references'        
4 3 'Structure model' 'Refinement description'     
5 4 'Structure model' 'Structure summary'          
# 
loop_
_pdbx_audit_revision_category.ordinal 
_pdbx_audit_revision_category.revision_ordinal 
_pdbx_audit_revision_category.data_content_type 
_pdbx_audit_revision_category.category 
1 2 'Structure model' pdbx_audit_support            
2 3 'Structure model' chem_comp_atom                
3 3 'Structure model' chem_comp_bond                
4 3 'Structure model' database_2                    
5 3 'Structure model' pdbx_initial_refinement_model 
6 4 'Structure model' pdbx_entry_details            
7 4 'Structure model' pdbx_modification_feature     
# 
loop_
_pdbx_audit_revision_item.ordinal 
_pdbx_audit_revision_item.revision_ordinal 
_pdbx_audit_revision_item.data_content_type 
_pdbx_audit_revision_item.item 
1 2 'Structure model' '_pdbx_audit_support.funding_organization' 
2 3 'Structure model' '_database_2.pdbx_DOI'                     
3 3 'Structure model' '_database_2.pdbx_database_accession'      
# 
_pdbx_database_status.status_code                     REL 
_pdbx_database_status.status_code_sf                  REL 
_pdbx_database_status.status_code_mr                  ? 
_pdbx_database_status.entry_id                        6EB2 
_pdbx_database_status.recvd_initial_deposition_date   2018-08-03 
_pdbx_database_status.SG_entry                        N 
_pdbx_database_status.deposit_site                    RCSB 
_pdbx_database_status.process_site                    RCSB 
_pdbx_database_status.status_code_cs                  ? 
_pdbx_database_status.methods_development_category    ? 
_pdbx_database_status.pdb_format_compatible           Y 
_pdbx_database_status.status_code_nmr_data            ? 
# 
loop_
_audit_author.name 
_audit_author.pdbx_ordinal 
_audit_author.identifier_ORCID 
'Lindenberger, J.J.' 1 ? 
'Kobe, M.'           2 ? 
'Kvaratskhelia, M.'  3 ? 
# 
_citation.abstract                  ? 
_citation.abstract_id_CAS           ? 
_citation.book_id_ISBN              ? 
_citation.book_publisher            ? 
_citation.book_publisher_city       ? 
_citation.book_title                ? 
_citation.coordinate_linkage        ? 
_citation.country                   US 
_citation.database_id_Medline       ? 
_citation.details                   ? 
_citation.id                        primary 
_citation.journal_abbrev            'ACS Med Chem Lett' 
_citation.journal_id_ASTM           ? 
_citation.journal_id_CSD            ? 
_citation.journal_id_ISSN           1948-5875 
_citation.journal_full              ? 
_citation.journal_issue             ? 
_citation.journal_volume            10 
_citation.language                  ? 
_citation.page_first                215 
_citation.page_last                 220 
_citation.title                     'An Isoquinoline Scaffold as a Novel Class of Allosteric HIV-1 Integrase Inhibitors.' 
_citation.year                      2019 
_citation.database_id_CSD           ? 
_citation.pdbx_database_id_DOI      10.1021/acsmedchemlett.8b00633 
_citation.pdbx_database_id_PubMed   30783506 
_citation.unpublished_flag          ? 
# 
loop_
_citation_author.citation_id 
_citation_author.name 
_citation_author.ordinal 
_citation_author.identifier_ORCID 
primary 'Wilson, T.A.'       1  ? 
primary 'Koneru, P.C.'       2  ? 
primary 'Rebensburg, S.V.'   3  ? 
primary 'Lindenberger, J.J.' 4  ? 
primary 'Kobe, M.J.'         5  ? 
primary 'Cockroft, N.T.'     6  ? 
primary 'Adu-Ampratwum, D.'  7  ? 
primary 'Larue, R.C.'        8  ? 
primary 'Kvaratskhelia, M.'  9  ? 
primary 'Fuchs, J.R.'        10 ? 
# 
loop_
_entity.id 
_entity.type 
_entity.src_method 
_entity.pdbx_description 
_entity.formula_weight 
_entity.pdbx_number_of_molecules 
_entity.pdbx_ec 
_entity.pdbx_mutation 
_entity.pdbx_fragment 
_entity.details 
1 polymer     man Integrase 20332.787 1  ? F185H 'catalytic core domain (UNP residues 50-212)' ? 
2 non-polymer syn 
'(2S)-[1-(1-benzyl-1H-pyrazol-4-yl)-3-(3,4-dihydro-2H-1-benzopyran-6-yl)isoquinolin-4-yl](tert-butoxy)acetic acid' 547.644   1  ? 
?     ?                                             ? 
3 water       nat water 18.015    22 ? ?     ?                                             ? 
# 
_entity_poly.entity_id                      1 
_entity_poly.type                           'polypeptide(L)' 
_entity_poly.nstd_linkage                   no 
_entity_poly.nstd_monomer                   yes 
_entity_poly.pdbx_seq_one_letter_code       
;MGSSHHHHHHSSGLVPRGSHMHGQVDCSPGIWQLD(CAF)THLEGKVILVAVHVASGYIEAEVIPAETGQETAYFLLKLA
GRWPVKTVHTDNGSNFTSTTVKAA(CAF)WWAGIKQEFGIPYNPQSQGVIESMNKELKKIIGQVRDQAEHLKTAVQMAVF
IHNHKRKGGIGGYSAGERIVDIIATDIQTKE
;
_entity_poly.pdbx_seq_one_letter_code_can   
;MGSSHHHHHHSSGLVPRGSHMHGQVDCSPGIWQLDCTHLEGKVILVAVHVASGYIEAEVIPAETGQETAYFLLKLAGRWP
VKTVHTDNGSNFTSTTVKAACWWAGIKQEFGIPYNPQSQGVIESMNKELKKIIGQVRDQAEHLKTAVQMAVFIHNHKRKG
GIGGYSAGERIVDIIATDIQTKE
;
_entity_poly.pdbx_strand_id                 A 
_entity_poly.pdbx_target_identifier         ? 
# 
loop_
_pdbx_entity_nonpoly.entity_id 
_pdbx_entity_nonpoly.name 
_pdbx_entity_nonpoly.comp_id 
2 '(2S)-[1-(1-benzyl-1H-pyrazol-4-yl)-3-(3,4-dihydro-2H-1-benzopyran-6-yl)isoquinolin-4-yl](tert-butoxy)acetic acid' J3P 
3 water                                                                                                              HOH 
# 
loop_
_entity_poly_seq.entity_id 
_entity_poly_seq.num 
_entity_poly_seq.mon_id 
_entity_poly_seq.hetero 
1 1   MET n 
1 2   GLY n 
1 3   SER n 
1 4   SER n 
1 5   HIS n 
1 6   HIS n 
1 7   HIS n 
1 8   HIS n 
1 9   HIS n 
1 10  HIS n 
1 11  SER n 
1 12  SER n 
1 13  GLY n 
1 14  LEU n 
1 15  VAL n 
1 16  PRO n 
1 17  ARG n 
1 18  GLY n 
1 19  SER n 
1 20  HIS n 
1 21  MET n 
1 22  HIS n 
1 23  GLY n 
1 24  GLN n 
1 25  VAL n 
1 26  ASP n 
1 27  CYS n 
1 28  SER n 
1 29  PRO n 
1 30  GLY n 
1 31  ILE n 
1 32  TRP n 
1 33  GLN n 
1 34  LEU n 
1 35  ASP n 
1 36  CAF n 
1 37  THR n 
1 38  HIS n 
1 39  LEU n 
1 40  GLU n 
1 41  GLY n 
1 42  LYS n 
1 43  VAL n 
1 44  ILE n 
1 45  LEU n 
1 46  VAL n 
1 47  ALA n 
1 48  VAL n 
1 49  HIS n 
1 50  VAL n 
1 51  ALA n 
1 52  SER n 
1 53  GLY n 
1 54  TYR n 
1 55  ILE n 
1 56  GLU n 
1 57  ALA n 
1 58  GLU n 
1 59  VAL n 
1 60  ILE n 
1 61  PRO n 
1 62  ALA n 
1 63  GLU n 
1 64  THR n 
1 65  GLY n 
1 66  GLN n 
1 67  GLU n 
1 68  THR n 
1 69  ALA n 
1 70  TYR n 
1 71  PHE n 
1 72  LEU n 
1 73  LEU n 
1 74  LYS n 
1 75  LEU n 
1 76  ALA n 
1 77  GLY n 
1 78  ARG n 
1 79  TRP n 
1 80  PRO n 
1 81  VAL n 
1 82  LYS n 
1 83  THR n 
1 84  VAL n 
1 85  HIS n 
1 86  THR n 
1 87  ASP n 
1 88  ASN n 
1 89  GLY n 
1 90  SER n 
1 91  ASN n 
1 92  PHE n 
1 93  THR n 
1 94  SER n 
1 95  THR n 
1 96  THR n 
1 97  VAL n 
1 98  LYS n 
1 99  ALA n 
1 100 ALA n 
1 101 CAF n 
1 102 TRP n 
1 103 TRP n 
1 104 ALA n 
1 105 GLY n 
1 106 ILE n 
1 107 LYS n 
1 108 GLN n 
1 109 GLU n 
1 110 PHE n 
1 111 GLY n 
1 112 ILE n 
1 113 PRO n 
1 114 TYR n 
1 115 ASN n 
1 116 PRO n 
1 117 GLN n 
1 118 SER n 
1 119 GLN n 
1 120 GLY n 
1 121 VAL n 
1 122 ILE n 
1 123 GLU n 
1 124 SER n 
1 125 MET n 
1 126 ASN n 
1 127 LYS n 
1 128 GLU n 
1 129 LEU n 
1 130 LYS n 
1 131 LYS n 
1 132 ILE n 
1 133 ILE n 
1 134 GLY n 
1 135 GLN n 
1 136 VAL n 
1 137 ARG n 
1 138 ASP n 
1 139 GLN n 
1 140 ALA n 
1 141 GLU n 
1 142 HIS n 
1 143 LEU n 
1 144 LYS n 
1 145 THR n 
1 146 ALA n 
1 147 VAL n 
1 148 GLN n 
1 149 MET n 
1 150 ALA n 
1 151 VAL n 
1 152 PHE n 
1 153 ILE n 
1 154 HIS n 
1 155 ASN n 
1 156 HIS n 
1 157 LYS n 
1 158 ARG n 
1 159 LYS n 
1 160 GLY n 
1 161 GLY n 
1 162 ILE n 
1 163 GLY n 
1 164 GLY n 
1 165 TYR n 
1 166 SER n 
1 167 ALA n 
1 168 GLY n 
1 169 GLU n 
1 170 ARG n 
1 171 ILE n 
1 172 VAL n 
1 173 ASP n 
1 174 ILE n 
1 175 ILE n 
1 176 ALA n 
1 177 THR n 
1 178 ASP n 
1 179 ILE n 
1 180 GLN n 
1 181 THR n 
1 182 LYS n 
1 183 GLU n 
# 
_entity_src_gen.entity_id                          1 
_entity_src_gen.pdbx_src_id                        1 
_entity_src_gen.pdbx_alt_source_flag               sample 
_entity_src_gen.pdbx_seq_type                      'Biological sequence' 
_entity_src_gen.pdbx_beg_seq_num                   1 
_entity_src_gen.pdbx_end_seq_num                   183 
_entity_src_gen.gene_src_common_name               ? 
_entity_src_gen.gene_src_genus                     ? 
_entity_src_gen.pdbx_gene_src_gene                 pol 
_entity_src_gen.gene_src_species                   ? 
_entity_src_gen.gene_src_strain                    ? 
_entity_src_gen.gene_src_tissue                    ? 
_entity_src_gen.gene_src_tissue_fraction           ? 
_entity_src_gen.gene_src_details                   ? 
_entity_src_gen.pdbx_gene_src_fragment             ? 
_entity_src_gen.pdbx_gene_src_scientific_name      'Human immunodeficiency virus 1' 
_entity_src_gen.pdbx_gene_src_ncbi_taxonomy_id     11676 
_entity_src_gen.pdbx_gene_src_variant              ? 
_entity_src_gen.pdbx_gene_src_cell_line            ? 
_entity_src_gen.pdbx_gene_src_atcc                 ? 
_entity_src_gen.pdbx_gene_src_organ                ? 
_entity_src_gen.pdbx_gene_src_organelle            ? 
_entity_src_gen.pdbx_gene_src_cell                 ? 
_entity_src_gen.pdbx_gene_src_cellular_location    ? 
_entity_src_gen.host_org_common_name               ? 
_entity_src_gen.pdbx_host_org_scientific_name      'Escherichia coli BL21(DE3)' 
_entity_src_gen.pdbx_host_org_ncbi_taxonomy_id     469008 
_entity_src_gen.host_org_genus                     ? 
_entity_src_gen.pdbx_host_org_gene                 ? 
_entity_src_gen.pdbx_host_org_organ                ? 
_entity_src_gen.host_org_species                   ? 
_entity_src_gen.pdbx_host_org_tissue               ? 
_entity_src_gen.pdbx_host_org_tissue_fraction      ? 
_entity_src_gen.pdbx_host_org_strain               ? 
_entity_src_gen.pdbx_host_org_variant              ? 
_entity_src_gen.pdbx_host_org_cell_line            ? 
_entity_src_gen.pdbx_host_org_atcc                 ? 
_entity_src_gen.pdbx_host_org_culture_collection   ? 
_entity_src_gen.pdbx_host_org_cell                 ? 
_entity_src_gen.pdbx_host_org_organelle            ? 
_entity_src_gen.pdbx_host_org_cellular_location    ? 
_entity_src_gen.pdbx_host_org_vector_type          ? 
_entity_src_gen.pdbx_host_org_vector               ? 
_entity_src_gen.host_org_details                   ? 
_entity_src_gen.expression_system_id               ? 
_entity_src_gen.plasmid_name                       ? 
_entity_src_gen.plasmid_details                    ? 
_entity_src_gen.pdbx_description                   ? 
# 
loop_
_chem_comp.id 
_chem_comp.type 
_chem_comp.mon_nstd_flag 
_chem_comp.name 
_chem_comp.pdbx_synonyms 
_chem_comp.formula 
_chem_comp.formula_weight 
ALA 'L-peptide linking' y ALANINE ?                         'C3 H7 N O2'       89.093  
ARG 'L-peptide linking' y ARGININE ?                         'C6 H15 N4 O2 1'   175.209 
ASN 'L-peptide linking' y ASPARAGINE ?                         'C4 H8 N2 O3'      132.118 
ASP 'L-peptide linking' y 'ASPARTIC ACID' ?                         'C4 H7 N O4'       133.103 
CAF 'L-peptide linking' n S-DIMETHYLARSINOYL-CYSTEINE 'CYSTEIN-S-YL CACODYLATE' 'C5 H12 As N O3 S' 241.140 
CYS 'L-peptide linking' y CYSTEINE ?                         'C3 H7 N O2 S'     121.158 
GLN 'L-peptide linking' y GLUTAMINE ?                         'C5 H10 N2 O3'     146.144 
GLU 'L-peptide linking' y 'GLUTAMIC ACID' ?                         'C5 H9 N O4'       147.129 
GLY 'peptide linking'   y GLYCINE ?                         'C2 H5 N O2'       75.067  
HIS 'L-peptide linking' y HISTIDINE ?                         'C6 H10 N3 O2 1'   156.162 
HOH non-polymer         . WATER ?                         'H2 O'             18.015  
ILE 'L-peptide linking' y ISOLEUCINE ?                         'C6 H13 N O2'      131.173 
J3P non-polymer         . 
'(2S)-[1-(1-benzyl-1H-pyrazol-4-yl)-3-(3,4-dihydro-2H-1-benzopyran-6-yl)isoquinolin-4-yl](tert-butoxy)acetic acid' ? 
'C34 H33 N3 O4'    547.644 
LEU 'L-peptide linking' y LEUCINE ?                         'C6 H13 N O2'      131.173 
LYS 'L-peptide linking' y LYSINE ?                         'C6 H15 N2 O2 1'   147.195 
MET 'L-peptide linking' y METHIONINE ?                         'C5 H11 N O2 S'    149.211 
PHE 'L-peptide linking' y PHENYLALANINE ?                         'C9 H11 N O2'      165.189 
PRO 'L-peptide linking' y PROLINE ?                         'C5 H9 N O2'       115.130 
SER 'L-peptide linking' y SERINE ?                         'C3 H7 N O3'       105.093 
THR 'L-peptide linking' y THREONINE ?                         'C4 H9 N O3'       119.119 
TRP 'L-peptide linking' y TRYPTOPHAN ?                         'C11 H12 N2 O2'    204.225 
TYR 'L-peptide linking' y TYROSINE ?                         'C9 H11 N O3'      181.189 
VAL 'L-peptide linking' y VALINE ?                         'C5 H11 N O2'      117.146 
# 
loop_
_pdbx_poly_seq_scheme.asym_id 
_pdbx_poly_seq_scheme.entity_id 
_pdbx_poly_seq_scheme.seq_id 
_pdbx_poly_seq_scheme.mon_id 
_pdbx_poly_seq_scheme.ndb_seq_num 
_pdbx_poly_seq_scheme.pdb_seq_num 
_pdbx_poly_seq_scheme.auth_seq_num 
_pdbx_poly_seq_scheme.pdb_mon_id 
_pdbx_poly_seq_scheme.auth_mon_id 
_pdbx_poly_seq_scheme.pdb_strand_id 
_pdbx_poly_seq_scheme.pdb_ins_code 
_pdbx_poly_seq_scheme.hetero 
A 1 1   MET 1   30  ?   ?   ?   A . n 
A 1 2   GLY 2   31  ?   ?   ?   A . n 
A 1 3   SER 3   32  ?   ?   ?   A . n 
A 1 4   SER 4   33  ?   ?   ?   A . n 
A 1 5   HIS 5   34  ?   ?   ?   A . n 
A 1 6   HIS 6   35  ?   ?   ?   A . n 
A 1 7   HIS 7   36  ?   ?   ?   A . n 
A 1 8   HIS 8   37  ?   ?   ?   A . n 
A 1 9   HIS 9   38  ?   ?   ?   A . n 
A 1 10  HIS 10  39  ?   ?   ?   A . n 
A 1 11  SER 11  40  ?   ?   ?   A . n 
A 1 12  SER 12  41  ?   ?   ?   A . n 
A 1 13  GLY 13  42  ?   ?   ?   A . n 
A 1 14  LEU 14  43  ?   ?   ?   A . n 
A 1 15  VAL 15  44  ?   ?   ?   A . n 
A 1 16  PRO 16  45  ?   ?   ?   A . n 
A 1 17  ARG 17  46  ?   ?   ?   A . n 
A 1 18  GLY 18  47  ?   ?   ?   A . n 
A 1 19  SER 19  48  ?   ?   ?   A . n 
A 1 20  HIS 20  49  ?   ?   ?   A . n 
A 1 21  MET 21  50  ?   ?   ?   A . n 
A 1 22  HIS 22  51  ?   ?   ?   A . n 
A 1 23  GLY 23  52  ?   ?   ?   A . n 
A 1 24  GLN 24  53  ?   ?   ?   A . n 
A 1 25  VAL 25  54  ?   ?   ?   A . n 
A 1 26  ASP 26  55  ?   ?   ?   A . n 
A 1 27  CYS 27  56  56  CYS CYS A . n 
A 1 28  SER 28  57  57  SER SER A . n 
A 1 29  PRO 29  58  58  PRO PRO A . n 
A 1 30  GLY 30  59  59  GLY GLY A . n 
A 1 31  ILE 31  60  60  ILE ILE A . n 
A 1 32  TRP 32  61  61  TRP TRP A . n 
A 1 33  GLN 33  62  62  GLN GLN A . n 
A 1 34  LEU 34  63  63  LEU LEU A . n 
A 1 35  ASP 35  64  64  ASP ASP A . n 
A 1 36  CAF 36  65  65  CAF CAF A . n 
A 1 37  THR 37  66  66  THR THR A . n 
A 1 38  HIS 38  67  67  HIS HIS A . n 
A 1 39  LEU 39  68  68  LEU LEU A . n 
A 1 40  GLU 40  69  69  GLU GLU A . n 
A 1 41  GLY 41  70  70  GLY GLY A . n 
A 1 42  LYS 42  71  71  LYS LYS A . n 
A 1 43  VAL 43  72  72  VAL VAL A . n 
A 1 44  ILE 44  73  73  ILE ILE A . n 
A 1 45  LEU 45  74  74  LEU LEU A . n 
A 1 46  VAL 46  75  75  VAL VAL A . n 
A 1 47  ALA 47  76  76  ALA ALA A . n 
A 1 48  VAL 48  77  77  VAL VAL A . n 
A 1 49  HIS 49  78  78  HIS HIS A . n 
A 1 50  VAL 50  79  79  VAL VAL A . n 
A 1 51  ALA 51  80  80  ALA ALA A . n 
A 1 52  SER 52  81  81  SER SER A . n 
A 1 53  GLY 53  82  82  GLY GLY A . n 
A 1 54  TYR 54  83  83  TYR TYR A . n 
A 1 55  ILE 55  84  84  ILE ILE A . n 
A 1 56  GLU 56  85  85  GLU GLU A . n 
A 1 57  ALA 57  86  86  ALA ALA A . n 
A 1 58  GLU 58  87  87  GLU GLU A . n 
A 1 59  VAL 59  88  88  VAL VAL A . n 
A 1 60  ILE 60  89  89  ILE ILE A . n 
A 1 61  PRO 61  90  90  PRO PRO A . n 
A 1 62  ALA 62  91  91  ALA ALA A . n 
A 1 63  GLU 63  92  92  GLU GLU A . n 
A 1 64  THR 64  93  93  THR THR A . n 
A 1 65  GLY 65  94  94  GLY GLY A . n 
A 1 66  GLN 66  95  95  GLN GLN A . n 
A 1 67  GLU 67  96  96  GLU GLU A . n 
A 1 68  THR 68  97  97  THR THR A . n 
A 1 69  ALA 69  98  98  ALA ALA A . n 
A 1 70  TYR 70  99  99  TYR TYR A . n 
A 1 71  PHE 71  100 100 PHE PHE A . n 
A 1 72  LEU 72  101 101 LEU LEU A . n 
A 1 73  LEU 73  102 102 LEU LEU A . n 
A 1 74  LYS 74  103 103 LYS LYS A . n 
A 1 75  LEU 75  104 104 LEU LEU A . n 
A 1 76  ALA 76  105 105 ALA ALA A . n 
A 1 77  GLY 77  106 106 GLY GLY A . n 
A 1 78  ARG 78  107 107 ARG ARG A . n 
A 1 79  TRP 79  108 108 TRP TRP A . n 
A 1 80  PRO 80  109 109 PRO PRO A . n 
A 1 81  VAL 81  110 110 VAL VAL A . n 
A 1 82  LYS 82  111 111 LYS LYS A . n 
A 1 83  THR 83  112 112 THR THR A . n 
A 1 84  VAL 84  113 113 VAL VAL A . n 
A 1 85  HIS 85  114 114 HIS HIS A . n 
A 1 86  THR 86  115 115 THR THR A . n 
A 1 87  ASP 87  116 116 ASP ASP A . n 
A 1 88  ASN 88  117 117 ASN ASN A . n 
A 1 89  GLY 89  118 118 GLY GLY A . n 
A 1 90  SER 90  119 119 SER SER A . n 
A 1 91  ASN 91  120 120 ASN ASN A . n 
A 1 92  PHE 92  121 121 PHE PHE A . n 
A 1 93  THR 93  122 122 THR THR A . n 
A 1 94  SER 94  123 123 SER SER A . n 
A 1 95  THR 95  124 124 THR THR A . n 
A 1 96  THR 96  125 125 THR THR A . n 
A 1 97  VAL 97  126 126 VAL VAL A . n 
A 1 98  LYS 98  127 127 LYS LYS A . n 
A 1 99  ALA 99  128 128 ALA ALA A . n 
A 1 100 ALA 100 129 129 ALA ALA A . n 
A 1 101 CAF 101 130 130 CAF CAF A . n 
A 1 102 TRP 102 131 131 TRP TRP A . n 
A 1 103 TRP 103 132 132 TRP TRP A . n 
A 1 104 ALA 104 133 133 ALA ALA A . n 
A 1 105 GLY 105 134 134 GLY GLY A . n 
A 1 106 ILE 106 135 135 ILE ILE A . n 
A 1 107 LYS 107 136 136 LYS LYS A . n 
A 1 108 GLN 108 137 137 GLN GLN A . n 
A 1 109 GLU 109 138 ?   ?   ?   A . n 
A 1 110 PHE 110 139 ?   ?   ?   A . n 
A 1 111 GLY 111 140 ?   ?   ?   A . n 
A 1 112 ILE 112 141 ?   ?   ?   A . n 
A 1 113 PRO 113 142 ?   ?   ?   A . n 
A 1 114 TYR 114 143 ?   ?   ?   A . n 
A 1 115 ASN 115 144 ?   ?   ?   A . n 
A 1 116 PRO 116 145 ?   ?   ?   A . n 
A 1 117 GLN 117 146 ?   ?   ?   A . n 
A 1 118 SER 118 147 ?   ?   ?   A . n 
A 1 119 GLN 119 148 ?   ?   ?   A . n 
A 1 120 GLY 120 149 ?   ?   ?   A . n 
A 1 121 VAL 121 150 ?   ?   ?   A . n 
A 1 122 ILE 122 151 ?   ?   ?   A . n 
A 1 123 GLU 123 152 ?   ?   ?   A . n 
A 1 124 SER 124 153 ?   ?   ?   A . n 
A 1 125 MET 125 154 154 MET MET A . n 
A 1 126 ASN 126 155 155 ASN ASN A . n 
A 1 127 LYS 127 156 156 LYS LYS A . n 
A 1 128 GLU 128 157 157 GLU GLU A . n 
A 1 129 LEU 129 158 158 LEU LEU A . n 
A 1 130 LYS 130 159 159 LYS LYS A . n 
A 1 131 LYS 131 160 160 LYS LYS A . n 
A 1 132 ILE 132 161 161 ILE ILE A . n 
A 1 133 ILE 133 162 162 ILE ILE A . n 
A 1 134 GLY 134 163 163 GLY GLY A . n 
A 1 135 GLN 135 164 164 GLN GLN A . n 
A 1 136 VAL 136 165 165 VAL VAL A . n 
A 1 137 ARG 137 166 166 ARG ARG A . n 
A 1 138 ASP 138 167 167 ASP ASP A . n 
A 1 139 GLN 139 168 168 GLN GLN A . n 
A 1 140 ALA 140 169 169 ALA ALA A . n 
A 1 141 GLU 141 170 170 GLU GLU A . n 
A 1 142 HIS 142 171 171 HIS HIS A . n 
A 1 143 LEU 143 172 172 LEU LEU A . n 
A 1 144 LYS 144 173 173 LYS LYS A . n 
A 1 145 THR 145 174 174 THR THR A . n 
A 1 146 ALA 146 175 175 ALA ALA A . n 
A 1 147 VAL 147 176 176 VAL VAL A . n 
A 1 148 GLN 148 177 177 GLN GLN A . n 
A 1 149 MET 149 178 178 MET MET A . n 
A 1 150 ALA 150 179 179 ALA ALA A . n 
A 1 151 VAL 151 180 180 VAL VAL A . n 
A 1 152 PHE 152 181 181 PHE PHE A . n 
A 1 153 ILE 153 182 182 ILE ILE A . n 
A 1 154 HIS 154 183 183 HIS HIS A . n 
A 1 155 ASN 155 184 184 ASN ASN A . n 
A 1 156 HIS 156 185 185 HIS HIS A . n 
A 1 157 LYS 157 186 186 LYS LYS A . n 
A 1 158 ARG 158 187 187 ARG ARG A . n 
A 1 159 LYS 159 188 ?   ?   ?   A . n 
A 1 160 GLY 160 189 ?   ?   ?   A . n 
A 1 161 GLY 161 190 ?   ?   ?   A . n 
A 1 162 ILE 162 191 ?   ?   ?   A . n 
A 1 163 GLY 163 192 ?   ?   ?   A . n 
A 1 164 GLY 164 193 193 GLY GLY A . n 
A 1 165 TYR 165 194 194 TYR TYR A . n 
A 1 166 SER 166 195 195 SER SER A . n 
A 1 167 ALA 167 196 196 ALA ALA A . n 
A 1 168 GLY 168 197 197 GLY GLY A . n 
A 1 169 GLU 169 198 198 GLU GLU A . n 
A 1 170 ARG 170 199 199 ARG ARG A . n 
A 1 171 ILE 171 200 200 ILE ILE A . n 
A 1 172 VAL 172 201 201 VAL VAL A . n 
A 1 173 ASP 173 202 202 ASP ASP A . n 
A 1 174 ILE 174 203 203 ILE ILE A . n 
A 1 175 ILE 175 204 204 ILE ILE A . n 
A 1 176 ALA 176 205 205 ALA ALA A . n 
A 1 177 THR 177 206 206 THR THR A . n 
A 1 178 ASP 178 207 207 ASP ASP A . n 
A 1 179 ILE 179 208 208 ILE ILE A . n 
A 1 180 GLN 180 209 ?   ?   ?   A . n 
A 1 181 THR 181 210 ?   ?   ?   A . n 
A 1 182 LYS 182 211 ?   ?   ?   A . n 
A 1 183 GLU 183 212 ?   ?   ?   A . n 
# 
loop_
_pdbx_nonpoly_scheme.asym_id 
_pdbx_nonpoly_scheme.entity_id 
_pdbx_nonpoly_scheme.mon_id 
_pdbx_nonpoly_scheme.ndb_seq_num 
_pdbx_nonpoly_scheme.pdb_seq_num 
_pdbx_nonpoly_scheme.auth_seq_num 
_pdbx_nonpoly_scheme.pdb_mon_id 
_pdbx_nonpoly_scheme.auth_mon_id 
_pdbx_nonpoly_scheme.pdb_strand_id 
_pdbx_nonpoly_scheme.pdb_ins_code 
B 2 J3P 1  301 210 J3P LIG A . 
C 3 HOH 1  401 42  HOH HOH A . 
C 3 HOH 2  402 21  HOH HOH A . 
C 3 HOH 3  403 4   HOH HOH A . 
C 3 HOH 4  404 33  HOH HOH A . 
C 3 HOH 5  405 16  HOH HOH A . 
C 3 HOH 6  406 9   HOH HOH A . 
C 3 HOH 7  407 22  HOH HOH A . 
C 3 HOH 8  408 5   HOH HOH A . 
C 3 HOH 9  409 15  HOH HOH A . 
C 3 HOH 10 410 20  HOH HOH A . 
C 3 HOH 11 411 2   HOH HOH A . 
C 3 HOH 12 412 3   HOH HOH A . 
C 3 HOH 13 413 25  HOH HOH A . 
C 3 HOH 14 414 23  HOH HOH A . 
C 3 HOH 15 415 10  HOH HOH A . 
C 3 HOH 16 416 24  HOH HOH A . 
C 3 HOH 17 417 13  HOH HOH A . 
C 3 HOH 18 418 43  HOH HOH A . 
C 3 HOH 19 419 35  HOH HOH A . 
C 3 HOH 20 420 26  HOH HOH A . 
C 3 HOH 21 421 27  HOH HOH A . 
C 3 HOH 22 422 36  HOH HOH A . 
# 
loop_
_software.citation_id 
_software.classification 
_software.compiler_name 
_software.compiler_version 
_software.contact_author 
_software.contact_author_email 
_software.date 
_software.description 
_software.dependencies 
_software.hardware 
_software.language 
_software.location 
_software.mods 
_software.name 
_software.os 
_software.os_version 
_software.type 
_software.version 
_software.pdbx_ordinal 
? refinement       ? ? ? ? ? ? ? ? ? ? ? PHENIX    ? ? ? '(1.10.1_2155: ???)' 1 
? 'data reduction' ? ? ? ? ? ? ? ? ? ? ? HKL-3000  ? ? ? .                    2 
? 'data scaling'   ? ? ? ? ? ? ? ? ? ? ? SCALEPACK ? ? ? .                    3 
? 'model building' ? ? ? ? ? ? ? ? ? ? ? PHENIX    ? ? ? .                    4 
? phasing          ? ? ? ? ? ? ? ? ? ? ? PHASER    ? ? ? .                    5 
# 
_cell.angle_alpha                  90.00 
_cell.angle_alpha_esd              ? 
_cell.angle_beta                   90.00 
_cell.angle_beta_esd               ? 
_cell.angle_gamma                  120.00 
_cell.angle_gamma_esd              ? 
_cell.entry_id                     6EB2 
_cell.details                      ? 
_cell.formula_units_Z              ? 
_cell.length_a                     72.097 
_cell.length_a_esd                 ? 
_cell.length_b                     72.097 
_cell.length_b_esd                 ? 
_cell.length_c                     66.427 
_cell.length_c_esd                 ? 
_cell.volume                       ? 
_cell.volume_esd                   ? 
_cell.Z_PDB                        6 
_cell.reciprocal_angle_alpha       ? 
_cell.reciprocal_angle_beta        ? 
_cell.reciprocal_angle_gamma       ? 
_cell.reciprocal_angle_alpha_esd   ? 
_cell.reciprocal_angle_beta_esd    ? 
_cell.reciprocal_angle_gamma_esd   ? 
_cell.reciprocal_length_a          ? 
_cell.reciprocal_length_b          ? 
_cell.reciprocal_length_c          ? 
_cell.reciprocal_length_a_esd      ? 
_cell.reciprocal_length_b_esd      ? 
_cell.reciprocal_length_c_esd      ? 
_cell.pdbx_unique_axis             ? 
# 
_symmetry.entry_id                         6EB2 
_symmetry.cell_setting                     ? 
_symmetry.Int_Tables_number                152 
_symmetry.space_group_name_Hall            ? 
_symmetry.space_group_name_H-M             'P 31 2 1' 
_symmetry.pdbx_full_space_group_name_H-M   ? 
# 
_exptl.absorpt_coefficient_mu     ? 
_exptl.absorpt_correction_T_max   ? 
_exptl.absorpt_correction_T_min   ? 
_exptl.absorpt_correction_type    ? 
_exptl.absorpt_process_details    ? 
_exptl.entry_id                   6EB2 
_exptl.crystals_number            1 
_exptl.details                    ? 
_exptl.method                     'X-RAY DIFFRACTION' 
_exptl.method_details             ? 
# 
_exptl_crystal.colour                      ? 
_exptl_crystal.density_diffrn              ? 
_exptl_crystal.density_Matthews            2.45 
_exptl_crystal.density_method              ? 
_exptl_crystal.density_percent_sol         49.82 
_exptl_crystal.description                 ? 
_exptl_crystal.F_000                       ? 
_exptl_crystal.id                          1 
_exptl_crystal.preparation                 ? 
_exptl_crystal.size_max                    ? 
_exptl_crystal.size_mid                    ? 
_exptl_crystal.size_min                    ? 
_exptl_crystal.size_rad                    ? 
_exptl_crystal.colour_lustre               ? 
_exptl_crystal.colour_modifier             ? 
_exptl_crystal.colour_primary              ? 
_exptl_crystal.density_meas                ? 
_exptl_crystal.density_meas_esd            ? 
_exptl_crystal.density_meas_gt             ? 
_exptl_crystal.density_meas_lt             ? 
_exptl_crystal.density_meas_temp           ? 
_exptl_crystal.density_meas_temp_esd       ? 
_exptl_crystal.density_meas_temp_gt        ? 
_exptl_crystal.density_meas_temp_lt        ? 
_exptl_crystal.pdbx_crystal_image_url      ? 
_exptl_crystal.pdbx_crystal_image_format   ? 
_exptl_crystal.pdbx_mosaicity              ? 
_exptl_crystal.pdbx_mosaicity_esd          ? 
# 
_exptl_crystal_grow.apparatus       ? 
_exptl_crystal_grow.atmosphere      ? 
_exptl_crystal_grow.crystal_id      1 
_exptl_crystal_grow.details         ? 
_exptl_crystal_grow.method          'VAPOR DIFFUSION, HANGING DROP' 
_exptl_crystal_grow.method_ref      ? 
_exptl_crystal_grow.pH              6.5 
_exptl_crystal_grow.pressure        ? 
_exptl_crystal_grow.pressure_esd    ? 
_exptl_crystal_grow.seeding         ? 
_exptl_crystal_grow.seeding_ref     ? 
_exptl_crystal_grow.temp            277.15 
_exptl_crystal_grow.temp_details    ? 
_exptl_crystal_grow.temp_esd        ? 
_exptl_crystal_grow.time            ? 
_exptl_crystal_grow.pdbx_details    '0.1 M ammonium sulfate, 0.1 M sodium cacodylate trihydrate, pH 6.5, 10% PEG8000, 5 mM DTT' 
_exptl_crystal_grow.pdbx_pH_range   ? 
# 
_diffrn.ambient_environment              ? 
_diffrn.ambient_temp                     100 
_diffrn.ambient_temp_details             ? 
_diffrn.ambient_temp_esd                 ? 
_diffrn.crystal_id                       1 
_diffrn.crystal_support                  ? 
_diffrn.crystal_treatment                ? 
_diffrn.details                          ? 
_diffrn.id                               1 
_diffrn.ambient_pressure                 ? 
_diffrn.ambient_pressure_esd             ? 
_diffrn.ambient_pressure_gt              ? 
_diffrn.ambient_pressure_lt              ? 
_diffrn.ambient_temp_gt                  ? 
_diffrn.ambient_temp_lt                  ? 
_diffrn.pdbx_serial_crystal_experiment   ? 
# 
_diffrn_detector.details                      ? 
_diffrn_detector.detector                     PIXEL 
_diffrn_detector.diffrn_id                    1 
_diffrn_detector.type                         'DECTRIS PILATUS 200K' 
_diffrn_detector.area_resol_mean              ? 
_diffrn_detector.dtime                        ? 
_diffrn_detector.pdbx_frames_total            ? 
_diffrn_detector.pdbx_collection_time_total   ? 
_diffrn_detector.pdbx_collection_date         2017-11-08 
_diffrn_detector.pdbx_frequency               ? 
# 
_diffrn_radiation.collimation                      ? 
_diffrn_radiation.diffrn_id                        1 
_diffrn_radiation.filter_edge                      ? 
_diffrn_radiation.inhomogeneity                    ? 
_diffrn_radiation.monochromator                    ? 
_diffrn_radiation.polarisn_norm                    ? 
_diffrn_radiation.polarisn_ratio                   ? 
_diffrn_radiation.probe                            ? 
_diffrn_radiation.type                             ? 
_diffrn_radiation.xray_symbol                      ? 
_diffrn_radiation.wavelength_id                    1 
_diffrn_radiation.pdbx_monochromatic_or_laue_m_l   M 
_diffrn_radiation.pdbx_wavelength_list             ? 
_diffrn_radiation.pdbx_wavelength                  ? 
_diffrn_radiation.pdbx_diffrn_protocol             'SINGLE WAVELENGTH' 
_diffrn_radiation.pdbx_analyzer                    ? 
_diffrn_radiation.pdbx_scattering_type             x-ray 
# 
_diffrn_radiation_wavelength.id           1 
_diffrn_radiation_wavelength.wavelength   1.514 
_diffrn_radiation_wavelength.wt           1.0 
# 
_diffrn_source.current                     ? 
_diffrn_source.details                     ? 
_diffrn_source.diffrn_id                   1 
_diffrn_source.power                       ? 
_diffrn_source.size                        ? 
_diffrn_source.source                      'ROTATING ANODE' 
_diffrn_source.target                      ? 
_diffrn_source.type                        'RIGAKU MICROMAX-007 HF' 
_diffrn_source.voltage                     ? 
_diffrn_source.take-off_angle              ? 
_diffrn_source.pdbx_wavelength_list        1.514 
_diffrn_source.pdbx_wavelength             ? 
_diffrn_source.pdbx_synchrotron_beamline   ? 
_diffrn_source.pdbx_synchrotron_site       ? 
# 
_reflns.B_iso_Wilson_estimate            ? 
_reflns.entry_id                         6EB2 
_reflns.data_reduction_details           ? 
_reflns.data_reduction_method            ? 
_reflns.d_resolution_high                2.493 
_reflns.d_resolution_low                 50.0 
_reflns.details                          ? 
_reflns.limit_h_max                      ? 
_reflns.limit_h_min                      ? 
_reflns.limit_k_max                      ? 
_reflns.limit_k_min                      ? 
_reflns.limit_l_max                      ? 
_reflns.limit_l_min                      ? 
_reflns.number_all                       ? 
_reflns.number_obs                       7053 
_reflns.observed_criterion               ? 
_reflns.observed_criterion_F_max         ? 
_reflns.observed_criterion_F_min         ? 
_reflns.observed_criterion_I_max         ? 
_reflns.observed_criterion_I_min         ? 
_reflns.observed_criterion_sigma_F       ? 
_reflns.observed_criterion_sigma_I       ? 
_reflns.percent_possible_obs             97.1 
_reflns.R_free_details                   ? 
_reflns.Rmerge_F_all                     ? 
_reflns.Rmerge_F_obs                     ? 
_reflns.Friedel_coverage                 ? 
_reflns.number_gt                        ? 
_reflns.threshold_expression             ? 
_reflns.pdbx_redundancy                  4.2 
_reflns.pdbx_Rmerge_I_obs                ? 
_reflns.pdbx_Rmerge_I_all                ? 
_reflns.pdbx_Rsym_value                  ? 
_reflns.pdbx_netI_over_av_sigmaI         ? 
_reflns.pdbx_netI_over_sigmaI            15.07 
_reflns.pdbx_res_netI_over_av_sigmaI_2   ? 
_reflns.pdbx_res_netI_over_sigmaI_2      ? 
_reflns.pdbx_chi_squared                 ? 
_reflns.pdbx_scaling_rejects             ? 
_reflns.pdbx_d_res_high_opt              ? 
_reflns.pdbx_d_res_low_opt               ? 
_reflns.pdbx_d_res_opt_method            ? 
_reflns.phase_calculation_details        ? 
_reflns.pdbx_Rrim_I_all                  ? 
_reflns.pdbx_Rpim_I_all                  0.056 
_reflns.pdbx_d_opt                       ? 
_reflns.pdbx_number_measured_all         ? 
_reflns.pdbx_diffrn_id                   1 
_reflns.pdbx_ordinal                     1 
_reflns.pdbx_CC_half                     ? 
_reflns.pdbx_R_split                     ? 
# 
_reflns_shell.d_res_high                  2.493 
_reflns_shell.d_res_low                   2.54 
_reflns_shell.meanI_over_sigI_all         ? 
_reflns_shell.meanI_over_sigI_obs         ? 
_reflns_shell.number_measured_all         ? 
_reflns_shell.number_measured_obs         ? 
_reflns_shell.number_possible             ? 
_reflns_shell.number_unique_all           ? 
_reflns_shell.number_unique_obs           ? 
_reflns_shell.percent_possible_all        ? 
_reflns_shell.percent_possible_obs        ? 
_reflns_shell.Rmerge_F_all                ? 
_reflns_shell.Rmerge_F_obs                ? 
_reflns_shell.Rmerge_I_all                ? 
_reflns_shell.Rmerge_I_obs                ? 
_reflns_shell.meanI_over_sigI_gt          ? 
_reflns_shell.meanI_over_uI_all           ? 
_reflns_shell.meanI_over_uI_gt            ? 
_reflns_shell.number_measured_gt          ? 
_reflns_shell.number_unique_gt            ? 
_reflns_shell.percent_possible_gt         ? 
_reflns_shell.Rmerge_F_gt                 ? 
_reflns_shell.Rmerge_I_gt                 ? 
_reflns_shell.pdbx_redundancy             ? 
_reflns_shell.pdbx_Rsym_value             ? 
_reflns_shell.pdbx_chi_squared            ? 
_reflns_shell.pdbx_netI_over_sigmaI_all   ? 
_reflns_shell.pdbx_netI_over_sigmaI_obs   ? 
_reflns_shell.pdbx_Rrim_I_all             ? 
_reflns_shell.pdbx_Rpim_I_all             0.100 
_reflns_shell.pdbx_rejects                ? 
_reflns_shell.pdbx_ordinal                1 
_reflns_shell.pdbx_diffrn_id              1 
_reflns_shell.pdbx_CC_half                ? 
_reflns_shell.pdbx_R_split                ? 
# 
_refine.aniso_B[1][1]                            ? 
_refine.aniso_B[1][2]                            ? 
_refine.aniso_B[1][3]                            ? 
_refine.aniso_B[2][2]                            ? 
_refine.aniso_B[2][3]                            ? 
_refine.aniso_B[3][3]                            ? 
_refine.B_iso_max                                ? 
_refine.B_iso_mean                               ? 
_refine.B_iso_min                                ? 
_refine.correlation_coeff_Fo_to_Fc               ? 
_refine.correlation_coeff_Fo_to_Fc_free          ? 
_refine.details                                  ? 
_refine.diff_density_max                         ? 
_refine.diff_density_max_esd                     ? 
_refine.diff_density_min                         ? 
_refine.diff_density_min_esd                     ? 
_refine.diff_density_rms                         ? 
_refine.diff_density_rms_esd                     ? 
_refine.entry_id                                 6EB2 
_refine.pdbx_refine_id                           'X-RAY DIFFRACTION' 
_refine.ls_abs_structure_details                 ? 
_refine.ls_abs_structure_Flack                   ? 
_refine.ls_abs_structure_Flack_esd               ? 
_refine.ls_abs_structure_Rogers                  ? 
_refine.ls_abs_structure_Rogers_esd              ? 
_refine.ls_d_res_high                            2.493 
_refine.ls_d_res_low                             45.495 
_refine.ls_extinction_coef                       ? 
_refine.ls_extinction_coef_esd                   ? 
_refine.ls_extinction_expression                 ? 
_refine.ls_extinction_method                     ? 
_refine.ls_goodness_of_fit_all                   ? 
_refine.ls_goodness_of_fit_all_esd               ? 
_refine.ls_goodness_of_fit_obs                   ? 
_refine.ls_goodness_of_fit_obs_esd               ? 
_refine.ls_hydrogen_treatment                    ? 
_refine.ls_matrix_type                           ? 
_refine.ls_number_constraints                    ? 
_refine.ls_number_parameters                     ? 
_refine.ls_number_reflns_all                     ? 
_refine.ls_number_reflns_obs                     7050 
_refine.ls_number_reflns_R_free                  710 
_refine.ls_number_reflns_R_work                  ? 
_refine.ls_number_restraints                     ? 
_refine.ls_percent_reflns_obs                    94.97 
_refine.ls_percent_reflns_R_free                 10.21 
_refine.ls_R_factor_all                          ? 
_refine.ls_R_factor_obs                          0.2079 
_refine.ls_R_factor_R_free                       0.2481 
_refine.ls_R_factor_R_free_error                 ? 
_refine.ls_R_factor_R_free_error_details         ? 
_refine.ls_R_factor_R_work                       0.2031 
_refine.ls_R_Fsqd_factor_obs                     ? 
_refine.ls_R_I_factor_obs                        ? 
_refine.ls_redundancy_reflns_all                 ? 
_refine.ls_redundancy_reflns_obs                 ? 
_refine.ls_restrained_S_all                      ? 
_refine.ls_restrained_S_obs                      ? 
_refine.ls_shift_over_esd_max                    ? 
_refine.ls_shift_over_esd_mean                   ? 
_refine.ls_structure_factor_coef                 ? 
_refine.ls_weighting_details                     ? 
_refine.ls_weighting_scheme                      ? 
_refine.ls_wR_factor_all                         ? 
_refine.ls_wR_factor_obs                         ? 
_refine.ls_wR_factor_R_free                      ? 
_refine.ls_wR_factor_R_work                      ? 
_refine.occupancy_max                            ? 
_refine.occupancy_min                            ? 
_refine.solvent_model_details                    'FLAT BULK SOLVENT MODEL' 
_refine.solvent_model_param_bsol                 ? 
_refine.solvent_model_param_ksol                 ? 
_refine.ls_R_factor_gt                           ? 
_refine.ls_goodness_of_fit_gt                    ? 
_refine.ls_goodness_of_fit_ref                   ? 
_refine.ls_shift_over_su_max                     ? 
_refine.ls_shift_over_su_max_lt                  ? 
_refine.ls_shift_over_su_mean                    ? 
_refine.ls_shift_over_su_mean_lt                 ? 
_refine.pdbx_ls_sigma_I                          ? 
_refine.pdbx_ls_sigma_F                          1.34 
_refine.pdbx_ls_sigma_Fsqd                       ? 
_refine.pdbx_data_cutoff_high_absF               ? 
_refine.pdbx_data_cutoff_high_rms_absF           ? 
_refine.pdbx_data_cutoff_low_absF                ? 
_refine.pdbx_isotropic_thermal_model             ? 
_refine.pdbx_ls_cross_valid_method               'FREE R-VALUE' 
_refine.pdbx_method_to_determine_struct          'MOLECULAR REPLACEMENT' 
_refine.pdbx_starting_model                      'PDB entry 4O55' 
_refine.pdbx_stereochemistry_target_values       ML 
_refine.pdbx_R_Free_selection_details            ? 
_refine.pdbx_stereochem_target_val_spec_case     ? 
_refine.pdbx_overall_ESU_R                       ? 
_refine.pdbx_overall_ESU_R_Free                  ? 
_refine.pdbx_solvent_vdw_probe_radii             1.11 
_refine.pdbx_solvent_ion_probe_radii             ? 
_refine.pdbx_solvent_shrinkage_radii             0.90 
_refine.pdbx_real_space_R                        ? 
_refine.pdbx_density_correlation                 ? 
_refine.pdbx_pd_number_of_powder_patterns        ? 
_refine.pdbx_pd_number_of_points                 ? 
_refine.pdbx_pd_meas_number_of_points            ? 
_refine.pdbx_pd_proc_ls_prof_R_factor            ? 
_refine.pdbx_pd_proc_ls_prof_wR_factor           ? 
_refine.pdbx_pd_Marquardt_correlation_coeff      ? 
_refine.pdbx_pd_Fsqrd_R_factor                   ? 
_refine.pdbx_pd_ls_matrix_band_width             ? 
_refine.pdbx_overall_phase_error                 25.15 
_refine.pdbx_overall_SU_R_free_Cruickshank_DPI   ? 
_refine.pdbx_overall_SU_R_free_Blow_DPI          ? 
_refine.pdbx_overall_SU_R_Blow_DPI               ? 
_refine.pdbx_TLS_residual_ADP_flag               ? 
_refine.pdbx_diffrn_id                           1 
_refine.overall_SU_B                             ? 
_refine.overall_SU_ML                            0.30 
_refine.overall_SU_R_Cruickshank_DPI             ? 
_refine.overall_SU_R_free                        ? 
_refine.overall_FOM_free_R_set                   ? 
_refine.overall_FOM_work_R_set                   ? 
_refine.pdbx_average_fsc_overall                 ? 
_refine.pdbx_average_fsc_work                    ? 
_refine.pdbx_average_fsc_free                    ? 
# 
_refine_hist.pdbx_refine_id                   'X-RAY DIFFRACTION' 
_refine_hist.cycle_id                         LAST 
_refine_hist.pdbx_number_atoms_protein        1034 
_refine_hist.pdbx_number_atoms_nucleic_acid   0 
_refine_hist.pdbx_number_atoms_ligand         41 
_refine_hist.number_atoms_solvent             22 
_refine_hist.number_atoms_total               1097 
_refine_hist.d_res_high                       2.493 
_refine_hist.d_res_low                        45.495 
# 
loop_
_refine_ls_restr.pdbx_refine_id 
_refine_ls_restr.criterion 
_refine_ls_restr.dev_ideal 
_refine_ls_restr.dev_ideal_target 
_refine_ls_restr.number 
_refine_ls_restr.rejects 
_refine_ls_restr.type 
_refine_ls_restr.weight 
_refine_ls_restr.pdbx_restraint_function 
'X-RAY DIFFRACTION' ? 0.014  ? 1100 ? f_bond_d           ? ? 
'X-RAY DIFFRACTION' ? 1.362  ? 1497 ? f_angle_d          ? ? 
'X-RAY DIFFRACTION' ? 19.374 ? 620  ? f_dihedral_angle_d ? ? 
'X-RAY DIFFRACTION' ? 0.057  ? 165  ? f_chiral_restr     ? ? 
'X-RAY DIFFRACTION' ? 0.007  ? 180  ? f_plane_restr      ? ? 
# 
loop_
_refine_ls_shell.pdbx_refine_id 
_refine_ls_shell.d_res_high 
_refine_ls_shell.d_res_low 
_refine_ls_shell.number_reflns_all 
_refine_ls_shell.number_reflns_obs 
_refine_ls_shell.number_reflns_R_free 
_refine_ls_shell.number_reflns_R_work 
_refine_ls_shell.percent_reflns_obs 
_refine_ls_shell.percent_reflns_R_free 
_refine_ls_shell.R_factor_all 
_refine_ls_shell.R_factor_obs 
_refine_ls_shell.R_factor_R_free 
_refine_ls_shell.R_factor_R_free_error 
_refine_ls_shell.R_factor_R_work 
_refine_ls_shell.redundancy_reflns_all 
_refine_ls_shell.redundancy_reflns_obs 
_refine_ls_shell.wR_factor_all 
_refine_ls_shell.wR_factor_obs 
_refine_ls_shell.wR_factor_R_free 
_refine_ls_shell.wR_factor_R_work 
_refine_ls_shell.pdbx_total_number_of_bins_used 
_refine_ls_shell.pdbx_phase_error 
_refine_ls_shell.pdbx_fsc_work 
_refine_ls_shell.pdbx_fsc_free 
'X-RAY DIFFRACTION' 2.4933 2.5931  . . 139 1282 95.00 . . . 0.2995 . 0.2500 . . . . . . . . . . 
'X-RAY DIFFRACTION' 2.5931 2.7111  . . 138 1288 97.00 . . . 0.2980 . 0.2473 . . . . . . . . . . 
'X-RAY DIFFRACTION' 2.7111 2.8540  . . 162 1306 97.00 . . . 0.2501 . 0.2403 . . . . . . . . . . 
'X-RAY DIFFRACTION' 2.8540 3.0328  . . 146 1300 96.00 . . . 0.3043 . 0.2226 . . . . . . . . . . 
'X-RAY DIFFRACTION' 3.0328 3.2669  . . 141 1304 96.00 . . . 0.3031 . 0.2179 . . . . . . . . . . 
'X-RAY DIFFRACTION' 3.2669 3.5955  . . 145 1287 95.00 . . . 0.2506 . 0.1916 . . . . . . . . . . 
'X-RAY DIFFRACTION' 3.5955 4.1155  . . 146 1266 95.00 . . . 0.2409 . 0.1825 . . . . . . . . . . 
'X-RAY DIFFRACTION' 4.1155 5.1839  . . 151 1274 94.00 . . . 0.1978 . 0.1726 . . . . . . . . . . 
'X-RAY DIFFRACTION' 5.1839 45.5027 . . 140 1191 89.00 . . . 0.2250 . 0.2034 . . . . . . . . . . 
# 
_struct.entry_id                     6EB2 
_struct.title                        
;HIV-1 Integrase Catalytic Core Domain Complexed with Allosteric Inhibitor (2S)-[1-(1-benzyl-1H-pyrazol-4-yl)-3-(3,4-dihydro-2H-1-benzopyran-6-yl)isoquinolin-4-yl](tert-butoxy)acetic acid
;
_struct.pdbx_model_details           ? 
_struct.pdbx_formula_weight          ? 
_struct.pdbx_formula_weight_method   ? 
_struct.pdbx_model_type_details      ? 
_struct.pdbx_CASP_flag               N 
# 
_struct_keywords.entry_id        6EB2 
_struct_keywords.text            'HIV, Integrase, inhibitor, allosteric, TRANSFERASE-TRANSFERASE INHIBITOR complex' 
_struct_keywords.pdbx_keywords   'TRANSFERASE/TRANSFERASE INHIBITOR' 
# 
loop_
_struct_asym.id 
_struct_asym.pdbx_blank_PDB_chainid_flag 
_struct_asym.pdbx_modified 
_struct_asym.entity_id 
_struct_asym.details 
A N N 1 ? 
B N N 2 ? 
C N N 3 ? 
# 
_struct_ref.id                         1 
_struct_ref.db_name                    UNP 
_struct_ref.db_code                    F2WR52_9HIV1 
_struct_ref.pdbx_db_accession          F2WR52 
_struct_ref.pdbx_db_isoform            ? 
_struct_ref.entity_id                  1 
_struct_ref.pdbx_seq_one_letter_code   
;MHGQVDCSPGIWQLDCTHLEGKVILVAVHVASGYIEAEVIPAETGQETAYFLLKLAGRWPVKTVHTDNGSNFTSTTVKAA
CWWAGIKQEFGIPYNPQSQGVIESMNKELKKIIGQVRDQAEHLKTAVQMAVFIHNFKRKGGIGGYSAGERIVDIIATDIQ
TKE
;
_struct_ref.pdbx_align_begin           50 
# 
_struct_ref_seq.align_id                      1 
_struct_ref_seq.ref_id                        1 
_struct_ref_seq.pdbx_PDB_id_code              6EB2 
_struct_ref_seq.pdbx_strand_id                A 
_struct_ref_seq.seq_align_beg                 21 
_struct_ref_seq.pdbx_seq_align_beg_ins_code   ? 
_struct_ref_seq.seq_align_end                 183 
_struct_ref_seq.pdbx_seq_align_end_ins_code   ? 
_struct_ref_seq.pdbx_db_accession             F2WR52 
_struct_ref_seq.db_align_beg                  50 
_struct_ref_seq.pdbx_db_align_beg_ins_code    ? 
_struct_ref_seq.db_align_end                  212 
_struct_ref_seq.pdbx_db_align_end_ins_code    ? 
_struct_ref_seq.pdbx_auth_seq_align_beg       50 
_struct_ref_seq.pdbx_auth_seq_align_end       212 
# 
loop_
_struct_ref_seq_dif.align_id 
_struct_ref_seq_dif.pdbx_pdb_id_code 
_struct_ref_seq_dif.mon_id 
_struct_ref_seq_dif.pdbx_pdb_strand_id 
_struct_ref_seq_dif.seq_num 
_struct_ref_seq_dif.pdbx_pdb_ins_code 
_struct_ref_seq_dif.pdbx_seq_db_name 
_struct_ref_seq_dif.pdbx_seq_db_accession_code 
_struct_ref_seq_dif.db_mon_id 
_struct_ref_seq_dif.pdbx_seq_db_seq_num 
_struct_ref_seq_dif.details 
_struct_ref_seq_dif.pdbx_auth_seq_num 
_struct_ref_seq_dif.pdbx_ordinal 
1 6EB2 MET A 1   ? UNP F2WR52 ?   ?   'expression tag'      30  1  
1 6EB2 GLY A 2   ? UNP F2WR52 ?   ?   'expression tag'      31  2  
1 6EB2 SER A 3   ? UNP F2WR52 ?   ?   'expression tag'      32  3  
1 6EB2 SER A 4   ? UNP F2WR52 ?   ?   'expression tag'      33  4  
1 6EB2 HIS A 5   ? UNP F2WR52 ?   ?   'expression tag'      34  5  
1 6EB2 HIS A 6   ? UNP F2WR52 ?   ?   'expression tag'      35  6  
1 6EB2 HIS A 7   ? UNP F2WR52 ?   ?   'expression tag'      36  7  
1 6EB2 HIS A 8   ? UNP F2WR52 ?   ?   'expression tag'      37  8  
1 6EB2 HIS A 9   ? UNP F2WR52 ?   ?   'expression tag'      38  9  
1 6EB2 HIS A 10  ? UNP F2WR52 ?   ?   'expression tag'      39  10 
1 6EB2 SER A 11  ? UNP F2WR52 ?   ?   'expression tag'      40  11 
1 6EB2 SER A 12  ? UNP F2WR52 ?   ?   'expression tag'      41  12 
1 6EB2 GLY A 13  ? UNP F2WR52 ?   ?   'expression tag'      42  13 
1 6EB2 LEU A 14  ? UNP F2WR52 ?   ?   'expression tag'      43  14 
1 6EB2 VAL A 15  ? UNP F2WR52 ?   ?   'expression tag'      44  15 
1 6EB2 PRO A 16  ? UNP F2WR52 ?   ?   'expression tag'      45  16 
1 6EB2 ARG A 17  ? UNP F2WR52 ?   ?   'expression tag'      46  17 
1 6EB2 GLY A 18  ? UNP F2WR52 ?   ?   'expression tag'      47  18 
1 6EB2 SER A 19  ? UNP F2WR52 ?   ?   'expression tag'      48  19 
1 6EB2 HIS A 20  ? UNP F2WR52 ?   ?   'expression tag'      49  20 
1 6EB2 HIS A 156 ? UNP F2WR52 PHE 185 'engineered mutation' 185 21 
# 
_pdbx_struct_assembly.id                   1 
_pdbx_struct_assembly.details              author_and_software_defined_assembly 
_pdbx_struct_assembly.method_details       PISA 
_pdbx_struct_assembly.oligomeric_details   dimeric 
_pdbx_struct_assembly.oligomeric_count     2 
# 
loop_
_pdbx_struct_assembly_prop.biol_id 
_pdbx_struct_assembly_prop.type 
_pdbx_struct_assembly_prop.value 
_pdbx_struct_assembly_prop.details 
1 'ABSA (A^2)' 3250  ? 
1 MORE         -21   ? 
1 'SSA (A^2)'  11660 ? 
# 
_pdbx_struct_assembly_gen.assembly_id       1 
_pdbx_struct_assembly_gen.oper_expression   1,2 
_pdbx_struct_assembly_gen.asym_id_list      A,B,C 
# 
_pdbx_struct_assembly_auth_evidence.id                     1 
_pdbx_struct_assembly_auth_evidence.assembly_id            1 
_pdbx_struct_assembly_auth_evidence.experimental_support   'gel filtration' 
_pdbx_struct_assembly_auth_evidence.details                ? 
# 
loop_
_pdbx_struct_oper_list.id 
_pdbx_struct_oper_list.type 
_pdbx_struct_oper_list.name 
_pdbx_struct_oper_list.symmetry_operation 
_pdbx_struct_oper_list.matrix[1][1] 
_pdbx_struct_oper_list.matrix[1][2] 
_pdbx_struct_oper_list.matrix[1][3] 
_pdbx_struct_oper_list.vector[1] 
_pdbx_struct_oper_list.matrix[2][1] 
_pdbx_struct_oper_list.matrix[2][2] 
_pdbx_struct_oper_list.matrix[2][3] 
_pdbx_struct_oper_list.vector[2] 
_pdbx_struct_oper_list.matrix[3][1] 
_pdbx_struct_oper_list.matrix[3][2] 
_pdbx_struct_oper_list.matrix[3][3] 
_pdbx_struct_oper_list.vector[3] 
1 'identity operation'         1_555 x,y,z          1.0000000000 0.0000000000 0.0000000000  0.0000000000  0.0000000000 1.0000000000  0.0000000000  0.0000000000  0.0000000000  0.0000000000  1.0000000000  0.0000000000   
2 'crystal symmetry operation' 6_554 -x,-x+y,-z-2/3 0.5514970686 0.0373122110 -0.8333419360 -7.1799162747 0.0373122110 -0.9991026724 -0.0200411788 11.1701206141 -0.8333419360 -0.0200411788 -0.5523943961 -12.8672717565 
# 
loop_
_struct_conf.conf_type_id 
_struct_conf.id 
_struct_conf.pdbx_PDB_helix_id 
_struct_conf.beg_label_comp_id 
_struct_conf.beg_label_asym_id 
_struct_conf.beg_label_seq_id 
_struct_conf.pdbx_beg_PDB_ins_code 
_struct_conf.end_label_comp_id 
_struct_conf.end_label_asym_id 
_struct_conf.end_label_seq_id 
_struct_conf.pdbx_end_PDB_ins_code 
_struct_conf.beg_auth_comp_id 
_struct_conf.beg_auth_asym_id 
_struct_conf.beg_auth_seq_id 
_struct_conf.end_auth_comp_id 
_struct_conf.end_auth_asym_id 
_struct_conf.end_auth_seq_id 
_struct_conf.pdbx_PDB_helix_class 
_struct_conf.details 
_struct_conf.pdbx_PDB_helix_length 
HELX_P HELX_P1 AA1 THR A 64  ? GLY A 77  ? THR A 93  GLY A 106 1 ? 14 
HELX_P HELX_P2 AA2 ASN A 88  ? THR A 93  ? ASN A 117 THR A 122 5 ? 6  
HELX_P HELX_P3 AA3 SER A 94  ? ALA A 104 ? SER A 123 ALA A 133 1 ? 11 
HELX_P HELX_P4 AA4 ASN A 126 ? ARG A 137 ? ASN A 155 ARG A 166 1 ? 12 
HELX_P HELX_P5 AA5 ASP A 138 ? ALA A 140 ? ASP A 167 ALA A 169 5 ? 3  
HELX_P HELX_P6 AA6 HIS A 142 ? LYS A 157 ? HIS A 171 LYS A 186 1 ? 16 
HELX_P HELX_P7 AA7 SER A 166 ? ILE A 179 ? SER A 195 ILE A 208 1 ? 14 
# 
_struct_conf_type.id          HELX_P 
_struct_conf_type.criteria    ? 
_struct_conf_type.reference   ? 
# 
loop_
_struct_conn.id 
_struct_conn.conn_type_id 
_struct_conn.pdbx_leaving_atom_flag 
_struct_conn.pdbx_PDB_id 
_struct_conn.ptnr1_label_asym_id 
_struct_conn.ptnr1_label_comp_id 
_struct_conn.ptnr1_label_seq_id 
_struct_conn.ptnr1_label_atom_id 
_struct_conn.pdbx_ptnr1_label_alt_id 
_struct_conn.pdbx_ptnr1_PDB_ins_code 
_struct_conn.pdbx_ptnr1_standard_comp_id 
_struct_conn.ptnr1_symmetry 
_struct_conn.ptnr2_label_asym_id 
_struct_conn.ptnr2_label_comp_id 
_struct_conn.ptnr2_label_seq_id 
_struct_conn.ptnr2_label_atom_id 
_struct_conn.pdbx_ptnr2_label_alt_id 
_struct_conn.pdbx_ptnr2_PDB_ins_code 
_struct_conn.ptnr1_auth_asym_id 
_struct_conn.ptnr1_auth_comp_id 
_struct_conn.ptnr1_auth_seq_id 
_struct_conn.ptnr2_auth_asym_id 
_struct_conn.ptnr2_auth_comp_id 
_struct_conn.ptnr2_auth_seq_id 
_struct_conn.ptnr2_symmetry 
_struct_conn.pdbx_ptnr3_label_atom_id 
_struct_conn.pdbx_ptnr3_label_seq_id 
_struct_conn.pdbx_ptnr3_label_comp_id 
_struct_conn.pdbx_ptnr3_label_asym_id 
_struct_conn.pdbx_ptnr3_label_alt_id 
_struct_conn.pdbx_ptnr3_PDB_ins_code 
_struct_conn.details 
_struct_conn.pdbx_dist_value 
_struct_conn.pdbx_value_order 
_struct_conn.pdbx_role 
covale1 covale both ? A ASP 35  C ? ? ? 1_555 A CAF 36  N ? ? A ASP 64  A CAF 65  1_555 ? ? ? ? ? ? ? 1.322 ? ? 
covale2 covale both ? A CAF 36  C ? ? ? 1_555 A THR 37  N ? ? A CAF 65  A THR 66  1_555 ? ? ? ? ? ? ? 1.316 ? ? 
covale3 covale both ? A ALA 100 C ? ? ? 1_555 A CAF 101 N ? ? A ALA 129 A CAF 130 1_555 ? ? ? ? ? ? ? 1.328 ? ? 
covale4 covale both ? A CAF 101 C ? ? ? 1_555 A TRP 102 N ? ? A CAF 130 A TRP 131 1_555 ? ? ? ? ? ? ? 1.333 ? ? 
# 
_struct_conn_type.id          covale 
_struct_conn_type.criteria    ? 
_struct_conn_type.reference   ? 
# 
loop_
_pdbx_modification_feature.ordinal 
_pdbx_modification_feature.label_comp_id 
_pdbx_modification_feature.label_asym_id 
_pdbx_modification_feature.label_seq_id 
_pdbx_modification_feature.label_alt_id 
_pdbx_modification_feature.modified_residue_label_comp_id 
_pdbx_modification_feature.modified_residue_label_asym_id 
_pdbx_modification_feature.modified_residue_label_seq_id 
_pdbx_modification_feature.modified_residue_label_alt_id 
_pdbx_modification_feature.auth_comp_id 
_pdbx_modification_feature.auth_asym_id 
_pdbx_modification_feature.auth_seq_id 
_pdbx_modification_feature.PDB_ins_code 
_pdbx_modification_feature.symmetry 
_pdbx_modification_feature.modified_residue_auth_comp_id 
_pdbx_modification_feature.modified_residue_auth_asym_id 
_pdbx_modification_feature.modified_residue_auth_seq_id 
_pdbx_modification_feature.modified_residue_PDB_ins_code 
_pdbx_modification_feature.modified_residue_symmetry 
_pdbx_modification_feature.comp_id_linking_atom 
_pdbx_modification_feature.modified_residue_id_linking_atom 
_pdbx_modification_feature.modified_residue_id 
_pdbx_modification_feature.ref_pcm_id 
_pdbx_modification_feature.ref_comp_id 
_pdbx_modification_feature.type 
_pdbx_modification_feature.category 
1 CAF A 36  ? . . . . CAF A 65  ? 1_555 . . . . . . . CYS 1 CAF None 'Non-standard residue' 
2 CAF A 101 ? . . . . CAF A 130 ? 1_555 . . . . . . . CYS 1 CAF None 'Non-standard residue' 
# 
_struct_sheet.id               AA1 
_struct_sheet.type             ? 
_struct_sheet.number_strands   4 
_struct_sheet.details          ? 
# 
loop_
_struct_sheet_order.sheet_id 
_struct_sheet_order.range_id_1 
_struct_sheet_order.range_id_2 
_struct_sheet_order.offset 
_struct_sheet_order.sense 
AA1 1 2 ? anti-parallel 
AA1 2 3 ? anti-parallel 
AA1 3 4 ? parallel      
# 
loop_
_struct_sheet_range.sheet_id 
_struct_sheet_range.id 
_struct_sheet_range.beg_label_comp_id 
_struct_sheet_range.beg_label_asym_id 
_struct_sheet_range.beg_label_seq_id 
_struct_sheet_range.pdbx_beg_PDB_ins_code 
_struct_sheet_range.end_label_comp_id 
_struct_sheet_range.end_label_asym_id 
_struct_sheet_range.end_label_seq_id 
_struct_sheet_range.pdbx_end_PDB_ins_code 
_struct_sheet_range.beg_auth_comp_id 
_struct_sheet_range.beg_auth_asym_id 
_struct_sheet_range.beg_auth_seq_id 
_struct_sheet_range.end_auth_comp_id 
_struct_sheet_range.end_auth_asym_id 
_struct_sheet_range.end_auth_seq_id 
AA1 1 ILE A 55 ? ILE A 60 ? ILE A 84  ILE A 89  
AA1 2 LYS A 42 ? HIS A 49 ? LYS A 71  HIS A 78  
AA1 3 ILE A 31 ? LEU A 39 ? ILE A 60  LEU A 68  
AA1 4 THR A 83 ? THR A 86 ? THR A 112 THR A 115 
# 
loop_
_pdbx_struct_sheet_hbond.sheet_id 
_pdbx_struct_sheet_hbond.range_id_1 
_pdbx_struct_sheet_hbond.range_id_2 
_pdbx_struct_sheet_hbond.range_1_label_atom_id 
_pdbx_struct_sheet_hbond.range_1_label_comp_id 
_pdbx_struct_sheet_hbond.range_1_label_asym_id 
_pdbx_struct_sheet_hbond.range_1_label_seq_id 
_pdbx_struct_sheet_hbond.range_1_PDB_ins_code 
_pdbx_struct_sheet_hbond.range_1_auth_atom_id 
_pdbx_struct_sheet_hbond.range_1_auth_comp_id 
_pdbx_struct_sheet_hbond.range_1_auth_asym_id 
_pdbx_struct_sheet_hbond.range_1_auth_seq_id 
_pdbx_struct_sheet_hbond.range_2_label_atom_id 
_pdbx_struct_sheet_hbond.range_2_label_comp_id 
_pdbx_struct_sheet_hbond.range_2_label_asym_id 
_pdbx_struct_sheet_hbond.range_2_label_seq_id 
_pdbx_struct_sheet_hbond.range_2_PDB_ins_code 
_pdbx_struct_sheet_hbond.range_2_auth_atom_id 
_pdbx_struct_sheet_hbond.range_2_auth_comp_id 
_pdbx_struct_sheet_hbond.range_2_auth_asym_id 
_pdbx_struct_sheet_hbond.range_2_auth_seq_id 
AA1 1 2 O GLU A 58 ? O GLU A 87 N LEU A 45 ? N LEU A 74  
AA1 2 3 O ILE A 44 ? O ILE A 73 N THR A 37 ? N THR A 66  
AA1 3 4 N TRP A 32 ? N TRP A 61 O HIS A 85 ? O HIS A 114 
# 
_struct_site.id                   AC1 
_struct_site.pdbx_evidence_code   Software 
_struct_site.pdbx_auth_asym_id    A 
_struct_site.pdbx_auth_comp_id    J3P 
_struct_site.pdbx_auth_seq_id     301 
_struct_site.pdbx_auth_ins_code   ? 
_struct_site.pdbx_num_residues    12 
_struct_site.details              'binding site for residue J3P A 301' 
# 
loop_
_struct_site_gen.id 
_struct_site_gen.site_id 
_struct_site_gen.pdbx_num_res 
_struct_site_gen.label_comp_id 
_struct_site_gen.label_asym_id 
_struct_site_gen.label_seq_id 
_struct_site_gen.pdbx_auth_ins_code 
_struct_site_gen.auth_comp_id 
_struct_site_gen.auth_asym_id 
_struct_site_gen.auth_seq_id 
_struct_site_gen.label_atom_id 
_struct_site_gen.label_alt_id 
_struct_site_gen.symmetry 
_struct_site_gen.details 
1  AC1 12 GLN A 66  ? GLN A 95  . ? 1_555 ? 
2  AC1 12 LEU A 73  ? LEU A 102 . ? 1_555 ? 
3  AC1 12 THR A 95  ? THR A 124 . ? 1_555 ? 
4  AC1 12 THR A 96  ? THR A 125 . ? 1_555 ? 
5  AC1 12 ALA A 99  ? ALA A 128 . ? 1_555 ? 
6  AC1 12 ALA A 100 ? ALA A 129 . ? 1_555 ? 
7  AC1 12 TRP A 103 ? TRP A 132 . ? 1_555 ? 
8  AC1 12 ALA A 140 ? ALA A 169 . ? 6_554 ? 
9  AC1 12 GLU A 141 ? GLU A 170 . ? 6_554 ? 
10 AC1 12 HIS A 142 ? HIS A 171 . ? 6_554 ? 
11 AC1 12 THR A 145 ? THR A 174 . ? 6_554 ? 
12 AC1 12 MET A 149 ? MET A 178 . ? 6_554 ? 
# 
_pdbx_entry_details.entry_id                   6EB2 
_pdbx_entry_details.compound_details           ? 
_pdbx_entry_details.source_details             ? 
_pdbx_entry_details.nonpolymer_details         ? 
_pdbx_entry_details.sequence_details           ? 
_pdbx_entry_details.has_ligand_of_interest     ? 
_pdbx_entry_details.has_protein_modification   Y 
# 
_pdbx_validate_torsion.id              1 
_pdbx_validate_torsion.PDB_model_num   1 
_pdbx_validate_torsion.auth_comp_id    ASN 
_pdbx_validate_torsion.auth_asym_id    A 
_pdbx_validate_torsion.auth_seq_id     120 
_pdbx_validate_torsion.PDB_ins_code    ? 
_pdbx_validate_torsion.label_alt_id    ? 
_pdbx_validate_torsion.phi             -37.47 
_pdbx_validate_torsion.psi             -39.07 
# 
loop_
_pdbx_struct_mod_residue.id 
_pdbx_struct_mod_residue.label_asym_id 
_pdbx_struct_mod_residue.label_comp_id 
_pdbx_struct_mod_residue.label_seq_id 
_pdbx_struct_mod_residue.auth_asym_id 
_pdbx_struct_mod_residue.auth_comp_id 
_pdbx_struct_mod_residue.auth_seq_id 
_pdbx_struct_mod_residue.PDB_ins_code 
_pdbx_struct_mod_residue.parent_comp_id 
_pdbx_struct_mod_residue.details 
1 A CAF 36  A CAF 65  ? CYS 'modified residue' 
2 A CAF 101 A CAF 130 ? CYS 'modified residue' 
# 
_pdbx_struct_special_symmetry.id              1 
_pdbx_struct_special_symmetry.PDB_model_num   1 
_pdbx_struct_special_symmetry.auth_asym_id    A 
_pdbx_struct_special_symmetry.auth_comp_id    HOH 
_pdbx_struct_special_symmetry.auth_seq_id     416 
_pdbx_struct_special_symmetry.PDB_ins_code    ? 
_pdbx_struct_special_symmetry.label_asym_id   C 
_pdbx_struct_special_symmetry.label_comp_id   HOH 
_pdbx_struct_special_symmetry.label_seq_id    . 
# 
loop_
_pdbx_unobs_or_zero_occ_residues.id 
_pdbx_unobs_or_zero_occ_residues.PDB_model_num 
_pdbx_unobs_or_zero_occ_residues.polymer_flag 
_pdbx_unobs_or_zero_occ_residues.occupancy_flag 
_pdbx_unobs_or_zero_occ_residues.auth_asym_id 
_pdbx_unobs_or_zero_occ_residues.auth_comp_id 
_pdbx_unobs_or_zero_occ_residues.auth_seq_id 
_pdbx_unobs_or_zero_occ_residues.PDB_ins_code 
_pdbx_unobs_or_zero_occ_residues.label_asym_id 
_pdbx_unobs_or_zero_occ_residues.label_comp_id 
_pdbx_unobs_or_zero_occ_residues.label_seq_id 
1  1 Y 1 A MET 30  ? A MET 1   
2  1 Y 1 A GLY 31  ? A GLY 2   
3  1 Y 1 A SER 32  ? A SER 3   
4  1 Y 1 A SER 33  ? A SER 4   
5  1 Y 1 A HIS 34  ? A HIS 5   
6  1 Y 1 A HIS 35  ? A HIS 6   
7  1 Y 1 A HIS 36  ? A HIS 7   
8  1 Y 1 A HIS 37  ? A HIS 8   
9  1 Y 1 A HIS 38  ? A HIS 9   
10 1 Y 1 A HIS 39  ? A HIS 10  
11 1 Y 1 A SER 40  ? A SER 11  
12 1 Y 1 A SER 41  ? A SER 12  
13 1 Y 1 A GLY 42  ? A GLY 13  
14 1 Y 1 A LEU 43  ? A LEU 14  
15 1 Y 1 A VAL 44  ? A VAL 15  
16 1 Y 1 A PRO 45  ? A PRO 16  
17 1 Y 1 A ARG 46  ? A ARG 17  
18 1 Y 1 A GLY 47  ? A GLY 18  
19 1 Y 1 A SER 48  ? A SER 19  
20 1 Y 1 A HIS 49  ? A HIS 20  
21 1 Y 1 A MET 50  ? A MET 21  
22 1 Y 1 A HIS 51  ? A HIS 22  
23 1 Y 1 A GLY 52  ? A GLY 23  
24 1 Y 1 A GLN 53  ? A GLN 24  
25 1 Y 1 A VAL 54  ? A VAL 25  
26 1 Y 1 A ASP 55  ? A ASP 26  
27 1 Y 1 A GLU 138 ? A GLU 109 
28 1 Y 1 A PHE 139 ? A PHE 110 
29 1 Y 1 A GLY 140 ? A GLY 111 
30 1 Y 1 A ILE 141 ? A ILE 112 
31 1 Y 1 A PRO 142 ? A PRO 113 
32 1 Y 1 A TYR 143 ? A TYR 114 
33 1 Y 1 A ASN 144 ? A ASN 115 
34 1 Y 1 A PRO 145 ? A PRO 116 
35 1 Y 1 A GLN 146 ? A GLN 117 
36 1 Y 1 A SER 147 ? A SER 118 
37 1 Y 1 A GLN 148 ? A GLN 119 
38 1 Y 1 A GLY 149 ? A GLY 120 
39 1 Y 1 A VAL 150 ? A VAL 121 
40 1 Y 1 A ILE 151 ? A ILE 122 
41 1 Y 1 A GLU 152 ? A GLU 123 
42 1 Y 1 A SER 153 ? A SER 124 
43 1 Y 1 A LYS 188 ? A LYS 159 
44 1 Y 1 A GLY 189 ? A GLY 160 
45 1 Y 1 A GLY 190 ? A GLY 161 
46 1 Y 1 A ILE 191 ? A ILE 162 
47 1 Y 1 A GLY 192 ? A GLY 163 
48 1 Y 1 A GLN 209 ? A GLN 180 
49 1 Y 1 A THR 210 ? A THR 181 
50 1 Y 1 A LYS 211 ? A LYS 182 
51 1 Y 1 A GLU 212 ? A GLU 183 
# 
loop_
_chem_comp_atom.comp_id 
_chem_comp_atom.atom_id 
_chem_comp_atom.type_symbol 
_chem_comp_atom.pdbx_aromatic_flag 
_chem_comp_atom.pdbx_stereo_config 
_chem_comp_atom.pdbx_ordinal 
ALA N    N  N N 1   
ALA CA   C  N S 2   
ALA C    C  N N 3   
ALA O    O  N N 4   
ALA CB   C  N N 5   
ALA OXT  O  N N 6   
ALA H    H  N N 7   
ALA H2   H  N N 8   
ALA HA   H  N N 9   
ALA HB1  H  N N 10  
ALA HB2  H  N N 11  
ALA HB3  H  N N 12  
ALA HXT  H  N N 13  
ARG N    N  N N 14  
ARG CA   C  N S 15  
ARG C    C  N N 16  
ARG O    O  N N 17  
ARG CB   C  N N 18  
ARG CG   C  N N 19  
ARG CD   C  N N 20  
ARG NE   N  N N 21  
ARG CZ   C  N N 22  
ARG NH1  N  N N 23  
ARG NH2  N  N N 24  
ARG OXT  O  N N 25  
ARG H    H  N N 26  
ARG H2   H  N N 27  
ARG HA   H  N N 28  
ARG HB2  H  N N 29  
ARG HB3  H  N N 30  
ARG HG2  H  N N 31  
ARG HG3  H  N N 32  
ARG HD2  H  N N 33  
ARG HD3  H  N N 34  
ARG HE   H  N N 35  
ARG HH11 H  N N 36  
ARG HH12 H  N N 37  
ARG HH21 H  N N 38  
ARG HH22 H  N N 39  
ARG HXT  H  N N 40  
ASN N    N  N N 41  
ASN CA   C  N S 42  
ASN C    C  N N 43  
ASN O    O  N N 44  
ASN CB   C  N N 45  
ASN CG   C  N N 46  
ASN OD1  O  N N 47  
ASN ND2  N  N N 48  
ASN OXT  O  N N 49  
ASN H    H  N N 50  
ASN H2   H  N N 51  
ASN HA   H  N N 52  
ASN HB2  H  N N 53  
ASN HB3  H  N N 54  
ASN HD21 H  N N 55  
ASN HD22 H  N N 56  
ASN HXT  H  N N 57  
ASP N    N  N N 58  
ASP CA   C  N S 59  
ASP C    C  N N 60  
ASP O    O  N N 61  
ASP CB   C  N N 62  
ASP CG   C  N N 63  
ASP OD1  O  N N 64  
ASP OD2  O  N N 65  
ASP OXT  O  N N 66  
ASP H    H  N N 67  
ASP H2   H  N N 68  
ASP HA   H  N N 69  
ASP HB2  H  N N 70  
ASP HB3  H  N N 71  
ASP HD2  H  N N 72  
ASP HXT  H  N N 73  
CAF N    N  N N 74  
CAF CA   C  N R 75  
CAF CB   C  N N 76  
CAF C    C  N N 77  
CAF O    O  N N 78  
CAF OXT  O  N N 79  
CAF SG   S  N N 80  
CAF AS   AS N N 81  
CAF CE1  C  N N 82  
CAF CE2  C  N N 83  
CAF O1   O  N N 84  
CAF H    H  N N 85  
CAF H2   H  N N 86  
CAF HA   H  N N 87  
CAF HB2  H  N N 88  
CAF HB3  H  N N 89  
CAF HXT  H  N N 90  
CAF HE11 H  N N 91  
CAF HE12 H  N N 92  
CAF HE13 H  N N 93  
CAF HE21 H  N N 94  
CAF HE22 H  N N 95  
CAF HE23 H  N N 96  
CYS N    N  N N 97  
CYS CA   C  N R 98  
CYS C    C  N N 99  
CYS O    O  N N 100 
CYS CB   C  N N 101 
CYS SG   S  N N 102 
CYS OXT  O  N N 103 
CYS H    H  N N 104 
CYS H2   H  N N 105 
CYS HA   H  N N 106 
CYS HB2  H  N N 107 
CYS HB3  H  N N 108 
CYS HG   H  N N 109 
CYS HXT  H  N N 110 
GLN N    N  N N 111 
GLN CA   C  N S 112 
GLN C    C  N N 113 
GLN O    O  N N 114 
GLN CB   C  N N 115 
GLN CG   C  N N 116 
GLN CD   C  N N 117 
GLN OE1  O  N N 118 
GLN NE2  N  N N 119 
GLN OXT  O  N N 120 
GLN H    H  N N 121 
GLN H2   H  N N 122 
GLN HA   H  N N 123 
GLN HB2  H  N N 124 
GLN HB3  H  N N 125 
GLN HG2  H  N N 126 
GLN HG3  H  N N 127 
GLN HE21 H  N N 128 
GLN HE22 H  N N 129 
GLN HXT  H  N N 130 
GLU N    N  N N 131 
GLU CA   C  N S 132 
GLU C    C  N N 133 
GLU O    O  N N 134 
GLU CB   C  N N 135 
GLU CG   C  N N 136 
GLU CD   C  N N 137 
GLU OE1  O  N N 138 
GLU OE2  O  N N 139 
GLU OXT  O  N N 140 
GLU H    H  N N 141 
GLU H2   H  N N 142 
GLU HA   H  N N 143 
GLU HB2  H  N N 144 
GLU HB3  H  N N 145 
GLU HG2  H  N N 146 
GLU HG3  H  N N 147 
GLU HE2  H  N N 148 
GLU HXT  H  N N 149 
GLY N    N  N N 150 
GLY CA   C  N N 151 
GLY C    C  N N 152 
GLY O    O  N N 153 
GLY OXT  O  N N 154 
GLY H    H  N N 155 
GLY H2   H  N N 156 
GLY HA2  H  N N 157 
GLY HA3  H  N N 158 
GLY HXT  H  N N 159 
HIS N    N  N N 160 
HIS CA   C  N S 161 
HIS C    C  N N 162 
HIS O    O  N N 163 
HIS CB   C  N N 164 
HIS CG   C  Y N 165 
HIS ND1  N  Y N 166 
HIS CD2  C  Y N 167 
HIS CE1  C  Y N 168 
HIS NE2  N  Y N 169 
HIS OXT  O  N N 170 
HIS H    H  N N 171 
HIS H2   H  N N 172 
HIS HA   H  N N 173 
HIS HB2  H  N N 174 
HIS HB3  H  N N 175 
HIS HD1  H  N N 176 
HIS HD2  H  N N 177 
HIS HE1  H  N N 178 
HIS HE2  H  N N 179 
HIS HXT  H  N N 180 
HOH O    O  N N 181 
HOH H1   H  N N 182 
HOH H2   H  N N 183 
ILE N    N  N N 184 
ILE CA   C  N S 185 
ILE C    C  N N 186 
ILE O    O  N N 187 
ILE CB   C  N S 188 
ILE CG1  C  N N 189 
ILE CG2  C  N N 190 
ILE CD1  C  N N 191 
ILE OXT  O  N N 192 
ILE H    H  N N 193 
ILE H2   H  N N 194 
ILE HA   H  N N 195 
ILE HB   H  N N 196 
ILE HG12 H  N N 197 
ILE HG13 H  N N 198 
ILE HG21 H  N N 199 
ILE HG22 H  N N 200 
ILE HG23 H  N N 201 
ILE HD11 H  N N 202 
ILE HD12 H  N N 203 
ILE HD13 H  N N 204 
ILE HXT  H  N N 205 
J3P C10  C  Y N 206 
J3P C13  C  Y N 207 
J3P C15  C  Y N 208 
J3P C17  C  N N 209 
J3P C20  C  Y N 210 
J3P C21  C  Y N 211 
J3P C24  C  Y N 212 
J3P C28  C  N N 213 
J3P C01  C  N N 214 
J3P C02  C  N N 215 
J3P C03  C  N N 216 
J3P C04  C  N N 217 
J3P O05  O  N N 218 
J3P C06  C  N S 219 
J3P C07  C  N N 220 
J3P O08  O  N N 221 
J3P O09  O  N N 222 
J3P C11  C  Y N 223 
J3P C12  C  Y N 224 
J3P C14  C  Y N 225 
J3P O16  O  N N 226 
J3P C18  C  N N 227 
J3P C19  C  N N 228 
J3P N22  N  Y N 229 
J3P C23  C  Y N 230 
J3P C25  C  Y N 231 
J3P N26  N  Y N 232 
J3P N27  N  Y N 233 
J3P C29  C  Y N 234 
J3P C30  C  Y N 235 
J3P C31  C  Y N 236 
J3P C32  C  Y N 237 
J3P C33  C  Y N 238 
J3P C34  C  Y N 239 
J3P C35  C  Y N 240 
J3P C36  C  Y N 241 
J3P C37  C  Y N 242 
J3P C38  C  Y N 243 
J3P C39  C  Y N 244 
J3P C40  C  Y N 245 
J3P C41  C  Y N 246 
J3P H1   H  N N 247 
J3P H2   H  N N 248 
J3P H3   H  N N 249 
J3P H4   H  N N 250 
J3P H5   H  N N 251 
J3P H6   H  N N 252 
J3P H7   H  N N 253 
J3P H8   H  N N 254 
J3P H9   H  N N 255 
J3P H10  H  N N 256 
J3P H11  H  N N 257 
J3P H12  H  N N 258 
J3P H13  H  N N 259 
J3P H14  H  N N 260 
J3P H15  H  N N 261 
J3P H16  H  N N 262 
J3P H17  H  N N 263 
J3P H18  H  N N 264 
J3P H19  H  N N 265 
J3P H20  H  N N 266 
J3P H21  H  N N 267 
J3P H22  H  N N 268 
J3P H23  H  N N 269 
J3P H24  H  N N 270 
J3P H25  H  N N 271 
J3P H26  H  N N 272 
J3P H27  H  N N 273 
J3P H28  H  N N 274 
J3P H29  H  N N 275 
J3P H30  H  N N 276 
J3P H31  H  N N 277 
J3P H32  H  N N 278 
J3P H33  H  N N 279 
LEU N    N  N N 280 
LEU CA   C  N S 281 
LEU C    C  N N 282 
LEU O    O  N N 283 
LEU CB   C  N N 284 
LEU CG   C  N N 285 
LEU CD1  C  N N 286 
LEU CD2  C  N N 287 
LEU OXT  O  N N 288 
LEU H    H  N N 289 
LEU H2   H  N N 290 
LEU HA   H  N N 291 
LEU HB2  H  N N 292 
LEU HB3  H  N N 293 
LEU HG   H  N N 294 
LEU HD11 H  N N 295 
LEU HD12 H  N N 296 
LEU HD13 H  N N 297 
LEU HD21 H  N N 298 
LEU HD22 H  N N 299 
LEU HD23 H  N N 300 
LEU HXT  H  N N 301 
LYS N    N  N N 302 
LYS CA   C  N S 303 
LYS C    C  N N 304 
LYS O    O  N N 305 
LYS CB   C  N N 306 
LYS CG   C  N N 307 
LYS CD   C  N N 308 
LYS CE   C  N N 309 
LYS NZ   N  N N 310 
LYS OXT  O  N N 311 
LYS H    H  N N 312 
LYS H2   H  N N 313 
LYS HA   H  N N 314 
LYS HB2  H  N N 315 
LYS HB3  H  N N 316 
LYS HG2  H  N N 317 
LYS HG3  H  N N 318 
LYS HD2  H  N N 319 
LYS HD3  H  N N 320 
LYS HE2  H  N N 321 
LYS HE3  H  N N 322 
LYS HZ1  H  N N 323 
LYS HZ2  H  N N 324 
LYS HZ3  H  N N 325 
LYS HXT  H  N N 326 
MET N    N  N N 327 
MET CA   C  N S 328 
MET C    C  N N 329 
MET O    O  N N 330 
MET CB   C  N N 331 
MET CG   C  N N 332 
MET SD   S  N N 333 
MET CE   C  N N 334 
MET OXT  O  N N 335 
MET H    H  N N 336 
MET H2   H  N N 337 
MET HA   H  N N 338 
MET HB2  H  N N 339 
MET HB3  H  N N 340 
MET HG2  H  N N 341 
MET HG3  H  N N 342 
MET HE1  H  N N 343 
MET HE2  H  N N 344 
MET HE3  H  N N 345 
MET HXT  H  N N 346 
PHE N    N  N N 347 
PHE CA   C  N S 348 
PHE C    C  N N 349 
PHE O    O  N N 350 
PHE CB   C  N N 351 
PHE CG   C  Y N 352 
PHE CD1  C  Y N 353 
PHE CD2  C  Y N 354 
PHE CE1  C  Y N 355 
PHE CE2  C  Y N 356 
PHE CZ   C  Y N 357 
PHE OXT  O  N N 358 
PHE H    H  N N 359 
PHE H2   H  N N 360 
PHE HA   H  N N 361 
PHE HB2  H  N N 362 
PHE HB3  H  N N 363 
PHE HD1  H  N N 364 
PHE HD2  H  N N 365 
PHE HE1  H  N N 366 
PHE HE2  H  N N 367 
PHE HZ   H  N N 368 
PHE HXT  H  N N 369 
PRO N    N  N N 370 
PRO CA   C  N S 371 
PRO C    C  N N 372 
PRO O    O  N N 373 
PRO CB   C  N N 374 
PRO CG   C  N N 375 
PRO CD   C  N N 376 
PRO OXT  O  N N 377 
PRO H    H  N N 378 
PRO HA   H  N N 379 
PRO HB2  H  N N 380 
PRO HB3  H  N N 381 
PRO HG2  H  N N 382 
PRO HG3  H  N N 383 
PRO HD2  H  N N 384 
PRO HD3  H  N N 385 
PRO HXT  H  N N 386 
SER N    N  N N 387 
SER CA   C  N S 388 
SER C    C  N N 389 
SER O    O  N N 390 
SER CB   C  N N 391 
SER OG   O  N N 392 
SER OXT  O  N N 393 
SER H    H  N N 394 
SER H2   H  N N 395 
SER HA   H  N N 396 
SER HB2  H  N N 397 
SER HB3  H  N N 398 
SER HG   H  N N 399 
SER HXT  H  N N 400 
THR N    N  N N 401 
THR CA   C  N S 402 
THR C    C  N N 403 
THR O    O  N N 404 
THR CB   C  N R 405 
THR OG1  O  N N 406 
THR CG2  C  N N 407 
THR OXT  O  N N 408 
THR H    H  N N 409 
THR H2   H  N N 410 
THR HA   H  N N 411 
THR HB   H  N N 412 
THR HG1  H  N N 413 
THR HG21 H  N N 414 
THR HG22 H  N N 415 
THR HG23 H  N N 416 
THR HXT  H  N N 417 
TRP N    N  N N 418 
TRP CA   C  N S 419 
TRP C    C  N N 420 
TRP O    O  N N 421 
TRP CB   C  N N 422 
TRP CG   C  Y N 423 
TRP CD1  C  Y N 424 
TRP CD2  C  Y N 425 
TRP NE1  N  Y N 426 
TRP CE2  C  Y N 427 
TRP CE3  C  Y N 428 
TRP CZ2  C  Y N 429 
TRP CZ3  C  Y N 430 
TRP CH2  C  Y N 431 
TRP OXT  O  N N 432 
TRP H    H  N N 433 
TRP H2   H  N N 434 
TRP HA   H  N N 435 
TRP HB2  H  N N 436 
TRP HB3  H  N N 437 
TRP HD1  H  N N 438 
TRP HE1  H  N N 439 
TRP HE3  H  N N 440 
TRP HZ2  H  N N 441 
TRP HZ3  H  N N 442 
TRP HH2  H  N N 443 
TRP HXT  H  N N 444 
TYR N    N  N N 445 
TYR CA   C  N S 446 
TYR C    C  N N 447 
TYR O    O  N N 448 
TYR CB   C  N N 449 
TYR CG   C  Y N 450 
TYR CD1  C  Y N 451 
TYR CD2  C  Y N 452 
TYR CE1  C  Y N 453 
TYR CE2  C  Y N 454 
TYR CZ   C  Y N 455 
TYR OH   O  N N 456 
TYR OXT  O  N N 457 
TYR H    H  N N 458 
TYR H2   H  N N 459 
TYR HA   H  N N 460 
TYR HB2  H  N N 461 
TYR HB3  H  N N 462 
TYR HD1  H  N N 463 
TYR HD2  H  N N 464 
TYR HE1  H  N N 465 
TYR HE2  H  N N 466 
TYR HH   H  N N 467 
TYR HXT  H  N N 468 
VAL N    N  N N 469 
VAL CA   C  N S 470 
VAL C    C  N N 471 
VAL O    O  N N 472 
VAL CB   C  N N 473 
VAL CG1  C  N N 474 
VAL CG2  C  N N 475 
VAL OXT  O  N N 476 
VAL H    H  N N 477 
VAL H2   H  N N 478 
VAL HA   H  N N 479 
VAL HB   H  N N 480 
VAL HG11 H  N N 481 
VAL HG12 H  N N 482 
VAL HG13 H  N N 483 
VAL HG21 H  N N 484 
VAL HG22 H  N N 485 
VAL HG23 H  N N 486 
VAL HXT  H  N N 487 
# 
loop_
_chem_comp_bond.comp_id 
_chem_comp_bond.atom_id_1 
_chem_comp_bond.atom_id_2 
_chem_comp_bond.value_order 
_chem_comp_bond.pdbx_aromatic_flag 
_chem_comp_bond.pdbx_stereo_config 
_chem_comp_bond.pdbx_ordinal 
ALA N   CA   sing N N 1   
ALA N   H    sing N N 2   
ALA N   H2   sing N N 3   
ALA CA  C    sing N N 4   
ALA CA  CB   sing N N 5   
ALA CA  HA   sing N N 6   
ALA C   O    doub N N 7   
ALA C   OXT  sing N N 8   
ALA CB  HB1  sing N N 9   
ALA CB  HB2  sing N N 10  
ALA CB  HB3  sing N N 11  
ALA OXT HXT  sing N N 12  
ARG N   CA   sing N N 13  
ARG N   H    sing N N 14  
ARG N   H2   sing N N 15  
ARG CA  C    sing N N 16  
ARG CA  CB   sing N N 17  
ARG CA  HA   sing N N 18  
ARG C   O    doub N N 19  
ARG C   OXT  sing N N 20  
ARG CB  CG   sing N N 21  
ARG CB  HB2  sing N N 22  
ARG CB  HB3  sing N N 23  
ARG CG  CD   sing N N 24  
ARG CG  HG2  sing N N 25  
ARG CG  HG3  sing N N 26  
ARG CD  NE   sing N N 27  
ARG CD  HD2  sing N N 28  
ARG CD  HD3  sing N N 29  
ARG NE  CZ   sing N N 30  
ARG NE  HE   sing N N 31  
ARG CZ  NH1  sing N N 32  
ARG CZ  NH2  doub N N 33  
ARG NH1 HH11 sing N N 34  
ARG NH1 HH12 sing N N 35  
ARG NH2 HH21 sing N N 36  
ARG NH2 HH22 sing N N 37  
ARG OXT HXT  sing N N 38  
ASN N   CA   sing N N 39  
ASN N   H    sing N N 40  
ASN N   H2   sing N N 41  
ASN CA  C    sing N N 42  
ASN CA  CB   sing N N 43  
ASN CA  HA   sing N N 44  
ASN C   O    doub N N 45  
ASN C   OXT  sing N N 46  
ASN CB  CG   sing N N 47  
ASN CB  HB2  sing N N 48  
ASN CB  HB3  sing N N 49  
ASN CG  OD1  doub N N 50  
ASN CG  ND2  sing N N 51  
ASN ND2 HD21 sing N N 52  
ASN ND2 HD22 sing N N 53  
ASN OXT HXT  sing N N 54  
ASP N   CA   sing N N 55  
ASP N   H    sing N N 56  
ASP N   H2   sing N N 57  
ASP CA  C    sing N N 58  
ASP CA  CB   sing N N 59  
ASP CA  HA   sing N N 60  
ASP C   O    doub N N 61  
ASP C   OXT  sing N N 62  
ASP CB  CG   sing N N 63  
ASP CB  HB2  sing N N 64  
ASP CB  HB3  sing N N 65  
ASP CG  OD1  doub N N 66  
ASP CG  OD2  sing N N 67  
ASP OD2 HD2  sing N N 68  
ASP OXT HXT  sing N N 69  
CAF N   CA   sing N N 70  
CAF N   H    sing N N 71  
CAF N   H2   sing N N 72  
CAF CA  CB   sing N N 73  
CAF CA  C    sing N N 74  
CAF CA  HA   sing N N 75  
CAF CB  SG   sing N N 76  
CAF CB  HB2  sing N N 77  
CAF CB  HB3  sing N N 78  
CAF C   O    doub N N 79  
CAF C   OXT  sing N N 80  
CAF OXT HXT  sing N N 81  
CAF SG  AS   sing N N 82  
CAF AS  CE1  sing N N 83  
CAF AS  CE2  sing N N 84  
CAF AS  O1   doub N N 85  
CAF CE1 HE11 sing N N 86  
CAF CE1 HE12 sing N N 87  
CAF CE1 HE13 sing N N 88  
CAF CE2 HE21 sing N N 89  
CAF CE2 HE22 sing N N 90  
CAF CE2 HE23 sing N N 91  
CYS N   CA   sing N N 92  
CYS N   H    sing N N 93  
CYS N   H2   sing N N 94  
CYS CA  C    sing N N 95  
CYS CA  CB   sing N N 96  
CYS CA  HA   sing N N 97  
CYS C   O    doub N N 98  
CYS C   OXT  sing N N 99  
CYS CB  SG   sing N N 100 
CYS CB  HB2  sing N N 101 
CYS CB  HB3  sing N N 102 
CYS SG  HG   sing N N 103 
CYS OXT HXT  sing N N 104 
GLN N   CA   sing N N 105 
GLN N   H    sing N N 106 
GLN N   H2   sing N N 107 
GLN CA  C    sing N N 108 
GLN CA  CB   sing N N 109 
GLN CA  HA   sing N N 110 
GLN C   O    doub N N 111 
GLN C   OXT  sing N N 112 
GLN CB  CG   sing N N 113 
GLN CB  HB2  sing N N 114 
GLN CB  HB3  sing N N 115 
GLN CG  CD   sing N N 116 
GLN CG  HG2  sing N N 117 
GLN CG  HG3  sing N N 118 
GLN CD  OE1  doub N N 119 
GLN CD  NE2  sing N N 120 
GLN NE2 HE21 sing N N 121 
GLN NE2 HE22 sing N N 122 
GLN OXT HXT  sing N N 123 
GLU N   CA   sing N N 124 
GLU N   H    sing N N 125 
GLU N   H2   sing N N 126 
GLU CA  C    sing N N 127 
GLU CA  CB   sing N N 128 
GLU CA  HA   sing N N 129 
GLU C   O    doub N N 130 
GLU C   OXT  sing N N 131 
GLU CB  CG   sing N N 132 
GLU CB  HB2  sing N N 133 
GLU CB  HB3  sing N N 134 
GLU CG  CD   sing N N 135 
GLU CG  HG2  sing N N 136 
GLU CG  HG3  sing N N 137 
GLU CD  OE1  doub N N 138 
GLU CD  OE2  sing N N 139 
GLU OE2 HE2  sing N N 140 
GLU OXT HXT  sing N N 141 
GLY N   CA   sing N N 142 
GLY N   H    sing N N 143 
GLY N   H2   sing N N 144 
GLY CA  C    sing N N 145 
GLY CA  HA2  sing N N 146 
GLY CA  HA3  sing N N 147 
GLY C   O    doub N N 148 
GLY C   OXT  sing N N 149 
GLY OXT HXT  sing N N 150 
HIS N   CA   sing N N 151 
HIS N   H    sing N N 152 
HIS N   H2   sing N N 153 
HIS CA  C    sing N N 154 
HIS CA  CB   sing N N 155 
HIS CA  HA   sing N N 156 
HIS C   O    doub N N 157 
HIS C   OXT  sing N N 158 
HIS CB  CG   sing N N 159 
HIS CB  HB2  sing N N 160 
HIS CB  HB3  sing N N 161 
HIS CG  ND1  sing Y N 162 
HIS CG  CD2  doub Y N 163 
HIS ND1 CE1  doub Y N 164 
HIS ND1 HD1  sing N N 165 
HIS CD2 NE2  sing Y N 166 
HIS CD2 HD2  sing N N 167 
HIS CE1 NE2  sing Y N 168 
HIS CE1 HE1  sing N N 169 
HIS NE2 HE2  sing N N 170 
HIS OXT HXT  sing N N 171 
HOH O   H1   sing N N 172 
HOH O   H2   sing N N 173 
ILE N   CA   sing N N 174 
ILE N   H    sing N N 175 
ILE N   H2   sing N N 176 
ILE CA  C    sing N N 177 
ILE CA  CB   sing N N 178 
ILE CA  HA   sing N N 179 
ILE C   O    doub N N 180 
ILE C   OXT  sing N N 181 
ILE CB  CG1  sing N N 182 
ILE CB  CG2  sing N N 183 
ILE CB  HB   sing N N 184 
ILE CG1 CD1  sing N N 185 
ILE CG1 HG12 sing N N 186 
ILE CG1 HG13 sing N N 187 
ILE CG2 HG21 sing N N 188 
ILE CG2 HG22 sing N N 189 
ILE CG2 HG23 sing N N 190 
ILE CD1 HD11 sing N N 191 
ILE CD1 HD12 sing N N 192 
ILE CD1 HD13 sing N N 193 
ILE OXT HXT  sing N N 194 
J3P C18 C19  sing N N 195 
J3P C18 C17  sing N N 196 
J3P C19 C20  sing N N 197 
J3P O08 C07  doub N N 198 
J3P O09 C07  sing N N 199 
J3P C17 O16  sing N N 200 
J3P C07 C06  sing N N 201 
J3P C20 C21  doub Y N 202 
J3P C20 C15  sing Y N 203 
J3P C21 C12  sing Y N 204 
J3P C31 C30  doub Y N 205 
J3P C31 C32  sing Y N 206 
J3P C30 C29  sing Y N 207 
J3P C32 C33  doub Y N 208 
J3P O16 C15  sing N N 209 
J3P C15 C14  doub Y N 210 
J3P C06 C10  sing N N 211 
J3P C06 O05  sing N N 212 
J3P C12 C11  sing N N 213 
J3P C12 C13  doub Y N 214 
J3P C29 C28  sing N N 215 
J3P C29 C34  doub Y N 216 
J3P C10 C11  doub Y N 217 
J3P C10 C41  sing Y N 218 
J3P C11 N22  sing Y N 219 
J3P C40 C41  doub Y N 220 
J3P C40 C39  sing Y N 221 
J3P C41 C36  sing Y N 222 
J3P C35 N27  sing Y N 223 
J3P C35 C24  doub Y N 224 
J3P C28 N27  sing N N 225 
J3P C39 C38  doub Y N 226 
J3P N22 C23  doub Y N 227 
J3P C36 C23  sing Y N 228 
J3P C36 C37  doub Y N 229 
J3P C33 C34  sing Y N 230 
J3P C23 C24  sing N N 231 
J3P C38 C37  sing Y N 232 
J3P N27 N26  sing Y N 233 
J3P O05 C02  sing N N 234 
J3P C24 C25  sing Y N 235 
J3P C14 C13  sing Y N 236 
J3P N26 C25  doub Y N 237 
J3P C01 C02  sing N N 238 
J3P C02 C04  sing N N 239 
J3P C02 C03  sing N N 240 
J3P C13 H1   sing N N 241 
J3P C17 H2   sing N N 242 
J3P C17 H3   sing N N 243 
J3P C21 H4   sing N N 244 
J3P C28 H5   sing N N 245 
J3P C28 H6   sing N N 246 
J3P C01 H7   sing N N 247 
J3P C01 H8   sing N N 248 
J3P C01 H9   sing N N 249 
J3P C03 H10  sing N N 250 
J3P C03 H11  sing N N 251 
J3P C03 H12  sing N N 252 
J3P C04 H13  sing N N 253 
J3P C04 H14  sing N N 254 
J3P C04 H15  sing N N 255 
J3P C06 H16  sing N N 256 
J3P O09 H17  sing N N 257 
J3P C14 H18  sing N N 258 
J3P C18 H19  sing N N 259 
J3P C18 H20  sing N N 260 
J3P C19 H21  sing N N 261 
J3P C19 H22  sing N N 262 
J3P C25 H23  sing N N 263 
J3P C30 H24  sing N N 264 
J3P C31 H25  sing N N 265 
J3P C32 H26  sing N N 266 
J3P C33 H27  sing N N 267 
J3P C34 H28  sing N N 268 
J3P C35 H29  sing N N 269 
J3P C37 H30  sing N N 270 
J3P C38 H31  sing N N 271 
J3P C39 H32  sing N N 272 
J3P C40 H33  sing N N 273 
LEU N   CA   sing N N 274 
LEU N   H    sing N N 275 
LEU N   H2   sing N N 276 
LEU CA  C    sing N N 277 
LEU CA  CB   sing N N 278 
LEU CA  HA   sing N N 279 
LEU C   O    doub N N 280 
LEU C   OXT  sing N N 281 
LEU CB  CG   sing N N 282 
LEU CB  HB2  sing N N 283 
LEU CB  HB3  sing N N 284 
LEU CG  CD1  sing N N 285 
LEU CG  CD2  sing N N 286 
LEU CG  HG   sing N N 287 
LEU CD1 HD11 sing N N 288 
LEU CD1 HD12 sing N N 289 
LEU CD1 HD13 sing N N 290 
LEU CD2 HD21 sing N N 291 
LEU CD2 HD22 sing N N 292 
LEU CD2 HD23 sing N N 293 
LEU OXT HXT  sing N N 294 
LYS N   CA   sing N N 295 
LYS N   H    sing N N 296 
LYS N   H2   sing N N 297 
LYS CA  C    sing N N 298 
LYS CA  CB   sing N N 299 
LYS CA  HA   sing N N 300 
LYS C   O    doub N N 301 
LYS C   OXT  sing N N 302 
LYS CB  CG   sing N N 303 
LYS CB  HB2  sing N N 304 
LYS CB  HB3  sing N N 305 
LYS CG  CD   sing N N 306 
LYS CG  HG2  sing N N 307 
LYS CG  HG3  sing N N 308 
LYS CD  CE   sing N N 309 
LYS CD  HD2  sing N N 310 
LYS CD  HD3  sing N N 311 
LYS CE  NZ   sing N N 312 
LYS CE  HE2  sing N N 313 
LYS CE  HE3  sing N N 314 
LYS NZ  HZ1  sing N N 315 
LYS NZ  HZ2  sing N N 316 
LYS NZ  HZ3  sing N N 317 
LYS OXT HXT  sing N N 318 
MET N   CA   sing N N 319 
MET N   H    sing N N 320 
MET N   H2   sing N N 321 
MET CA  C    sing N N 322 
MET CA  CB   sing N N 323 
MET CA  HA   sing N N 324 
MET C   O    doub N N 325 
MET C   OXT  sing N N 326 
MET CB  CG   sing N N 327 
MET CB  HB2  sing N N 328 
MET CB  HB3  sing N N 329 
MET CG  SD   sing N N 330 
MET CG  HG2  sing N N 331 
MET CG  HG3  sing N N 332 
MET SD  CE   sing N N 333 
MET CE  HE1  sing N N 334 
MET CE  HE2  sing N N 335 
MET CE  HE3  sing N N 336 
MET OXT HXT  sing N N 337 
PHE N   CA   sing N N 338 
PHE N   H    sing N N 339 
PHE N   H2   sing N N 340 
PHE CA  C    sing N N 341 
PHE CA  CB   sing N N 342 
PHE CA  HA   sing N N 343 
PHE C   O    doub N N 344 
PHE C   OXT  sing N N 345 
PHE CB  CG   sing N N 346 
PHE CB  HB2  sing N N 347 
PHE CB  HB3  sing N N 348 
PHE CG  CD1  doub Y N 349 
PHE CG  CD2  sing Y N 350 
PHE CD1 CE1  sing Y N 351 
PHE CD1 HD1  sing N N 352 
PHE CD2 CE2  doub Y N 353 
PHE CD2 HD2  sing N N 354 
PHE CE1 CZ   doub Y N 355 
PHE CE1 HE1  sing N N 356 
PHE CE2 CZ   sing Y N 357 
PHE CE2 HE2  sing N N 358 
PHE CZ  HZ   sing N N 359 
PHE OXT HXT  sing N N 360 
PRO N   CA   sing N N 361 
PRO N   CD   sing N N 362 
PRO N   H    sing N N 363 
PRO CA  C    sing N N 364 
PRO CA  CB   sing N N 365 
PRO CA  HA   sing N N 366 
PRO C   O    doub N N 367 
PRO C   OXT  sing N N 368 
PRO CB  CG   sing N N 369 
PRO CB  HB2  sing N N 370 
PRO CB  HB3  sing N N 371 
PRO CG  CD   sing N N 372 
PRO CG  HG2  sing N N 373 
PRO CG  HG3  sing N N 374 
PRO CD  HD2  sing N N 375 
PRO CD  HD3  sing N N 376 
PRO OXT HXT  sing N N 377 
SER N   CA   sing N N 378 
SER N   H    sing N N 379 
SER N   H2   sing N N 380 
SER CA  C    sing N N 381 
SER CA  CB   sing N N 382 
SER CA  HA   sing N N 383 
SER C   O    doub N N 384 
SER C   OXT  sing N N 385 
SER CB  OG   sing N N 386 
SER CB  HB2  sing N N 387 
SER CB  HB3  sing N N 388 
SER OG  HG   sing N N 389 
SER OXT HXT  sing N N 390 
THR N   CA   sing N N 391 
THR N   H    sing N N 392 
THR N   H2   sing N N 393 
THR CA  C    sing N N 394 
THR CA  CB   sing N N 395 
THR CA  HA   sing N N 396 
THR C   O    doub N N 397 
THR C   OXT  sing N N 398 
THR CB  OG1  sing N N 399 
THR CB  CG2  sing N N 400 
THR CB  HB   sing N N 401 
THR OG1 HG1  sing N N 402 
THR CG2 HG21 sing N N 403 
THR CG2 HG22 sing N N 404 
THR CG2 HG23 sing N N 405 
THR OXT HXT  sing N N 406 
TRP N   CA   sing N N 407 
TRP N   H    sing N N 408 
TRP N   H2   sing N N 409 
TRP CA  C    sing N N 410 
TRP CA  CB   sing N N 411 
TRP CA  HA   sing N N 412 
TRP C   O    doub N N 413 
TRP C   OXT  sing N N 414 
TRP CB  CG   sing N N 415 
TRP CB  HB2  sing N N 416 
TRP CB  HB3  sing N N 417 
TRP CG  CD1  doub Y N 418 
TRP CG  CD2  sing Y N 419 
TRP CD1 NE1  sing Y N 420 
TRP CD1 HD1  sing N N 421 
TRP CD2 CE2  doub Y N 422 
TRP CD2 CE3  sing Y N 423 
TRP NE1 CE2  sing Y N 424 
TRP NE1 HE1  sing N N 425 
TRP CE2 CZ2  sing Y N 426 
TRP CE3 CZ3  doub Y N 427 
TRP CE3 HE3  sing N N 428 
TRP CZ2 CH2  doub Y N 429 
TRP CZ2 HZ2  sing N N 430 
TRP CZ3 CH2  sing Y N 431 
TRP CZ3 HZ3  sing N N 432 
TRP CH2 HH2  sing N N 433 
TRP OXT HXT  sing N N 434 
TYR N   CA   sing N N 435 
TYR N   H    sing N N 436 
TYR N   H2   sing N N 437 
TYR CA  C    sing N N 438 
TYR CA  CB   sing N N 439 
TYR CA  HA   sing N N 440 
TYR C   O    doub N N 441 
TYR C   OXT  sing N N 442 
TYR CB  CG   sing N N 443 
TYR CB  HB2  sing N N 444 
TYR CB  HB3  sing N N 445 
TYR CG  CD1  doub Y N 446 
TYR CG  CD2  sing Y N 447 
TYR CD1 CE1  sing Y N 448 
TYR CD1 HD1  sing N N 449 
TYR CD2 CE2  doub Y N 450 
TYR CD2 HD2  sing N N 451 
TYR CE1 CZ   doub Y N 452 
TYR CE1 HE1  sing N N 453 
TYR CE2 CZ   sing Y N 454 
TYR CE2 HE2  sing N N 455 
TYR CZ  OH   sing N N 456 
TYR OH  HH   sing N N 457 
TYR OXT HXT  sing N N 458 
VAL N   CA   sing N N 459 
VAL N   H    sing N N 460 
VAL N   H2   sing N N 461 
VAL CA  C    sing N N 462 
VAL CA  CB   sing N N 463 
VAL CA  HA   sing N N 464 
VAL C   O    doub N N 465 
VAL C   OXT  sing N N 466 
VAL CB  CG1  sing N N 467 
VAL CB  CG2  sing N N 468 
VAL CB  HB   sing N N 469 
VAL CG1 HG11 sing N N 470 
VAL CG1 HG12 sing N N 471 
VAL CG1 HG13 sing N N 472 
VAL CG2 HG21 sing N N 473 
VAL CG2 HG22 sing N N 474 
VAL CG2 HG23 sing N N 475 
VAL OXT HXT  sing N N 476 
# 
_pdbx_audit_support.funding_organization   
'National Institutes of Health/National Institute Of Allergy and Infectious Diseases (NIH/NIAID)' 
_pdbx_audit_support.country                'United States' 
_pdbx_audit_support.grant_number           AI110310 
_pdbx_audit_support.ordinal                1 
# 
_pdbx_initial_refinement_model.id               1 
_pdbx_initial_refinement_model.entity_id_list   ? 
_pdbx_initial_refinement_model.type             'experimental model' 
_pdbx_initial_refinement_model.source_name      PDB 
_pdbx_initial_refinement_model.accession_code   4O55 
_pdbx_initial_refinement_model.details          'PDB entry 4O55' 
# 
_atom_sites.entry_id                    6EB2 
_atom_sites.fract_transf_matrix[1][1]   -0.00710083 
_atom_sites.fract_transf_matrix[1][2]   -0.00502970 
_atom_sites.fract_transf_matrix[1][3]   -0.01344564 
_atom_sites.fract_transf_matrix[2][1]   0.00866593 
_atom_sites.fract_transf_matrix[2][2]   -0.00222109 
_atom_sites.fract_transf_matrix[2][3]   -0.01328460 
_atom_sites.fract_transf_matrix[3][1]   0.00250425 
_atom_sites.fract_transf_matrix[3][2]   -0.01428882 
_atom_sites.fract_transf_matrix[3][3]   0.00402259 
_atom_sites.fract_transf_vector[1]      -0.083900 
_atom_sites.fract_transf_vector[2]      0.439911 
_atom_sites.fract_transf_vector[3]      -0.218657 
# 
loop_
_atom_type.symbol 
AS 
C  
N  
O  
S  
# 
loop_
_atom_site.group_PDB 
_atom_site.id 
_atom_site.type_symbol 
_atom_site.label_atom_id 
_atom_site.label_alt_id 
_atom_site.label_comp_id 
_atom_site.label_asym_id 
_atom_site.label_entity_id 
_atom_site.label_seq_id 
_atom_site.pdbx_PDB_ins_code 
_atom_site.Cartn_x 
_atom_site.Cartn_y 
_atom_site.Cartn_z 
_atom_site.occupancy 
_atom_site.B_iso_or_equiv 
_atom_site.pdbx_formal_charge 
_atom_site.auth_seq_id 
_atom_site.auth_comp_id 
_atom_site.auth_asym_id 
_atom_site.auth_atom_id 
_atom_site.pdbx_PDB_model_num 
ATOM   1    N  N   . CYS A 1 27  ? -9.261  -2.503  13.088  1.00 49.97 ?  56  CYS A N   1 
ATOM   2    C  CA  . CYS A 1 27  ? -8.831  -1.378  13.892  1.00 53.97 ?  56  CYS A CA  1 
ATOM   3    C  C   . CYS A 1 27  ? -9.589  -0.106  13.449  1.00 61.89 ?  56  CYS A C   1 
ATOM   4    O  O   . CYS A 1 27  ? -10.686 -0.197  12.893  1.00 62.63 ?  56  CYS A O   1 
ATOM   5    C  CB  . CYS A 1 27  ? -7.311  -1.195  13.772  1.00 63.66 ?  56  CYS A CB  1 
ATOM   6    S  SG  . CYS A 1 27  ? -6.249  -2.553  14.437  1.00 66.44 ?  56  CYS A SG  1 
ATOM   7    N  N   . SER A 1 28  ? -9.010  1.087   13.685  1.00 52.77 ?  57  SER A N   1 
ATOM   8    C  CA  . SER A 1 28  ? -9.655  2.356   13.378  1.00 51.44 ?  57  SER A CA  1 
ATOM   9    C  C   . SER A 1 28  ? -9.273  2.850   11.974  1.00 50.35 ?  57  SER A C   1 
ATOM   10   O  O   . SER A 1 28  ? -8.237  2.440   11.429  1.00 49.06 ?  57  SER A O   1 
ATOM   11   C  CB  . SER A 1 28  ? -9.267  3.376   14.437  1.00 54.21 ?  57  SER A CB  1 
ATOM   12   O  OG  . SER A 1 28  ? -7.899  3.643   14.315  1.00 48.11 ?  57  SER A OG  1 
ATOM   13   N  N   . PRO A 1 29  ? -10.075 3.734   11.369  1.00 47.74 ?  58  PRO A N   1 
ATOM   14   C  CA  . PRO A 1 29  ? -10.136 3.844   9.895   1.00 45.74 ?  58  PRO A CA  1 
ATOM   15   C  C   . PRO A 1 29  ? -9.091  4.702   9.182   1.00 42.01 ?  58  PRO A C   1 
ATOM   16   O  O   . PRO A 1 29  ? -9.089  4.712   7.946   1.00 38.58 ?  58  PRO A O   1 
ATOM   17   C  CB  . PRO A 1 29  ? -11.533 4.449   9.682   1.00 48.39 ?  58  PRO A CB  1 
ATOM   18   C  CG  . PRO A 1 29  ? -11.733 5.313   10.854  1.00 49.30 ?  58  PRO A CG  1 
ATOM   19   C  CD  . PRO A 1 29  ? -11.165 4.506   11.994  1.00 48.55 ?  58  PRO A CD  1 
ATOM   20   N  N   . GLY A 1 30  ? -8.207  5.408   9.876   1.00 38.66 ?  59  GLY A N   1 
ATOM   21   C  CA  . GLY A 1 30  ? -7.095  6.075   9.241   1.00 36.48 ?  59  GLY A CA  1 
ATOM   22   C  C   . GLY A 1 30  ? -5.748  5.384   9.337   1.00 39.69 ?  59  GLY A C   1 
ATOM   23   O  O   . GLY A 1 30  ? -4.731  6.005   9.004   1.00 39.38 ?  59  GLY A O   1 
ATOM   24   N  N   . ILE A 1 31  ? -5.699  4.122   9.768   1.00 39.12 ?  60  ILE A N   1 
ATOM   25   C  CA  . ILE A 1 31  ? -4.436  3.405   9.956   1.00 39.82 ?  60  ILE A CA  1 
ATOM   26   C  C   . ILE A 1 31  ? -4.067  2.672   8.668   1.00 36.79 ?  60  ILE A C   1 
ATOM   27   O  O   . ILE A 1 31  ? -4.854  1.853   8.155   1.00 32.41 ?  60  ILE A O   1 
ATOM   28   C  CB  . ILE A 1 31  ? -4.536  2.396   11.117  1.00 44.59 ?  60  ILE A CB  1 
ATOM   29   C  CG1 . ILE A 1 31  ? -5.178  3.019   12.363  1.00 47.62 ?  60  ILE A CG1 1 
ATOM   30   C  CG2 . ILE A 1 31  ? -3.148  1.804   11.429  1.00 33.88 ?  60  ILE A CG2 1 
ATOM   31   C  CD1 . ILE A 1 31  ? -5.292  2.058   13.563  1.00 42.15 ?  60  ILE A CD1 1 
ATOM   32   N  N   . TRP A 1 32  ? -2.856  2.925   8.167   1.00 34.37 ?  61  TRP A N   1 
ATOM   33   C  CA  . TRP A 1 32  ? -2.298  2.179   7.044   1.00 30.86 ?  61  TRP A CA  1 
ATOM   34   C  C   . TRP A 1 32  ? -0.982  1.539   7.439   1.00 33.39 ?  61  TRP A C   1 
ATOM   35   O  O   . TRP A 1 32  ? -0.250  2.057   8.301   1.00 33.97 ?  61  TRP A O   1 
ATOM   36   C  CB  . TRP A 1 32  ? -2.043  3.066   5.825   1.00 29.45 ?  61  TRP A CB  1 
ATOM   37   C  CG  . TRP A 1 32  ? -3.289  3.607   5.230   1.00 32.88 ?  61  TRP A CG  1 
ATOM   38   C  CD1 . TRP A 1 32  ? -4.085  4.575   5.754   1.00 30.41 ?  61  TRP A CD1 1 
ATOM   39   C  CD2 . TRP A 1 32  ? -3.906  3.196   4.007   1.00 31.45 ?  61  TRP A CD2 1 
ATOM   40   N  NE1 . TRP A 1 32  ? -5.159  4.791   4.936   1.00 29.57 ?  61  TRP A NE1 1 
ATOM   41   C  CE2 . TRP A 1 32  ? -5.072  3.973   3.849   1.00 28.47 ?  61  TRP A CE2 1 
ATOM   42   C  CE3 . TRP A 1 32  ? -3.591  2.239   3.035   1.00 31.51 ?  61  TRP A CE3 1 
ATOM   43   C  CZ2 . TRP A 1 32  ? -5.925  3.840   2.749   1.00 30.39 ?  61  TRP A CZ2 1 
ATOM   44   C  CZ3 . TRP A 1 32  ? -4.433  2.101   1.944   1.00 31.27 ?  61  TRP A CZ3 1 
ATOM   45   C  CH2 . TRP A 1 32  ? -5.590  2.905   1.809   1.00 32.37 ?  61  TRP A CH2 1 
ATOM   46   N  N   . GLN A 1 33  ? -0.653  0.456   6.738   1.00 26.25 ?  62  GLN A N   1 
ATOM   47   C  CA  . GLN A 1 33  ? 0.606   -0.244  6.902   1.00 30.93 ?  62  GLN A CA  1 
ATOM   48   C  C   . GLN A 1 33  ? 1.379   -0.280  5.586   1.00 34.85 ?  62  GLN A C   1 
ATOM   49   O  O   . GLN A 1 33  ? 0.870   -0.780  4.571   1.00 30.57 ?  62  GLN A O   1 
ATOM   50   C  CB  . GLN A 1 33  ? 0.363   -1.664  7.410   1.00 35.26 ?  62  GLN A CB  1 
ATOM   51   C  CG  . GLN A 1 33  ? 1.553   -2.557  7.243   1.00 35.81 ?  62  GLN A CG  1 
ATOM   52   C  CD  . GLN A 1 33  ? 1.869   -3.273  8.509   1.00 40.22 ?  62  GLN A CD  1 
ATOM   53   O  OE1 . GLN A 1 33  ? 1.186   -3.075  9.520   1.00 43.49 ?  62  GLN A OE1 1 
ATOM   54   N  NE2 . GLN A 1 33  ? 2.912   -4.105  8.484   1.00 35.55 ?  62  GLN A NE2 1 
ATOM   55   N  N   . LEU A 1 34  ? 2.627   0.199   5.637   1.00 32.01 ?  63  LEU A N   1 
ATOM   56   C  CA  . LEU A 1 34  ? 3.535   0.285   4.504   1.00 31.46 ?  63  LEU A CA  1 
ATOM   57   C  C   . LEU A 1 34  ? 4.648   -0.746  4.638   1.00 33.00 ?  63  LEU A C   1 
ATOM   58   O  O   . LEU A 1 34  ? 5.251   -0.875  5.707   1.00 33.57 ?  63  LEU A O   1 
ATOM   59   C  CB  . LEU A 1 34  ? 4.183   1.677   4.437   1.00 31.25 ?  63  LEU A CB  1 
ATOM   60   C  CG  . LEU A 1 34  ? 3.549   2.658   3.475   1.00 38.41 ?  63  LEU A CG  1 
ATOM   61   C  CD1 . LEU A 1 34  ? 4.388   3.938   3.254   1.00 33.47 ?  63  LEU A CD1 1 
ATOM   62   C  CD2 . LEU A 1 34  ? 3.371   1.895   2.206   1.00 39.10 ?  63  LEU A CD2 1 
ATOM   63   N  N   . ASP A 1 35  ? 4.957   -1.443  3.552   1.00 29.77 ?  64  ASP A N   1 
ATOM   64   C  CA  . ASP A 1 35  ? 6.121   -2.321  3.540   1.00 31.65 ?  64  ASP A CA  1 
ATOM   65   C  C   . ASP A 1 35  ? 6.696   -2.492  2.155   1.00 31.70 ?  64  ASP A C   1 
ATOM   66   O  O   . ASP A 1 35  ? 6.005   -2.264  1.166   1.00 31.96 ?  64  ASP A O   1 
ATOM   67   C  CB  . ASP A 1 35  ? 5.763   -3.691  4.100   1.00 29.81 ?  64  ASP A CB  1 
ATOM   68   C  CG  . ASP A 1 35  ? 5.394   -3.630  5.541   1.00 33.64 ?  64  ASP A CG  1 
ATOM   69   O  OD1 . ASP A 1 35  ? 6.301   -3.444  6.387   1.00 34.01 ?  64  ASP A OD1 1 
ATOM   70   O  OD2 . ASP A 1 35  ? 4.190   -3.733  5.827   1.00 35.25 ?  64  ASP A OD2 1 
HETATM 71   N  N   . CAF A 1 36  ? 7.940   -2.929  2.058   1.00 28.90 ?  65  CAF A N   1 
HETATM 72   C  CA  . CAF A 1 36  ? 8.413   -3.318  0.740   1.00 34.43 ?  65  CAF A CA  1 
HETATM 73   C  CB  . CAF A 1 36  ? 9.717   -2.648  0.311   1.00 35.64 ?  65  CAF A CB  1 
HETATM 74   C  C   . CAF A 1 36  ? 8.596   -4.825  0.656   1.00 33.50 ?  65  CAF A C   1 
HETATM 75   O  O   . CAF A 1 36  ? 8.948   -5.511  1.648   1.00 36.07 ?  65  CAF A O   1 
HETATM 76   S  SG  . CAF A 1 36  ? 9.495   -0.847  0.101   1.00 34.21 ?  65  CAF A SG  1 
HETATM 77   AS AS  . CAF A 1 36  ? 9.857   -0.026  2.133   1.00 35.87 ?  65  CAF A AS  1 
HETATM 78   C  CE1 . CAF A 1 36  ? 10.409  -1.603  3.182   1.00 43.62 ?  65  CAF A CE1 1 
HETATM 79   C  CE2 . CAF A 1 36  ? 11.117  1.470   1.949   1.00 38.55 ?  65  CAF A CE2 1 
HETATM 80   O  O1  . CAF A 1 36  ? 8.431   0.487   2.712   1.00 33.65 ?  65  CAF A O1  1 
ATOM   81   N  N   . THR A 1 37  ? 8.341   -5.362  -0.518  1.00 29.60 ?  66  THR A N   1 
ATOM   82   C  CA  . THR A 1 37  ? 8.706   -6.723  -0.767  1.00 36.78 ?  66  THR A CA  1 
ATOM   83   C  C   . THR A 1 37  ? 9.466   -6.786  -2.078  1.00 39.54 ?  66  THR A C   1 
ATOM   84   O  O   . THR A 1 37  ? 9.372   -5.878  -2.908  1.00 39.43 ?  66  THR A O   1 
ATOM   85   C  CB  . THR A 1 37  ? 7.504   -7.659  -0.822  1.00 41.15 ?  66  THR A CB  1 
ATOM   86   O  OG1 . THR A 1 37  ? 8.000   -8.976  -1.093  1.00 50.42 ?  66  THR A OG1 1 
ATOM   87   C  CG2 . THR A 1 37  ? 6.548   -7.254  -1.931  1.00 37.59 ?  66  THR A CG2 1 
ATOM   88   N  N   . HIS A 1 38  ? 10.231  -7.853  -2.269  1.00 39.23 ?  67  HIS A N   1 
ATOM   89   C  CA  . HIS A 1 38  ? 11.149  -7.930  -3.393  1.00 38.84 ?  67  HIS A CA  1 
ATOM   90   C  C   . HIS A 1 38  ? 10.755  -9.067  -4.324  1.00 39.47 ?  67  HIS A C   1 
ATOM   91   O  O   . HIS A 1 38  ? 10.261  -10.119 -3.887  1.00 39.89 ?  67  HIS A O   1 
ATOM   92   C  CB  . HIS A 1 38  ? 12.600  -8.102  -2.907  1.00 40.16 ?  67  HIS A CB  1 
ATOM   93   C  CG  . HIS A 1 38  ? 13.109  -6.958  -2.073  1.00 45.98 ?  67  HIS A CG  1 
ATOM   94   N  ND1 . HIS A 1 38  ? 12.739  -6.766  -0.757  1.00 49.92 ?  67  HIS A ND1 1 
ATOM   95   C  CD2 . HIS A 1 38  ? 13.958  -5.944  -2.372  1.00 45.87 ?  67  HIS A CD2 1 
ATOM   96   C  CE1 . HIS A 1 38  ? 13.338  -5.687  -0.282  1.00 44.16 ?  67  HIS A CE1 1 
ATOM   97   N  NE2 . HIS A 1 38  ? 14.079  -5.168  -1.244  1.00 44.80 ?  67  HIS A NE2 1 
ATOM   98   N  N   . LEU A 1 39  ? 10.963  -8.846  -5.614  1.00 38.05 ?  68  LEU A N   1 
ATOM   99   C  CA  . LEU A 1 39  ? 10.592  -9.848  -6.600  1.00 35.94 ?  68  LEU A CA  1 
ATOM   100  C  C   . LEU A 1 39  ? 11.265  -9.452  -7.900  1.00 38.53 ?  68  LEU A C   1 
ATOM   101  O  O   . LEU A 1 39  ? 11.347  -8.257  -8.201  1.00 35.91 ?  68  LEU A O   1 
ATOM   102  C  CB  . LEU A 1 39  ? 9.065   -9.917  -6.752  1.00 36.03 ?  68  LEU A CB  1 
ATOM   103  C  CG  . LEU A 1 39  ? 8.365   -11.147 -7.303  1.00 39.02 ?  68  LEU A CG  1 
ATOM   104  C  CD1 . LEU A 1 39  ? 8.370   -12.256 -6.242  1.00 39.33 ?  68  LEU A CD1 1 
ATOM   105  C  CD2 . LEU A 1 39  ? 6.934   -10.786 -7.737  1.00 35.40 ?  68  LEU A CD2 1 
ATOM   106  N  N   . GLU A 1 40  ? 11.794  -10.450 -8.632  1.00 36.84 ?  69  GLU A N   1 
ATOM   107  C  CA  . GLU A 1 40  ? 12.552  -10.249 -9.868  1.00 35.79 ?  69  GLU A CA  1 
ATOM   108  C  C   . GLU A 1 40  ? 13.564  -9.100  -9.811  1.00 38.64 ?  69  GLU A C   1 
ATOM   109  O  O   . GLU A 1 40  ? 13.723  -8.361  -10.796 1.00 39.34 ?  69  GLU A O   1 
ATOM   110  C  CB  . GLU A 1 40  ? 11.593  -9.999  -11.023 1.00 36.87 ?  69  GLU A CB  1 
ATOM   111  C  CG  . GLU A 1 40  ? 10.572  -11.075 -11.208 1.00 34.60 ?  69  GLU A CG  1 
ATOM   112  C  CD  . GLU A 1 40  ? 9.587   -10.721 -12.321 1.00 38.01 ?  69  GLU A CD  1 
ATOM   113  O  OE1 . GLU A 1 40  ? 9.872   -9.787  -13.129 1.00 34.55 ?  69  GLU A OE1 1 
ATOM   114  O  OE2 . GLU A 1 40  ? 8.521   -11.377 -12.363 1.00 39.03 ?  69  GLU A OE2 1 
ATOM   115  N  N   . GLY A 1 41  ? 14.230  -8.915  -8.666  1.00 34.50 ?  70  GLY A N   1 
ATOM   116  C  CA  . GLY A 1 41  ? 15.180  -7.820  -8.541  1.00 38.90 ?  70  GLY A CA  1 
ATOM   117  C  C   . GLY A 1 41  ? 14.575  -6.430  -8.451  1.00 45.35 ?  70  GLY A C   1 
ATOM   118  O  O   . GLY A 1 41  ? 15.292  -5.436  -8.603  1.00 47.46 ?  70  GLY A O   1 
ATOM   119  N  N   . LYS A 1 42  ? 13.279  -6.320  -8.213  1.00 41.11 ?  71  LYS A N   1 
ATOM   120  C  CA  . LYS A 1 42  ? 12.622  -5.031  -8.088  1.00 40.12 ?  71  LYS A CA  1 
ATOM   121  C  C   . LYS A 1 42  ? 11.915  -4.959  -6.734  1.00 39.91 ?  71  LYS A C   1 
ATOM   122  O  O   . LYS A 1 42  ? 11.750  -5.963  -6.030  1.00 44.73 ?  71  LYS A O   1 
ATOM   123  C  CB  . LYS A 1 42  ? 11.657  -4.817  -9.260  1.00 39.76 ?  71  LYS A CB  1 
ATOM   124  C  CG  . LYS A 1 42  ? 12.332  -4.967  -10.619 1.00 38.73 ?  71  LYS A CG  1 
ATOM   125  C  CD  . LYS A 1 42  ? 11.347  -4.899  -11.799 1.00 45.67 ?  71  LYS A CD  1 
ATOM   126  C  CE  . LYS A 1 42  ? 12.016  -5.325  -13.125 1.00 50.96 ?  71  LYS A CE  1 
ATOM   127  N  NZ  . LYS A 1 42  ? 12.166  -6.834  -13.244 1.00 49.93 ?  71  LYS A NZ  1 
ATOM   128  N  N   . VAL A 1 43  ? 11.523  -3.754  -6.347  1.00 38.99 ?  72  VAL A N   1 
ATOM   129  C  CA  . VAL A 1 43  ? 10.916  -3.504  -5.048  1.00 36.25 ?  72  VAL A CA  1 
ATOM   130  C  C   . VAL A 1 43  ? 9.460   -3.174  -5.274  1.00 34.87 ?  72  VAL A C   1 
ATOM   131  O  O   . VAL A 1 43  ? 9.142   -2.351  -6.141  1.00 36.25 ?  72  VAL A O   1 
ATOM   132  C  CB  . VAL A 1 43  ? 11.610  -2.350  -4.320  1.00 38.14 ?  72  VAL A CB  1 
ATOM   133  C  CG1 . VAL A 1 43  ? 10.787  -1.941  -3.052  1.00 37.41 ?  72  VAL A CG1 1 
ATOM   134  C  CG2 . VAL A 1 43  ? 13.025  -2.752  -4.005  1.00 35.50 ?  72  VAL A CG2 1 
ATOM   135  N  N   . ILE A 1 44  ? 8.575   -3.827  -4.529  1.00 32.92 ?  73  ILE A N   1 
ATOM   136  C  CA  . ILE A 1 44  ? 7.141   -3.556  -4.608  1.00 32.76 ?  73  ILE A CA  1 
ATOM   137  C  C   . ILE A 1 44  ? 6.730   -2.903  -3.305  1.00 34.65 ?  73  ILE A C   1 
ATOM   138  O  O   . ILE A 1 44  ? 6.847   -3.524  -2.242  1.00 34.00 ?  73  ILE A O   1 
ATOM   139  C  CB  . ILE A 1 44  ? 6.324   -4.833  -4.824  1.00 32.24 ?  73  ILE A CB  1 
ATOM   140  C  CG1 . ILE A 1 44  ? 6.701   -5.547  -6.125  1.00 34.98 ?  73  ILE A CG1 1 
ATOM   141  C  CG2 . ILE A 1 44  ? 4.883   -4.491  -4.802  1.00 32.44 ?  73  ILE A CG2 1 
ATOM   142  C  CD1 . ILE A 1 44  ? 6.275   -7.087  -6.151  1.00 30.10 ?  73  ILE A CD1 1 
ATOM   143  N  N   . LEU A 1 45  ? 6.252   -1.662  -3.369  1.00 31.96 ?  74  LEU A N   1 
ATOM   144  C  CA  . LEU A 1 45  ? 5.824   -0.943  -2.169  1.00 27.57 ?  74  LEU A CA  1 
ATOM   145  C  C   . LEU A 1 45  ? 4.324   -1.160  -1.968  1.00 32.51 ?  74  LEU A C   1 
ATOM   146  O  O   . LEU A 1 45  ? 3.526   -0.789  -2.840  1.00 34.70 ?  74  LEU A O   1 
ATOM   147  C  CB  . LEU A 1 45  ? 6.169   0.533   -2.296  1.00 30.13 ?  74  LEU A CB  1 
ATOM   148  C  CG  . LEU A 1 45  ? 6.240   1.401   -1.040  1.00 35.87 ?  74  LEU A CG  1 
ATOM   149  C  CD1 . LEU A 1 45  ? 7.026   2.665   -1.280  1.00 33.16 ?  74  LEU A CD1 1 
ATOM   150  C  CD2 . LEU A 1 45  ? 4.850   1.785   -0.720  1.00 37.46 ?  74  LEU A CD2 1 
ATOM   151  N  N   . VAL A 1 46  ? 3.949   -1.756  -0.827  1.00 30.34 ?  75  VAL A N   1 
ATOM   152  C  CA  . VAL A 1 46  ? 2.595   -2.259  -0.561  1.00 31.13 ?  75  VAL A CA  1 
ATOM   153  C  C   . VAL A 1 46  ? 2.030   -1.527  0.647   1.00 32.22 ?  75  VAL A C   1 
ATOM   154  O  O   . VAL A 1 46  ? 2.620   -1.572  1.737   1.00 36.65 ?  75  VAL A O   1 
ATOM   155  C  CB  . VAL A 1 46  ? 2.572   -3.783  -0.299  1.00 31.47 ?  75  VAL A CB  1 
ATOM   156  C  CG1 . VAL A 1 46  ? 1.156   -4.265  0.067   1.00 29.24 ?  75  VAL A CG1 1 
ATOM   157  C  CG2 . VAL A 1 46  ? 3.082   -4.540  -1.484  1.00 30.31 ?  75  VAL A CG2 1 
ATOM   158  N  N   . ALA A 1 47  ? 0.878   -0.877  0.465   1.00 34.20 ?  76  ALA A N   1 
ATOM   159  C  CA  . ALA A 1 47  ? 0.125   -0.229  1.538   1.00 28.78 ?  76  ALA A CA  1 
ATOM   160  C  C   . ALA A 1 47  ? -1.198  -0.959  1.730   1.00 31.85 ?  76  ALA A C   1 
ATOM   161  O  O   . ALA A 1 47  ? -1.932  -1.198  0.757   1.00 30.47 ?  76  ALA A O   1 
ATOM   162  C  CB  . ALA A 1 47  ? -0.142  1.242   1.235   1.00 26.14 ?  76  ALA A CB  1 
ATOM   163  N  N   . VAL A 1 48  ? -1.480  -1.328  2.980   1.00 29.15 ?  77  VAL A N   1 
ATOM   164  C  CA  . VAL A 1 48  ? -2.682  -2.044  3.368   1.00 28.51 ?  77  VAL A CA  1 
ATOM   165  C  C   . VAL A 1 48  ? -3.454  -1.164  4.341   1.00 32.03 ?  77  VAL A C   1 
ATOM   166  O  O   . VAL A 1 48  ? -2.915  -0.776  5.382   1.00 31.11 ?  77  VAL A O   1 
ATOM   167  C  CB  . VAL A 1 48  ? -2.354  -3.391  4.020   1.00 28.56 ?  77  VAL A CB  1 
ATOM   168  C  CG1 . VAL A 1 48  ? -3.626  -4.191  4.193   1.00 30.60 ?  77  VAL A CG1 1 
ATOM   169  C  CG2 . VAL A 1 48  ? -1.313  -4.139  3.217   1.00 24.49 ?  77  VAL A CG2 1 
ATOM   170  N  N   . HIS A 1 49  ? -4.710  -0.831  3.999   1.00 34.26 ?  78  HIS A N   1 
ATOM   171  C  CA  . HIS A 1 49  ? -5.611  -0.172  4.945   1.00 30.73 ?  78  HIS A CA  1 
ATOM   172  C  C   . HIS A 1 49  ? -6.082  -1.209  5.972   1.00 34.41 ?  78  HIS A C   1 
ATOM   173  O  O   . HIS A 1 49  ? -6.883  -2.104  5.659   1.00 34.15 ?  78  HIS A O   1 
ATOM   174  C  CB  . HIS A 1 49  ? -6.784  0.465   4.207   1.00 31.92 ?  78  HIS A CB  1 
ATOM   175  C  CG  . HIS A 1 49  ? -7.728  1.226   5.098   1.00 32.74 ?  78  HIS A CG  1 
ATOM   176  N  ND1 . HIS A 1 49  ? -9.002  0.776   5.386   1.00 31.75 ?  78  HIS A ND1 1 
ATOM   177  C  CD2 . HIS A 1 49  ? -7.584  2.403   5.760   1.00 29.10 ?  78  HIS A CD2 1 
ATOM   178  C  CE1 . HIS A 1 49  ? -9.605  1.651   6.179   1.00 34.85 ?  78  HIS A CE1 1 
ATOM   179  N  NE2 . HIS A 1 49  ? -8.769  2.646   6.419   1.00 33.46 ?  78  HIS A NE2 1 
ATOM   180  N  N   . VAL A 1 50  ? -5.593  -1.081  7.206   1.00 33.17 ?  79  VAL A N   1 
ATOM   181  C  CA  . VAL A 1 50  ? -5.623  -2.196  8.147   1.00 39.04 ?  79  VAL A CA  1 
ATOM   182  C  C   . VAL A 1 50  ? -7.059  -2.651  8.419   1.00 38.41 ?  79  VAL A C   1 
ATOM   183  O  O   . VAL A 1 50  ? -7.356  -3.854  8.384   1.00 40.82 ?  79  VAL A O   1 
ATOM   184  C  CB  . VAL A 1 50  ? -4.868  -1.802  9.430   1.00 39.67 ?  79  VAL A CB  1 
ATOM   185  C  CG1 . VAL A 1 50  ? -4.926  -2.917  10.445  1.00 40.98 ?  79  VAL A CG1 1 
ATOM   186  C  CG2 . VAL A 1 50  ? -3.443  -1.478  9.075   1.00 32.91 ?  79  VAL A CG2 1 
ATOM   187  N  N   . ALA A 1 51  ? -7.979  -1.705  8.612   1.00 33.75 ?  80  ALA A N   1 
ATOM   188  C  CA  . ALA A 1 51  ? -9.371  -2.065  8.903   1.00 38.60 ?  80  ALA A CA  1 
ATOM   189  C  C   . ALA A 1 51  ? -10.017 -2.888  7.779   1.00 42.04 ?  80  ALA A C   1 
ATOM   190  O  O   . ALA A 1 51  ? -10.812 -3.797  8.056   1.00 43.67 ?  80  ALA A O   1 
ATOM   191  C  CB  . ALA A 1 51  ? -10.192 -0.805  9.174   1.00 35.98 ?  80  ALA A CB  1 
ATOM   192  N  N   . SER A 1 52  ? -9.687  -2.603  6.507   1.00 37.88 ?  81  SER A N   1 
ATOM   193  C  CA  . SER A 1 52  ? -10.401 -3.190  5.370   1.00 31.78 ?  81  SER A CA  1 
ATOM   194  C  C   . SER A 1 52  ? -9.651  -4.305  4.644   1.00 33.94 ?  81  SER A C   1 
ATOM   195  O  O   . SER A 1 52  ? -10.294 -5.160  4.037   1.00 36.31 ?  81  SER A O   1 
ATOM   196  C  CB  . SER A 1 52  ? -10.765 -2.100  4.342   1.00 40.34 ?  81  SER A CB  1 
ATOM   197  O  OG  . SER A 1 52  ? -9.646  -1.339  3.874   1.00 36.94 ?  81  SER A OG  1 
ATOM   198  N  N   . GLY A 1 53  ? -8.322  -4.345  4.678   1.00 34.36 ?  82  GLY A N   1 
ATOM   199  C  CA  . GLY A 1 53  ? -7.580  -5.234  3.799   1.00 32.95 ?  82  GLY A CA  1 
ATOM   200  C  C   . GLY A 1 53  ? -7.355  -4.683  2.402   1.00 35.20 ?  82  GLY A C   1 
ATOM   201  O  O   . GLY A 1 53  ? -6.746  -5.369  1.549   1.00 29.64 ?  82  GLY A O   1 
ATOM   202  N  N   . TYR A 1 54  ? -7.835  -3.467  2.143   1.00 35.42 ?  83  TYR A N   1 
ATOM   203  C  CA  . TYR A 1 54  ? -7.684  -2.837  0.843   1.00 31.24 ?  83  TYR A CA  1 
ATOM   204  C  C   . TYR A 1 54  ? -6.231  -2.482  0.606   1.00 28.44 ?  83  TYR A C   1 
ATOM   205  O  O   . TYR A 1 54  ? -5.588  -1.879  1.467   1.00 29.24 ?  83  TYR A O   1 
ATOM   206  C  CB  . TYR A 1 54  ? -8.547  -1.595  0.807   1.00 33.32 ?  83  TYR A CB  1 
ATOM   207  C  CG  . TYR A 1 54  ? -8.310  -0.675  -0.351  1.00 34.63 ?  83  TYR A CG  1 
ATOM   208  C  CD1 . TYR A 1 54  ? -7.354  0.345   -0.271  1.00 31.01 ?  83  TYR A CD1 1 
ATOM   209  C  CD2 . TYR A 1 54  ? -9.072  -0.795  -1.509  1.00 31.35 ?  83  TYR A CD2 1 
ATOM   210  C  CE1 . TYR A 1 54  ? -7.158  1.198   -1.311  1.00 32.78 ?  83  TYR A CE1 1 
ATOM   211  C  CE2 . TYR A 1 54  ? -8.900  0.074   -2.545  1.00 35.65 ?  83  TYR A CE2 1 
ATOM   212  C  CZ  . TYR A 1 54  ? -7.951  1.065   -2.441  1.00 36.50 ?  83  TYR A CZ  1 
ATOM   213  O  OH  . TYR A 1 54  ? -7.793  1.908   -3.493  1.00 41.43 ?  83  TYR A OH  1 
ATOM   214  N  N   . ILE A 1 55  ? -5.713  -2.841  -0.557  1.00 27.64 ?  84  ILE A N   1 
ATOM   215  C  CA  . ILE A 1 55  ? -4.305  -2.635  -0.879  1.00 31.99 ?  84  ILE A CA  1 
ATOM   216  C  C   . ILE A 1 55  ? -4.151  -1.623  -2.016  1.00 32.23 ?  84  ILE A C   1 
ATOM   217  O  O   . ILE A 1 55  ? -4.865  -1.689  -3.029  1.00 27.39 ?  84  ILE A O   1 
ATOM   218  C  CB  . ILE A 1 55  ? -3.648  -3.983  -1.243  1.00 32.74 ?  84  ILE A CB  1 
ATOM   219  C  CG1 . ILE A 1 55  ? -3.680  -4.925  -0.018  1.00 34.34 ?  84  ILE A CG1 1 
ATOM   220  C  CG2 . ILE A 1 55  ? -2.239  -3.746  -1.768  1.00 33.28 ?  84  ILE A CG2 1 
ATOM   221  C  CD1 . ILE A 1 55  ? -3.397  -6.444  -0.296  1.00 33.67 ?  84  ILE A CD1 1 
ATOM   222  N  N   . GLU A 1 56  ? -3.193  -0.702  -1.855  1.00 33.11 ?  85  GLU A N   1 
ATOM   223  C  CA  . GLU A 1 56  ? -2.612  0.090   -2.946  1.00 34.40 ?  85  GLU A CA  1 
ATOM   224  C  C   . GLU A 1 56  ? -1.147  -0.305  -3.135  1.00 33.70 ?  85  GLU A C   1 
ATOM   225  O  O   . GLU A 1 56  ? -0.442  -0.568  -2.155  1.00 36.75 ?  85  GLU A O   1 
ATOM   226  C  CB  . GLU A 1 56  ? -2.731  1.581   -2.629  1.00 33.14 ?  85  GLU A CB  1 
ATOM   227  C  CG  . GLU A 1 56  ? -2.945  2.482   -3.807  1.00 39.21 ?  85  GLU A CG  1 
ATOM   228  C  CD  . GLU A 1 56  ? -3.764  3.707   -3.441  1.00 45.37 ?  85  GLU A CD  1 
ATOM   229  O  OE1 . GLU A 1 56  ? -3.221  4.832   -3.489  1.00 50.85 ?  85  GLU A OE1 1 
ATOM   230  O  OE2 . GLU A 1 56  ? -4.968  3.538   -3.111  1.00 45.07 ?  85  GLU A OE2 1 
ATOM   231  N  N   . ALA A 1 57  ? -0.660  -0.366  -4.375  1.00 34.81 ?  86  ALA A N   1 
ATOM   232  C  CA  . ALA A 1 57  ? 0.715   -0.856  -4.507  1.00 34.79 ?  86  ALA A CA  1 
ATOM   233  C  C   . ALA A 1 57  ? 1.384   -0.361  -5.788  1.00 34.75 ?  86  ALA A C   1 
ATOM   234  O  O   . ALA A 1 57  ? 0.726   -0.167  -6.813  1.00 37.03 ?  86  ALA A O   1 
ATOM   235  C  CB  . ALA A 1 57  ? 0.767   -2.387  -4.446  1.00 28.77 ?  86  ALA A CB  1 
ATOM   236  N  N   . GLU A 1 58  ? 2.715   -0.196  -5.718  1.00 34.95 ?  87  GLU A N   1 
ATOM   237  C  CA  . GLU A 1 58  ? 3.542   0.313   -6.808  1.00 34.03 ?  87  GLU A CA  1 
ATOM   238  C  C   . GLU A 1 58  ? 4.897   -0.382  -6.808  1.00 36.36 ?  87  GLU A C   1 
ATOM   239  O  O   . GLU A 1 58  ? 5.478   -0.637  -5.748  1.00 35.63 ?  87  GLU A O   1 
ATOM   240  C  CB  . GLU A 1 58  ? 3.802   1.824   -6.692  1.00 34.87 ?  87  GLU A CB  1 
ATOM   241  C  CG  . GLU A 1 58  ? 2.573   2.728   -6.663  1.00 37.79 ?  87  GLU A CG  1 
ATOM   242  C  CD  . GLU A 1 58  ? 2.321   3.433   -7.990  1.00 42.96 ?  87  GLU A CD  1 
ATOM   243  O  OE1 . GLU A 1 58  ? 1.644   4.481   -7.958  1.00 46.64 ?  87  GLU A OE1 1 
ATOM   244  O  OE2 . GLU A 1 58  ? 2.798   2.945   -9.057  1.00 44.63 ?  87  GLU A OE2 1 
ATOM   245  N  N   . VAL A 1 59  ? 5.390   -0.691  -8.001  1.00 37.54 ?  88  VAL A N   1 
ATOM   246  C  CA  . VAL A 1 59  ? 6.776   -1.091  -8.194  1.00 36.75 ?  88  VAL A CA  1 
ATOM   247  C  C   . VAL A 1 59  ? 7.623   0.162   -8.151  1.00 38.26 ?  88  VAL A C   1 
ATOM   248  O  O   . VAL A 1 59  ? 7.279   1.161   -8.782  1.00 41.25 ?  88  VAL A O   1 
ATOM   249  C  CB  . VAL A 1 59  ? 6.962   -1.806  -9.544  1.00 35.86 ?  88  VAL A CB  1 
ATOM   250  C  CG1 . VAL A 1 59  ? 8.446   -1.989  -9.827  1.00 35.07 ?  88  VAL A CG1 1 
ATOM   251  C  CG2 . VAL A 1 59  ? 6.256   -3.129  -9.556  1.00 36.29 ?  88  VAL A CG2 1 
ATOM   252  N  N   . ILE A 1 60  ? 8.733   0.130   -7.427  1.00 37.29 ?  89  ILE A N   1 
ATOM   253  C  CA  . ILE A 1 60  ? 9.610   1.297   -7.414  1.00 37.16 ?  89  ILE A CA  1 
ATOM   254  C  C   . ILE A 1 60  ? 11.006  0.853   -7.844  1.00 41.58 ?  89  ILE A C   1 
ATOM   255  O  O   . ILE A 1 60  ? 11.320  -0.347  -7.768  1.00 43.99 ?  89  ILE A O   1 
ATOM   256  C  CB  . ILE A 1 60  ? 9.602   1.989   -6.041  1.00 43.16 ?  89  ILE A CB  1 
ATOM   257  C  CG1 . ILE A 1 60  ? 10.273  1.120   -4.974  1.00 35.71 ?  89  ILE A CG1 1 
ATOM   258  C  CG2 . ILE A 1 60  ? 8.151   2.433   -5.636  1.00 38.63 ?  89  ILE A CG2 1 
ATOM   259  C  CD1 . ILE A 1 60  ? 10.143  1.703   -3.560  1.00 31.56 ?  89  ILE A CD1 1 
ATOM   260  N  N   . PRO A 1 61  ? 11.851  1.756   -8.369  1.00 45.57 ?  90  PRO A N   1 
ATOM   261  C  CA  . PRO A 1 61  ? 13.187  1.312   -8.796  1.00 43.46 ?  90  PRO A CA  1 
ATOM   262  C  C   . PRO A 1 61  ? 14.013  0.862   -7.613  1.00 48.34 ?  90  PRO A C   1 
ATOM   263  O  O   . PRO A 1 61  ? 14.554  -0.260  -7.611  1.00 52.33 ?  90  PRO A O   1 
ATOM   264  C  CB  . PRO A 1 61  ? 13.785  2.551   -9.463  1.00 41.78 ?  90  PRO A CB  1 
ATOM   265  C  CG  . PRO A 1 61  ? 12.648  3.563   -9.548  1.00 47.72 ?  90  PRO A CG  1 
ATOM   266  C  CD  . PRO A 1 61  ? 11.691  3.217   -8.482  1.00 48.49 ?  90  PRO A CD  1 
ATOM   267  N  N   . ALA A 1 62  ? 14.062  1.681   -6.566  1.00 39.92 ?  91  ALA A N   1 
ATOM   268  C  CA  . ALA A 1 62  ? 14.934  1.374   -5.451  1.00 43.34 ?  91  ALA A CA  1 
ATOM   269  C  C   . ALA A 1 62  ? 14.204  1.627   -4.150  1.00 38.96 ?  91  ALA A C   1 
ATOM   270  O  O   . ALA A 1 62  ? 13.320  2.472   -4.081  1.00 44.54 ?  91  ALA A O   1 
ATOM   271  C  CB  . ALA A 1 62  ? 16.213  2.201   -5.525  1.00 49.62 ?  91  ALA A CB  1 
ATOM   272  N  N   . GLU A 1 63  ? 14.583  0.873   -3.122  1.00 41.12 ?  92  GLU A N   1 
ATOM   273  C  CA  . GLU A 1 63  ? 13.972  0.964   -1.799  1.00 40.68 ?  92  GLU A CA  1 
ATOM   274  C  C   . GLU A 1 63  ? 14.565  2.156   -1.034  1.00 45.11 ?  92  GLU A C   1 
ATOM   275  O  O   . GLU A 1 63  ? 15.278  2.017   -0.034  1.00 48.11 ?  92  GLU A O   1 
ATOM   276  C  CB  . GLU A 1 63  ? 14.176  -0.352  -1.058  1.00 37.11 ?  92  GLU A CB  1 
ATOM   277  C  CG  . GLU A 1 63  ? 13.453  -0.469  0.281   1.00 38.10 ?  92  GLU A CG  1 
ATOM   278  C  CD  . GLU A 1 63  ? 13.334  -1.911  0.757   1.00 40.11 ?  92  GLU A CD  1 
ATOM   279  O  OE1 . GLU A 1 63  ? 12.916  -2.153  1.911   1.00 39.17 ?  92  GLU A OE1 1 
ATOM   280  O  OE2 . GLU A 1 63  ? 13.672  -2.818  -0.025  1.00 39.85 ?  92  GLU A OE2 1 
ATOM   281  N  N   . THR A 1 64  ? 14.249  3.360   -1.513  1.00 40.89 ?  93  THR A N   1 
ATOM   282  C  CA  . THR A 1 64  ? 14.779  4.594   -0.936  1.00 37.22 ?  93  THR A CA  1 
ATOM   283  C  C   . THR A 1 64  ? 13.735  5.379   -0.161  1.00 34.69 ?  93  THR A C   1 
ATOM   284  O  O   . THR A 1 64  ? 12.525  5.225   -0.367  1.00 38.72 ?  93  THR A O   1 
ATOM   285  C  CB  . THR A 1 64  ? 15.279  5.508   -2.012  1.00 38.55 ?  93  THR A CB  1 
ATOM   286  O  OG1 . THR A 1 64  ? 14.126  6.153   -2.562  1.00 42.60 ?  93  THR A OG1 1 
ATOM   287  C  CG2 . THR A 1 64  ? 15.920  4.685   -3.054  1.00 40.38 ?  93  THR A CG2 1 
ATOM   288  N  N   . GLY A 1 65  ? 14.234  6.278   0.698   1.00 37.93 ?  94  GLY A N   1 
ATOM   289  C  CA  . GLY A 1 65  ? 13.347  7.143   1.475   1.00 34.68 ?  94  GLY A CA  1 
ATOM   290  C  C   . GLY A 1 65  ? 12.549  8.098   0.603   1.00 34.56 ?  94  GLY A C   1 
ATOM   291  O  O   . GLY A 1 65  ? 11.382  8.375   0.875   1.00 33.36 ?  94  GLY A O   1 
ATOM   292  N  N   . GLN A 1 66  ? 13.161  8.596   -0.469  1.00 33.57 ?  95  GLN A N   1 
ATOM   293  C  CA  . GLN A 1 66  ? 12.453  9.493   -1.368  1.00 35.50 ?  95  GLN A CA  1 
ATOM   294  C  C   . GLN A 1 66  ? 11.268  8.801   -2.026  1.00 36.81 ?  95  GLN A C   1 
ATOM   295  O  O   . GLN A 1 66  ? 10.193  9.404   -2.170  1.00 33.20 ?  95  GLN A O   1 
ATOM   296  C  CB  . GLN A 1 66  ? 13.414  10.040  -2.420  1.00 38.27 ?  95  GLN A CB  1 
ATOM   297  C  CG  . GLN A 1 66  ? 14.450  11.028  -1.856  1.00 41.06 ?  95  GLN A CG  1 
ATOM   298  C  CD  . GLN A 1 66  ? 14.990  11.962  -2.929  1.00 47.09 ?  95  GLN A CD  1 
ATOM   299  O  OE1 . GLN A 1 66  ? 14.460  11.991  -4.047  1.00 50.56 ?  95  GLN A OE1 1 
ATOM   300  N  NE2 . GLN A 1 66  ? 16.041  12.737  -2.598  1.00 45.70 ?  95  GLN A NE2 1 
ATOM   301  N  N   . GLU A 1 67  ? 11.450  7.541   -2.451  1.00 36.87 ?  96  GLU A N   1 
ATOM   302  C  CA  . GLU A 1 67  ? 10.338  6.785   -3.015  1.00 31.09 ?  96  GLU A CA  1 
ATOM   303  C  C   . GLU A 1 67  ? 9.234   6.613   -1.992  1.00 33.97 ?  96  GLU A C   1 
ATOM   304  O  O   . GLU A 1 67  ? 8.046   6.691   -2.322  1.00 36.59 ?  96  GLU A O   1 
ATOM   305  C  CB  . GLU A 1 67  ? 10.799  5.408   -3.494  1.00 32.56 ?  96  GLU A CB  1 
ATOM   306  C  CG  . GLU A 1 67  ? 11.749  5.375   -4.658  1.00 35.73 ?  96  GLU A CG  1 
ATOM   307  C  CD  . GLU A 1 67  ? 11.165  5.947   -5.931  1.00 39.40 ?  96  GLU A CD  1 
ATOM   308  O  OE1 . GLU A 1 67  ? 9.922   6.040   -6.060  1.00 43.62 ?  96  GLU A OE1 1 
ATOM   309  O  OE2 . GLU A 1 67  ? 11.956  6.316   -6.818  1.00 44.28 ?  96  GLU A OE2 1 
ATOM   310  N  N   . THR A 1 68  ? 9.602   6.333   -0.749  1.00 34.57 ?  97  THR A N   1 
ATOM   311  C  CA  . THR A 1 68  ? 8.576   6.187   0.273   1.00 34.86 ?  97  THR A CA  1 
ATOM   312  C  C   . THR A 1 68  ? 7.871   7.505   0.537   1.00 29.82 ?  97  THR A C   1 
ATOM   313  O  O   . THR A 1 68  ? 6.675   7.516   0.826   1.00 31.57 ?  97  THR A O   1 
ATOM   314  C  CB  . THR A 1 68  ? 9.199   5.653   1.553   1.00 28.43 ?  97  THR A CB  1 
ATOM   315  O  OG1 . THR A 1 68  ? 9.874   4.439   1.241   1.00 32.21 ?  97  THR A OG1 1 
ATOM   316  C  CG2 . THR A 1 68  ? 8.136   5.365   2.566   1.00 31.11 ?  97  THR A CG2 1 
ATOM   317  N  N   . ALA A 1 69  ? 8.600   8.613   0.448   1.00 29.94 ?  98  ALA A N   1 
ATOM   318  C  CA  . ALA A 1 69  ? 8.029   9.922   0.728   1.00 31.59 ?  98  ALA A CA  1 
ATOM   319  C  C   . ALA A 1 69  ? 6.971   10.264  -0.304  1.00 28.59 ?  98  ALA A C   1 
ATOM   320  O  O   . ALA A 1 69  ? 5.816   10.569  0.028   1.00 24.28 ?  98  ALA A O   1 
ATOM   321  C  CB  . ALA A 1 69  ? 9.147   10.969  0.737   1.00 29.65 ?  98  ALA A CB  1 
ATOM   322  N  N   . TYR A 1 70  ? 7.352   10.174  -1.568  1.00 30.45 ?  99  TYR A N   1 
ATOM   323  C  CA  . TYR A 1 70  ? 6.435   10.445  -2.657  1.00 31.13 ?  99  TYR A CA  1 
ATOM   324  C  C   . TYR A 1 70  ? 5.214   9.539   -2.588  1.00 31.69 ?  99  TYR A C   1 
ATOM   325  O  O   . TYR A 1 70  ? 4.068   9.980   -2.819  1.00 25.57 ?  99  TYR A O   1 
ATOM   326  C  CB  . TYR A 1 70  ? 7.192   10.238  -3.965  1.00 31.89 ?  99  TYR A CB  1 
ATOM   327  C  CG  . TYR A 1 70  ? 6.381   10.527  -5.178  1.00 33.73 ?  99  TYR A CG  1 
ATOM   328  C  CD1 . TYR A 1 70  ? 5.922   11.818  -5.448  1.00 29.04 ?  99  TYR A CD1 1 
ATOM   329  C  CD2 . TYR A 1 70  ? 6.057   9.504   -6.061  1.00 34.42 ?  99  TYR A CD2 1 
ATOM   330  C  CE1 . TYR A 1 70  ? 5.192   12.075  -6.571  1.00 30.97 ?  99  TYR A CE1 1 
ATOM   331  C  CE2 . TYR A 1 70  ? 5.310   9.759   -7.191  1.00 33.44 ?  99  TYR A CE2 1 
ATOM   332  C  CZ  . TYR A 1 70  ? 4.891   11.033  -7.450  1.00 31.14 ?  99  TYR A CZ  1 
ATOM   333  O  OH  . TYR A 1 70  ? 4.161   11.245  -8.589  1.00 36.68 ?  99  TYR A OH  1 
ATOM   334  N  N   . PHE A 1 71  ? 5.440   8.256   -2.305  1.00 28.15 ?  100 PHE A N   1 
ATOM   335  C  CA  . PHE A 1 71  ? 4.318   7.342   -2.282  1.00 29.39 ?  100 PHE A CA  1 
ATOM   336  C  C   . PHE A 1 71  ? 3.364   7.741   -1.168  1.00 26.71 ?  100 PHE A C   1 
ATOM   337  O  O   . PHE A 1 71  ? 2.137   7.764   -1.363  1.00 26.58 ?  100 PHE A O   1 
ATOM   338  C  CB  . PHE A 1 71  ? 4.828   5.901   -2.146  1.00 27.22 ?  100 PHE A CB  1 
ATOM   339  C  CG  . PHE A 1 71  ? 3.756   4.888   -2.000  1.00 24.58 ?  100 PHE A CG  1 
ATOM   340  C  CD1 . PHE A 1 71  ? 3.012   4.804   -0.832  1.00 27.15 ?  100 PHE A CD1 1 
ATOM   341  C  CD2 . PHE A 1 71  ? 3.483   4.012   -3.021  1.00 28.57 ?  100 PHE A CD2 1 
ATOM   342  C  CE1 . PHE A 1 71  ? 1.987   3.889   -0.701  1.00 27.01 ?  100 PHE A CE1 1 
ATOM   343  C  CE2 . PHE A 1 71  ? 2.485   3.072   -2.891  1.00 31.94 ?  100 PHE A CE2 1 
ATOM   344  C  CZ  . PHE A 1 71  ? 1.732   3.008   -1.717  1.00 32.44 ?  100 PHE A CZ  1 
ATOM   345  N  N   . LEU A 1 72  ? 3.918   8.106   -0.007  1.00 27.79 ?  101 LEU A N   1 
ATOM   346  C  CA  . LEU A 1 72  ? 3.095   8.585   1.112   1.00 30.89 ?  101 LEU A CA  1 
ATOM   347  C  C   . LEU A 1 72  ? 2.306   9.837   0.738   1.00 26.86 ?  101 LEU A C   1 
ATOM   348  O  O   . LEU A 1 72  ? 1.131   9.942   1.084   1.00 25.36 ?  101 LEU A O   1 
ATOM   349  C  CB  . LEU A 1 72  ? 3.958   8.829   2.363   1.00 26.26 ?  101 LEU A CB  1 
ATOM   350  C  CG  . LEU A 1 72  ? 4.141   7.609   3.294   1.00 32.10 ?  101 LEU A CG  1 
ATOM   351  C  CD1 . LEU A 1 72  ? 5.377   7.757   4.180   1.00 33.33 ?  101 LEU A CD1 1 
ATOM   352  C  CD2 . LEU A 1 72  ? 2.864   7.329   4.162   1.00 31.10 ?  101 LEU A CD2 1 
ATOM   353  N  N   . LEU A 1 73  ? 2.922   10.788  0.016   1.00 24.07 ?  102 LEU A N   1 
ATOM   354  C  CA  . LEU A 1 73  ? 2.162   11.928  -0.509  1.00 26.30 ?  102 LEU A CA  1 
ATOM   355  C  C   . LEU A 1 73  ? 0.999   11.482  -1.399  1.00 28.77 ?  102 LEU A C   1 
ATOM   356  O  O   . LEU A 1 73  ? -0.121  12.007  -1.280  1.00 28.40 ?  102 LEU A O   1 
ATOM   357  C  CB  . LEU A 1 73  ? 3.080   12.888  -1.276  1.00 26.75 ?  102 LEU A CB  1 
ATOM   358  C  CG  . LEU A 1 73  ? 4.004   13.683  -0.328  1.00 31.23 ?  102 LEU A CG  1 
ATOM   359  C  CD1 . LEU A 1 73  ? 5.117   14.361  -1.084  1.00 28.89 ?  102 LEU A CD1 1 
ATOM   360  C  CD2 . LEU A 1 73  ? 3.213   14.727  0.468   1.00 28.75 ?  102 LEU A CD2 1 
ATOM   361  N  N   . LYS A 1 74  ? 1.239   10.529  -2.317  1.00 29.42 ?  103 LYS A N   1 
ATOM   362  C  CA  . LYS A 1 74  ? 0.140   10.095  -3.184  1.00 29.42 ?  103 LYS A CA  1 
ATOM   363  C  C   . LYS A 1 74  ? -0.963  9.477   -2.351  1.00 30.19 ?  103 LYS A C   1 
ATOM   364  O  O   . LYS A 1 74  ? -2.145  9.755   -2.564  1.00 34.14 ?  103 LYS A O   1 
ATOM   365  C  CB  . LYS A 1 74  ? 0.610   9.090   -4.250  1.00 29.25 ?  103 LYS A CB  1 
ATOM   366  C  CG  . LYS A 1 74  ? 1.559   9.620   -5.332  1.00 30.21 ?  103 LYS A CG  1 
ATOM   367  C  CD  . LYS A 1 74  ? 1.244   9.064   -6.719  1.00 34.63 ?  103 LYS A CD  1 
ATOM   368  C  CE  . LYS A 1 74  ? 1.397   7.542   -6.856  1.00 41.07 ?  103 LYS A CE  1 
ATOM   369  N  NZ  . LYS A 1 74  ? 2.813   7.111   -7.137  1.00 40.40 ?  103 LYS A NZ  1 
ATOM   370  N  N   . LEU A 1 75  ? -0.589  8.659   -1.371  1.00 31.76 ?  104 LEU A N   1 
ATOM   371  C  CA  . LEU A 1 75  ? -1.587  7.931   -0.602  1.00 33.06 ?  104 LEU A CA  1 
ATOM   372  C  C   . LEU A 1 75  ? -2.462  8.895   0.194   1.00 30.30 ?  104 LEU A C   1 
ATOM   373  O  O   . LEU A 1 75  ? -3.691  8.744   0.228   1.00 28.50 ?  104 LEU A O   1 
ATOM   374  C  CB  . LEU A 1 75  ? -0.892  6.908   0.318   1.00 29.49 ?  104 LEU A CB  1 
ATOM   375  C  CG  . LEU A 1 75  ? -1.842  6.072   1.175   1.00 30.60 ?  104 LEU A CG  1 
ATOM   376  C  CD1 . LEU A 1 75  ? -2.591  5.030   0.357   1.00 26.07 ?  104 LEU A CD1 1 
ATOM   377  C  CD2 . LEU A 1 75  ? -1.102  5.416   2.306   1.00 33.94 ?  104 LEU A CD2 1 
ATOM   378  N  N   . ALA A 1 76  ? -1.844  9.913   0.817   1.00 27.82 ?  105 ALA A N   1 
ATOM   379  C  CA  . ALA A 1 76  ? -2.591  10.799  1.710   1.00 30.22 ?  105 ALA A CA  1 
ATOM   380  C  C   . ALA A 1 76  ? -3.551  11.695  0.930   1.00 32.44 ?  105 ALA A C   1 
ATOM   381  O  O   . ALA A 1 76  ? -4.578  12.129  1.472   1.00 29.87 ?  105 ALA A O   1 
ATOM   382  C  CB  . ALA A 1 76  ? -1.629  11.640  2.550   1.00 24.39 ?  105 ALA A CB  1 
ATOM   383  N  N   . GLY A 1 77  ? -3.253  11.962  -0.346  1.00 30.12 ?  106 GLY A N   1 
ATOM   384  C  CA  . GLY A 1 77  ? -4.176  12.768  -1.108  1.00 28.88 ?  106 GLY A CA  1 
ATOM   385  C  C   . GLY A 1 77  ? -5.386  12.025  -1.581  1.00 30.92 ?  106 GLY A C   1 
ATOM   386  O  O   . GLY A 1 77  ? -6.303  12.643  -2.122  1.00 33.57 ?  106 GLY A O   1 
ATOM   387  N  N   . ARG A 1 78  ? -5.407  10.704  -1.393  1.00 33.98 ?  107 ARG A N   1 
ATOM   388  C  CA  . ARG A 1 78  ? -6.506  9.856   -1.857  1.00 35.67 ?  107 ARG A CA  1 
ATOM   389  C  C   . ARG A 1 78  ? -7.347  9.299   -0.725  1.00 33.96 ?  107 ARG A C   1 
ATOM   390  O  O   . ARG A 1 78  ? -8.546  9.110   -0.886  1.00 37.17 ?  107 ARG A O   1 
ATOM   391  C  CB  . ARG A 1 78  ? -5.948  8.709   -2.715  1.00 33.63 ?  107 ARG A CB  1 
ATOM   392  C  CG  . ARG A 1 78  ? -5.267  9.278   -3.985  1.00 38.90 ?  107 ARG A CG  1 
ATOM   393  C  CD  . ARG A 1 78  ? -4.202  8.388   -4.701  1.00 40.70 ?  107 ARG A CD  1 
ATOM   394  N  NE  . ARG A 1 78  ? -3.622  9.081   -5.885  1.00 42.22 ?  107 ARG A NE  1 
ATOM   395  C  CZ  . ARG A 1 78  ? -3.065  10.322  -5.903  1.00 40.91 ?  107 ARG A CZ  1 
ATOM   396  N  NH1 . ARG A 1 78  ? -2.994  11.114  -4.798  1.00 32.43 ?  107 ARG A NH1 1 
ATOM   397  N  NH2 . ARG A 1 78  ? -2.585  10.806  -7.060  1.00 33.59 ?  107 ARG A NH2 1 
ATOM   398  N  N   . TRP A 1 79  ? -6.758  9.074   0.425   1.00 31.33 ?  108 TRP A N   1 
ATOM   399  C  CA  . TRP A 1 79  ? -7.470  8.511   1.549   1.00 36.89 ?  108 TRP A CA  1 
ATOM   400  C  C   . TRP A 1 79  ? -7.160  9.381   2.751   1.00 36.98 ?  108 TRP A C   1 
ATOM   401  O  O   . TRP A 1 79  ? -6.214  10.172  2.723   1.00 38.12 ?  108 TRP A O   1 
ATOM   402  C  CB  . TRP A 1 79  ? -7.044  7.055   1.789   1.00 34.56 ?  108 TRP A CB  1 
ATOM   403  C  CG  . TRP A 1 79  ? -7.310  6.189   0.602   1.00 30.66 ?  108 TRP A CG  1 
ATOM   404  C  CD1 . TRP A 1 79  ? -6.391  5.739   -0.300  1.00 33.57 ?  108 TRP A CD1 1 
ATOM   405  C  CD2 . TRP A 1 79  ? -8.576  5.690   0.163   1.00 31.65 ?  108 TRP A CD2 1 
ATOM   406  N  NE1 . TRP A 1 79  ? -7.002  4.989   -1.272  1.00 35.69 ?  108 TRP A NE1 1 
ATOM   407  C  CE2 . TRP A 1 79  ? -8.344  4.938   -1.011  1.00 34.68 ?  108 TRP A CE2 1 
ATOM   408  C  CE3 . TRP A 1 79  ? -9.884  5.800   0.647   1.00 34.49 ?  108 TRP A CE3 1 
ATOM   409  C  CZ2 . TRP A 1 79  ? -9.375  4.304   -1.711  1.00 33.93 ?  108 TRP A CZ2 1 
ATOM   410  C  CZ3 . TRP A 1 79  ? -10.904 5.153   -0.037  1.00 33.61 ?  108 TRP A CZ3 1 
ATOM   411  C  CH2 . TRP A 1 79  ? -10.643 4.416   -1.204  1.00 34.03 ?  108 TRP A CH2 1 
ATOM   412  N  N   . PRO A 1 80  ? -7.976  9.337   3.757   1.00 33.61 ?  109 PRO A N   1 
ATOM   413  C  CA  . PRO A 1 80  ? -7.647  10.085  4.972   1.00 34.79 ?  109 PRO A CA  1 
ATOM   414  C  C   . PRO A 1 80  ? -6.670  9.287   5.820   1.00 37.34 ?  109 PRO A C   1 
ATOM   415  O  O   . PRO A 1 80  ? -7.067  8.372   6.536   1.00 40.27 ?  109 PRO A O   1 
ATOM   416  C  CB  . PRO A 1 80  ? -9.005  10.274  5.643   1.00 31.46 ?  109 PRO A CB  1 
ATOM   417  C  CG  . PRO A 1 80  ? -9.832  9.109   5.144   1.00 34.68 ?  109 PRO A CG  1 
ATOM   418  C  CD  . PRO A 1 80  ? -9.354  8.812   3.754   1.00 33.64 ?  109 PRO A CD  1 
ATOM   419  N  N   . VAL A 1 81  ? -5.380  9.581   5.710   1.00 38.69 ?  110 VAL A N   1 
ATOM   420  C  CA  . VAL A 1 81  ? -4.344  8.808   6.385   1.00 36.10 ?  110 VAL A CA  1 
ATOM   421  C  C   . VAL A 1 81  ? -3.947  9.564   7.649   1.00 36.73 ?  110 VAL A C   1 
ATOM   422  O  O   . VAL A 1 81  ? -3.422  10.683  7.565   1.00 35.12 ?  110 VAL A O   1 
ATOM   423  C  CB  . VAL A 1 81  ? -3.133  8.582   5.477   1.00 34.90 ?  110 VAL A CB  1 
ATOM   424  C  CG1 . VAL A 1 81  ? -2.152  7.600   6.136   1.00 35.81 ?  110 VAL A CG1 1 
ATOM   425  C  CG2 . VAL A 1 81  ? -3.589  8.099   4.125   1.00 33.08 ?  110 VAL A CG2 1 
ATOM   426  N  N   . LYS A 1 82  ? -4.215  8.955   8.821   1.00 34.63 ?  111 LYS A N   1 
ATOM   427  C  CA  . LYS A 1 82  ? -3.853  9.494   10.134  1.00 37.95 ?  111 LYS A CA  1 
ATOM   428  C  C   . LYS A 1 82  ? -2.510  8.929   10.600  1.00 38.12 ?  111 LYS A C   1 
ATOM   429  O  O   . LYS A 1 82  ? -1.597  9.684   10.959  1.00 38.61 ?  111 LYS A O   1 
ATOM   430  C  CB  . LYS A 1 82  ? -4.971  9.212   11.187  1.00 39.83 ?  111 LYS A CB  1 
ATOM   431  C  CG  . LYS A 1 82  ? -5.042  7.697   11.597  1.00 49.59 ?  111 LYS A CG  1 
ATOM   432  C  CD  . LYS A 1 82  ? -5.727  7.202   12.905  1.00 52.16 ?  111 LYS A CD  1 
ATOM   433  C  CE  . LYS A 1 82  ? -7.152  6.727   12.655  1.00 52.31 ?  111 LYS A CE  1 
ATOM   434  N  NZ  . LYS A 1 82  ? -7.288  5.295   12.564  1.00 55.59 ?  111 LYS A NZ  1 
ATOM   435  N  N   . THR A 1 83  ? -2.358  7.607   10.564  1.00 34.26 ?  112 THR A N   1 
ATOM   436  C  CA  . THR A 1 83  ? -1.198  6.969   11.155  1.00 36.07 ?  112 THR A CA  1 
ATOM   437  C  C   . THR A 1 83  ? -0.774  5.830   10.252  1.00 34.17 ?  112 THR A C   1 
ATOM   438  O  O   . THR A 1 83  ? -1.621  5.168   9.647   1.00 38.63 ?  112 THR A O   1 
ATOM   439  C  CB  . THR A 1 83  ? -1.461  6.435   12.568  1.00 35.00 ?  112 THR A CB  1 
ATOM   440  O  OG1 . THR A 1 83  ? -2.537  5.494   12.531  1.00 41.60 ?  112 THR A OG1 1 
ATOM   441  C  CG2 . THR A 1 83  ? -1.788  7.554   13.525  1.00 32.91 ?  112 THR A CG2 1 
ATOM   442  N  N   . VAL A 1 84  ? 0.529   5.643   10.113  1.00 28.73 ?  113 VAL A N   1 
ATOM   443  C  CA  . VAL A 1 84  ? 1.059   4.589   9.272   1.00 31.81 ?  113 VAL A CA  1 
ATOM   444  C  C   . VAL A 1 84  ? 2.010   3.749   10.107  1.00 34.58 ?  113 VAL A C   1 
ATOM   445  O  O   . VAL A 1 84  ? 2.812   4.270   10.886  1.00 35.56 ?  113 VAL A O   1 
ATOM   446  C  CB  . VAL A 1 84  ? 1.754   5.135   8.010   1.00 30.82 ?  113 VAL A CB  1 
ATOM   447  C  CG1 . VAL A 1 84  ? 0.745   5.673   7.069   1.00 32.76 ?  113 VAL A CG1 1 
ATOM   448  C  CG2 . VAL A 1 84  ? 2.625   6.229   8.374   1.00 35.41 ?  113 VAL A CG2 1 
ATOM   449  N  N   . HIS A 1 85  ? 1.877   2.443   9.970   1.00 35.36 ?  114 HIS A N   1 
ATOM   450  C  CA  . HIS A 1 85  ? 2.720   1.462   10.608  1.00 30.40 ?  114 HIS A CA  1 
ATOM   451  C  C   . HIS A 1 85  ? 3.514   0.737   9.534   1.00 35.14 ?  114 HIS A C   1 
ATOM   452  O  O   . HIS A 1 85  ? 3.186   0.796   8.347   1.00 35.25 ?  114 HIS A O   1 
ATOM   453  C  CB  . HIS A 1 85  ? 1.861   0.482   11.403  1.00 32.44 ?  114 HIS A CB  1 
ATOM   454  C  CG  . HIS A 1 85  ? 2.655   -0.553  12.130  1.00 43.00 ?  114 HIS A CG  1 
ATOM   455  N  ND1 . HIS A 1 85  ? 3.707   -0.232  12.964  1.00 43.34 ?  114 HIS A ND1 1 
ATOM   456  C  CD2 . HIS A 1 85  ? 2.571   -1.907  12.126  1.00 41.30 ?  114 HIS A CD2 1 
ATOM   457  C  CE1 . HIS A 1 85  ? 4.226   -1.345  13.459  1.00 45.44 ?  114 HIS A CE1 1 
ATOM   458  N  NE2 . HIS A 1 85  ? 3.553   -2.375  12.970  1.00 42.64 ?  114 HIS A NE2 1 
ATOM   459  N  N   . THR A 1 86  ? 4.557   0.030   9.966   1.00 34.20 ?  115 THR A N   1 
ATOM   460  C  CA  . THR A 1 86  ? 5.395   -0.760  9.086   1.00 31.64 ?  115 THR A CA  1 
ATOM   461  C  C   . THR A 1 86  ? 5.959   -1.889  9.928   1.00 34.74 ?  115 THR A C   1 
ATOM   462  O  O   . THR A 1 86  ? 5.949   -1.832  11.157  1.00 35.64 ?  115 THR A O   1 
ATOM   463  C  CB  . THR A 1 86  ? 6.526   0.091   8.463   1.00 32.40 ?  115 THR A CB  1 
ATOM   464  O  OG1 . THR A 1 86  ? 7.349   -0.699  7.576   1.00 32.63 ?  115 THR A OG1 1 
ATOM   465  C  CG2 . THR A 1 86  ? 7.400   0.675   9.563   1.00 27.47 ?  115 THR A CG2 1 
ATOM   466  N  N   . ASP A 1 87  ? 6.434   -2.926  9.260   1.00 35.30 ?  116 ASP A N   1 
ATOM   467  C  CA  . ASP A 1 87  ? 7.209   -3.974  9.904   1.00 31.36 ?  116 ASP A CA  1 
ATOM   468  C  C   . ASP A 1 87  ? 8.709   -3.728  9.818   1.00 33.83 ?  116 ASP A C   1 
ATOM   469  O  O   . ASP A 1 87  ? 9.491   -4.533  10.338  1.00 34.08 ?  116 ASP A O   1 
ATOM   470  C  CB  . ASP A 1 87  ? 6.885   -5.328  9.271   1.00 34.26 ?  116 ASP A CB  1 
ATOM   471  C  CG  . ASP A 1 87  ? 5.546   -5.890  9.733   1.00 40.59 ?  116 ASP A CG  1 
ATOM   472  O  OD1 . ASP A 1 87  ? 4.979   -5.431  10.755  1.00 43.62 ?  116 ASP A OD1 1 
ATOM   473  O  OD2 . ASP A 1 87  ? 5.056   -6.815  9.067   1.00 45.54 ?  116 ASP A OD2 1 
ATOM   474  N  N   . ASN A 1 88  ? 9.146   -2.650  9.164   1.00 30.14 ?  117 ASN A N   1 
ATOM   475  C  CA  . ASN A 1 88  ? 10.553  -2.278  9.202   1.00 27.87 ?  117 ASN A CA  1 
ATOM   476  C  C   . ASN A 1 88  ? 10.643  -0.808  9.609   1.00 29.92 ?  117 ASN A C   1 
ATOM   477  O  O   . ASN A 1 88  ? 10.640  0.087   8.760   1.00 28.99 ?  117 ASN A O   1 
ATOM   478  C  CB  . ASN A 1 88  ? 11.201  -2.551  7.878   1.00 27.39 ?  117 ASN A CB  1 
ATOM   479  C  CG  . ASN A 1 88  ? 12.687  -2.324  7.912   1.00 31.71 ?  117 ASN A CG  1 
ATOM   480  O  OD1 . ASN A 1 88  ? 13.216  -1.770  8.888   1.00 30.62 ?  117 ASN A OD1 1 
ATOM   481  N  ND2 . ASN A 1 88  ? 13.378  -2.736  6.851   1.00 31.75 ?  117 ASN A ND2 1 
ATOM   482  N  N   . GLY A 1 89  ? 10.758  -0.561  10.909  1.00 28.47 ?  118 GLY A N   1 
ATOM   483  C  CA  . GLY A 1 89  ? 10.754  0.810   11.395  1.00 27.54 ?  118 GLY A CA  1 
ATOM   484  C  C   . GLY A 1 89  ? 11.789  1.698   10.735  1.00 30.04 ?  118 GLY A C   1 
ATOM   485  O  O   . GLY A 1 89  ? 11.573  2.907   10.583  1.00 32.03 ?  118 GLY A O   1 
ATOM   486  N  N   . SER A 1 90  ? 12.924  1.132   10.327  1.00 27.76 ?  119 SER A N   1 
ATOM   487  C  CA  . SER A 1 90  ? 13.936  2.020   9.759   1.00 34.57 ?  119 SER A CA  1 
ATOM   488  C  C   . SER A 1 90  ? 13.494  2.610   8.426   1.00 33.13 ?  119 SER A C   1 
ATOM   489  O  O   . SER A 1 90  ? 14.017  3.654   8.028   1.00 33.66 ?  119 SER A O   1 
ATOM   490  C  CB  . SER A 1 90  ? 15.269  1.301   9.604   1.00 30.98 ?  119 SER A CB  1 
ATOM   491  O  OG  . SER A 1 90  ? 15.132  0.243   8.691   1.00 35.79 ?  119 SER A OG  1 
ATOM   492  N  N   . ASN A 1 91  ? 12.541  1.971   7.742   1.00 32.61 ?  120 ASN A N   1 
ATOM   493  C  CA  . ASN A 1 91  ? 11.836  2.572   6.610   1.00 34.60 ?  120 ASN A CA  1 
ATOM   494  C  C   . ASN A 1 91  ? 11.553  4.063   6.793   1.00 35.24 ?  120 ASN A C   1 
ATOM   495  O  O   . ASN A 1 91  ? 11.630  4.826   5.830   1.00 34.49 ?  120 ASN A O   1 
ATOM   496  C  CB  . ASN A 1 91  ? 10.487  1.874   6.391   1.00 36.55 ?  120 ASN A CB  1 
ATOM   497  C  CG  . ASN A 1 91  ? 10.605  0.578   5.634   1.00 36.10 ?  120 ASN A CG  1 
ATOM   498  O  OD1 . ASN A 1 91  ? 11.531  0.404   4.841   1.00 35.52 ?  120 ASN A OD1 1 
ATOM   499  N  ND2 . ASN A 1 91  ? 9.629   -0.333  5.838   1.00 33.21 ?  120 ASN A ND2 1 
ATOM   500  N  N   . PHE A 1 92  ? 11.193  4.476   8.014   1.00 34.05 ?  121 PHE A N   1 
ATOM   501  C  CA  . PHE A 1 92  ? 10.591  5.780   8.280   1.00 37.19 ?  121 PHE A CA  1 
ATOM   502  C  C   . PHE A 1 92  ? 11.551  6.782   8.926   1.00 38.97 ?  121 PHE A C   1 
ATOM   503  O  O   . PHE A 1 92  ? 11.092  7.754   9.543   1.00 36.84 ?  121 PHE A O   1 
ATOM   504  C  CB  . PHE A 1 92  ? 9.373   5.639   9.211   1.00 37.35 ?  121 PHE A CB  1 
ATOM   505  C  CG  . PHE A 1 92  ? 8.202   4.983   8.597   1.00 34.43 ?  121 PHE A CG  1 
ATOM   506  C  CD1 . PHE A 1 92  ? 8.053   4.943   7.209   1.00 33.90 ?  121 PHE A CD1 1 
ATOM   507  C  CD2 . PHE A 1 92  ? 7.217   4.418   9.410   1.00 37.12 ?  121 PHE A CD2 1 
ATOM   508  C  CE1 . PHE A 1 92  ? 6.942   4.310   6.648   1.00 35.88 ?  121 PHE A CE1 1 
ATOM   509  C  CE2 . PHE A 1 92  ? 6.086   3.777   8.857   1.00 31.70 ?  121 PHE A CE2 1 
ATOM   510  C  CZ  . PHE A 1 92  ? 5.951   3.716   7.494   1.00 33.45 ?  121 PHE A CZ  1 
ATOM   511  N  N   . THR A 1 93  ? 12.859  6.566   8.844   1.00 37.50 ?  122 THR A N   1 
ATOM   512  C  CA  . THR A 1 93  ? 13.777  7.480   9.504   1.00 38.51 ?  122 THR A CA  1 
ATOM   513  C  C   . THR A 1 93  ? 14.468  8.447   8.557   1.00 42.09 ?  122 THR A C   1 
ATOM   514  O  O   . THR A 1 93  ? 15.354  9.184   8.997   1.00 52.03 ?  122 THR A O   1 
ATOM   515  C  CB  . THR A 1 93  ? 14.849  6.719   10.231  1.00 40.87 ?  122 THR A CB  1 
ATOM   516  O  OG1 . THR A 1 93  ? 15.720  6.215   9.214   1.00 42.80 ?  122 THR A OG1 1 
ATOM   517  C  CG2 . THR A 1 93  ? 14.225  5.589   11.088  1.00 37.54 ?  122 THR A CG2 1 
ATOM   518  N  N   . SER A 1 94  ? 14.106  8.478   7.283   1.00 38.22 ?  123 SER A N   1 
ATOM   519  C  CA  . SER A 1 94  ? 14.701  9.486   6.423   1.00 37.49 ?  123 SER A CA  1 
ATOM   520  C  C   . SER A 1 94  ? 14.024  10.828  6.641   1.00 42.61 ?  123 SER A C   1 
ATOM   521  O  O   . SER A 1 94  ? 12.828  10.905  6.956   1.00 41.90 ?  123 SER A O   1 
ATOM   522  C  CB  . SER A 1 94  ? 14.611  9.098   4.944   1.00 40.04 ?  123 SER A CB  1 
ATOM   523  O  OG  . SER A 1 94  ? 13.296  9.285   4.461   1.00 39.50 ?  123 SER A OG  1 
ATOM   524  N  N   . THR A 1 95  ? 14.816  11.894  6.486   1.00 44.62 ?  124 THR A N   1 
ATOM   525  C  CA  . THR A 1 95  ? 14.273  13.243  6.577   1.00 41.83 ?  124 THR A CA  1 
ATOM   526  C  C   . THR A 1 95  ? 13.149  13.429  5.571   1.00 38.12 ?  124 THR A C   1 
ATOM   527  O  O   . THR A 1 95  ? 12.090  13.983  5.885   1.00 42.17 ?  124 THR A O   1 
ATOM   528  C  CB  . THR A 1 95  ? 15.391  14.259  6.346   1.00 47.58 ?  124 THR A CB  1 
ATOM   529  O  OG1 . THR A 1 95  ? 16.436  14.034  7.294   1.00 54.93 ?  124 THR A OG1 1 
ATOM   530  C  CG2 . THR A 1 95  ? 14.890  15.613  6.570   1.00 50.09 ?  124 THR A CG2 1 
ATOM   531  N  N   . THR A 1 96  ? 13.351  12.929  4.368   1.00 33.13 ?  125 THR A N   1 
ATOM   532  C  CA  . THR A 1 96  ? 12.351  13.053  3.320   1.00 37.68 ?  125 THR A CA  1 
ATOM   533  C  C   . THR A 1 96  ? 11.019  12.427  3.726   1.00 35.82 ?  125 THR A C   1 
ATOM   534  O  O   . THR A 1 96  ? 9.950   13.022  3.530   1.00 34.52 ?  125 THR A O   1 
ATOM   535  C  CB  . THR A 1 96  ? 12.914  12.420  2.051   1.00 41.36 ?  125 THR A CB  1 
ATOM   536  O  OG1 . THR A 1 96  ? 14.322  12.721  1.982   1.00 46.63 ?  125 THR A OG1 1 
ATOM   537  C  CG2 . THR A 1 96  ? 12.267  13.042  0.880   1.00 44.20 ?  125 THR A CG2 1 
ATOM   538  N  N   . VAL A 1 97  ? 11.059  11.215  4.285   1.00 38.29 ?  126 VAL A N   1 
ATOM   539  C  CA  . VAL A 1 97  ? 9.841   10.587  4.786   1.00 32.25 ?  126 VAL A CA  1 
ATOM   540  C  C   . VAL A 1 97  ? 9.223   11.459  5.871   1.00 33.89 ?  126 VAL A C   1 
ATOM   541  O  O   . VAL A 1 97  ? 8.031   11.793  5.827   1.00 39.51 ?  126 VAL A O   1 
ATOM   542  C  CB  . VAL A 1 97  ? 10.142  9.161   5.292   1.00 36.58 ?  126 VAL A CB  1 
ATOM   543  C  CG1 . VAL A 1 97  ? 8.980   8.583   6.119   1.00 30.78 ?  126 VAL A CG1 1 
ATOM   544  C  CG2 . VAL A 1 97  ? 10.489  8.250   4.134   1.00 35.78 ?  126 VAL A CG2 1 
ATOM   545  N  N   . LYS A 1 98  ? 10.029  11.863  6.850   1.00 35.85 ?  127 LYS A N   1 
ATOM   546  C  CA  . LYS A 1 98  ? 9.498   12.687  7.931   1.00 39.42 ?  127 LYS A CA  1 
ATOM   547  C  C   . LYS A 1 98  ? 8.851   13.949  7.369   1.00 33.42 ?  127 LYS A C   1 
ATOM   548  O  O   . LYS A 1 98  ? 7.748   14.328  7.778   1.00 31.15 ?  127 LYS A O   1 
ATOM   549  C  CB  . LYS A 1 98  ? 10.615  13.008  8.929   1.00 41.07 ?  127 LYS A CB  1 
ATOM   550  C  CG  . LYS A 1 98  ? 11.350  11.754  9.472   1.00 41.03 ?  127 LYS A CG  1 
ATOM   551  C  CD  . LYS A 1 98  ? 12.102  12.057  10.794  1.00 50.65 ?  127 LYS A CD  1 
ATOM   552  C  CE  . LYS A 1 98  ? 12.867  10.865  11.387  1.00 50.50 ?  127 LYS A CE  1 
ATOM   553  N  NZ  . LYS A 1 98  ? 14.239  10.750  10.822  1.00 52.45 ?  127 LYS A NZ  1 
ATOM   554  N  N   . ALA A 1 99  ? 9.477   14.547  6.356   1.00 32.14 ?  128 ALA A N   1 
ATOM   555  C  CA  . ALA A 1 99  ? 8.928   15.754  5.751   1.00 34.08 ?  128 ALA A CA  1 
ATOM   556  C  C   . ALA A 1 99  ? 7.524   15.498  5.174   1.00 36.59 ?  128 ALA A C   1 
ATOM   557  O  O   . ALA A 1 99  ? 6.557   16.223  5.487   1.00 30.54 ?  128 ALA A O   1 
ATOM   558  C  CB  . ALA A 1 99  ? 9.901   16.250  4.686   1.00 29.37 ?  128 ALA A CB  1 
ATOM   559  N  N   . ALA A 1 100 ? 7.388   14.437  4.364   1.00 33.40 ?  129 ALA A N   1 
ATOM   560  C  CA  . ALA A 1 100 ? 6.108   14.008  3.809   1.00 29.79 ?  129 ALA A CA  1 
ATOM   561  C  C   . ALA A 1 100 ? 5.011   13.836  4.881   1.00 30.66 ?  129 ALA A C   1 
ATOM   562  O  O   . ALA A 1 100 ? 3.877   14.322  4.718   1.00 29.81 ?  129 ALA A O   1 
ATOM   563  C  CB  . ALA A 1 100 ? 6.298   12.686  3.032   1.00 30.35 ?  129 ALA A CB  1 
HETATM 564  N  N   . CAF A 1 101 ? 5.340   13.164  5.977   1.00 27.39 ?  130 CAF A N   1 
HETATM 565  C  CA  . CAF A 1 101 ? 4.336   12.898  6.999   1.00 32.85 ?  130 CAF A CA  1 
HETATM 566  C  CB  . CAF A 1 101 ? 4.876   12.025  8.122   1.00 35.27 ?  130 CAF A CB  1 
HETATM 567  C  C   . CAF A 1 101 ? 3.980   14.180  7.687   1.00 30.30 ?  130 CAF A C   1 
HETATM 568  O  O   . CAF A 1 101 ? 2.787   14.370  8.095   1.00 28.39 ?  130 CAF A O   1 
HETATM 569  S  SG  . CAF A 1 101 ? 5.060   10.376  7.418   1.00 38.19 ?  130 CAF A SG  1 
HETATM 570  AS AS  . CAF A 1 101 ? 5.600   9.074   9.124   1.00 48.28 ?  130 CAF A AS  1 
HETATM 571  C  CE1 . CAF A 1 101 ? 4.587   9.438   10.721  1.00 39.71 ?  130 CAF A CE1 1 
HETATM 572  C  CE2 . CAF A 1 101 ? 5.630   7.278   8.351   1.00 42.73 ?  130 CAF A CE2 1 
HETATM 573  O  O1  . CAF A 1 101 ? 7.144   9.348   9.418   1.00 41.85 ?  130 CAF A O1  1 
ATOM   574  N  N   . TRP A 1 102 ? 4.990   15.037  7.839   1.00 29.84 ?  131 TRP A N   1 
ATOM   575  C  CA  . TRP A 1 102 ? 4.771   16.324  8.465   1.00 30.05 ?  131 TRP A CA  1 
ATOM   576  C  C   . TRP A 1 102 ? 3.774   17.102  7.619   1.00 30.20 ?  131 TRP A C   1 
ATOM   577  O  O   . TRP A 1 102 ? 2.744   17.547  8.143   1.00 30.22 ?  131 TRP A O   1 
ATOM   578  C  CB  . TRP A 1 102 ? 6.070   17.113  8.628   1.00 27.05 ?  131 TRP A CB  1 
ATOM   579  C  CG  . TRP A 1 102 ? 5.840   18.605  8.918   1.00 31.92 ?  131 TRP A CG  1 
ATOM   580  C  CD1 . TRP A 1 102 ? 5.544   19.175  10.134  1.00 29.61 ?  131 TRP A CD1 1 
ATOM   581  C  CD2 . TRP A 1 102 ? 5.873   19.692  7.971   1.00 30.26 ?  131 TRP A CD2 1 
ATOM   582  N  NE1 . TRP A 1 102 ? 5.391   20.526  10.002  1.00 31.86 ?  131 TRP A NE1 1 
ATOM   583  C  CE2 . TRP A 1 102 ? 5.598   20.880  8.693   1.00 32.18 ?  131 TRP A CE2 1 
ATOM   584  C  CE3 . TRP A 1 102 ? 6.112   19.777  6.597   1.00 27.26 ?  131 TRP A CE3 1 
ATOM   585  C  CZ2 . TRP A 1 102 ? 5.556   22.143  8.079   1.00 31.99 ?  131 TRP A CZ2 1 
ATOM   586  C  CZ3 . TRP A 1 102 ? 6.075   21.032  5.990   1.00 30.63 ?  131 TRP A CZ3 1 
ATOM   587  C  CH2 . TRP A 1 102 ? 5.788   22.200  6.731   1.00 30.16 ?  131 TRP A CH2 1 
ATOM   588  N  N   . TRP A 1 103 ? 4.046   17.252  6.319   1.00 26.16 ?  132 TRP A N   1 
ATOM   589  C  CA  . TRP A 1 103 ? 3.162   18.086  5.491   1.00 26.67 ?  132 TRP A CA  1 
ATOM   590  C  C   . TRP A 1 103 ? 1.745   17.521  5.405   1.00 30.26 ?  132 TRP A C   1 
ATOM   591  O  O   . TRP A 1 103 ? 0.765   18.280  5.451   1.00 30.19 ?  132 TRP A O   1 
ATOM   592  C  CB  . TRP A 1 103 ? 3.733   18.237  4.088   1.00 27.41 ?  132 TRP A CB  1 
ATOM   593  C  CG  . TRP A 1 103 ? 2.987   19.225  3.272   1.00 30.27 ?  132 TRP A CG  1 
ATOM   594  C  CD1 . TRP A 1 103 ? 3.214   20.571  3.213   1.00 30.40 ?  132 TRP A CD1 1 
ATOM   595  C  CD2 . TRP A 1 103 ? 1.911   18.955  2.365   1.00 28.54 ?  132 TRP A CD2 1 
ATOM   596  N  NE1 . TRP A 1 103 ? 2.335   21.153  2.336   1.00 33.04 ?  132 TRP A NE1 1 
ATOM   597  C  CE2 . TRP A 1 103 ? 1.527   20.186  1.800   1.00 28.54 ?  132 TRP A CE2 1 
ATOM   598  C  CE3 . TRP A 1 103 ? 1.257   17.785  1.951   1.00 29.33 ?  132 TRP A CE3 1 
ATOM   599  C  CZ2 . TRP A 1 103 ? 0.508   20.292  0.867   1.00 27.80 ?  132 TRP A CZ2 1 
ATOM   600  C  CZ3 . TRP A 1 103 ? 0.237   17.887  1.017   1.00 29.21 ?  132 TRP A CZ3 1 
ATOM   601  C  CH2 . TRP A 1 103 ? -0.132  19.139  0.492   1.00 32.17 ?  132 TRP A CH2 1 
ATOM   602  N  N   . ALA A 1 104 ? 1.615   16.195  5.237   1.00 26.55 ?  133 ALA A N   1 
ATOM   603  C  CA  . ALA A 1 104 ? 0.319   15.554  5.075   1.00 27.57 ?  133 ALA A CA  1 
ATOM   604  C  C   . ALA A 1 104 ? -0.365  15.251  6.402   1.00 31.22 ?  133 ALA A C   1 
ATOM   605  O  O   . ALA A 1 104 ? -1.384  14.553  6.415   1.00 32.17 ?  133 ALA A O   1 
ATOM   606  C  CB  . ALA A 1 104 ? 0.467   14.254  4.293   1.00 28.45 ?  133 ALA A CB  1 
ATOM   607  N  N   . GLY A 1 105 ? 0.196   15.703  7.514   1.00 28.96 ?  134 GLY A N   1 
ATOM   608  C  CA  . GLY A 1 105 ? -0.440  15.513  8.795   1.00 28.20 ?  134 GLY A CA  1 
ATOM   609  C  C   . GLY A 1 105 ? -0.487  14.081  9.259   1.00 31.62 ?  134 GLY A C   1 
ATOM   610  O  O   . GLY A 1 105 ? -1.490  13.686  9.864   1.00 31.58 ?  134 GLY A O   1 
ATOM   611  N  N   . ILE A 1 106 ? 0.566   13.288  9.004   1.00 31.50 ?  135 ILE A N   1 
ATOM   612  C  CA  . ILE A 1 106 ? 0.567   11.848  9.300   1.00 35.34 ?  135 ILE A CA  1 
ATOM   613  C  C   . ILE A 1 106 ? 1.438   11.581  10.526  1.00 34.55 ?  135 ILE A C   1 
ATOM   614  O  O   . ILE A 1 106 ? 2.568   12.067  10.608  1.00 34.52 ?  135 ILE A O   1 
ATOM   615  C  CB  . ILE A 1 106 ? 1.074   11.002  8.111   1.00 35.71 ?  135 ILE A CB  1 
ATOM   616  C  CG1 . ILE A 1 106 ? 0.401   11.396  6.797   1.00 35.51 ?  135 ILE A CG1 1 
ATOM   617  C  CG2 . ILE A 1 106 ? 0.882   9.482   8.379   1.00 31.25 ?  135 ILE A CG2 1 
ATOM   618  C  CD1 . ILE A 1 106 ? 0.890   10.549  5.606   1.00 30.02 ?  135 ILE A CD1 1 
ATOM   619  N  N   . LYS A 1 107 ? 0.936   10.764  11.447  1.00 38.35 ?  136 LYS A N   1 
ATOM   620  C  CA  . LYS A 1 107 ? 1.699   10.282  12.592  1.00 40.97 ?  136 LYS A CA  1 
ATOM   621  C  C   . LYS A 1 107 ? 2.065   8.815   12.398  1.00 36.46 ?  136 LYS A C   1 
ATOM   622  O  O   . LYS A 1 107 ? 1.541   8.125   11.528  1.00 37.76 ?  136 LYS A O   1 
ATOM   623  C  CB  . LYS A 1 107 ? 0.910   10.446  13.895  1.00 43.70 ?  136 LYS A CB  1 
ATOM   624  C  CG  . LYS A 1 107 ? 0.527   11.868  14.258  1.00 45.57 ?  136 LYS A CG  1 
ATOM   625  C  CD  . LYS A 1 107 ? -0.416  11.830  15.460  1.00 49.92 ?  136 LYS A CD  1 
ATOM   626  C  CE  . LYS A 1 107 ? -1.563  10.797  15.247  1.00 56.51 ?  136 LYS A CE  1 
ATOM   627  N  NZ  . LYS A 1 107 ? -1.856  9.877   16.427  1.00 46.59 ?  136 LYS A NZ  1 
ATOM   628  N  N   . GLN A 1 108 ? 2.997   8.342   13.209  1.00 39.36 ?  137 GLN A N   1 
ATOM   629  C  CA  . GLN A 1 108 ? 3.511   6.965   13.089  1.00 47.79 ?  137 GLN A CA  1 
ATOM   630  C  C   . GLN A 1 108 ? 2.748   6.014   13.992  1.00 44.68 ?  137 GLN A C   1 
ATOM   631  O  O   . GLN A 1 108 ? 2.099   6.475   14.919  1.00 48.62 ?  137 GLN A O   1 
ATOM   632  C  CB  . GLN A 1 108 ? 5.003   6.918   13.424  1.00 40.25 ?  137 GLN A CB  1 
ATOM   633  C  CG  . GLN A 1 108 ? 5.597   5.534   13.447  1.00 50.21 ?  137 GLN A CG  1 
ATOM   634  C  CD  . GLN A 1 108 ? 7.103   5.518   13.100  1.00 51.78 ?  137 GLN A CD  1 
ATOM   635  O  OE1 . GLN A 1 108 ? 7.750   6.568   12.956  1.00 54.36 ?  137 GLN A OE1 1 
ATOM   636  N  NE2 . GLN A 1 108 ? 7.655   4.318   12.954  1.00 44.90 ?  137 GLN A NE2 1 
ATOM   637  N  N   . MET A 1 125 ? -1.021  -11.286 4.214   1.00 64.80 ?  154 MET A N   1 
ATOM   638  C  CA  . MET A 1 125 ? -1.800  -10.430 3.302   1.00 66.04 ?  154 MET A CA  1 
ATOM   639  C  C   . MET A 1 125 ? -0.891  -9.644  2.341   1.00 64.01 ?  154 MET A C   1 
ATOM   640  O  O   . MET A 1 125 ? -1.361  -9.010  1.388   1.00 62.02 ?  154 MET A O   1 
ATOM   641  C  CB  . MET A 1 125 ? -2.697  -9.477  4.092   1.00 66.77 ?  154 MET A CB  1 
ATOM   642  C  CG  . MET A 1 125 ? -3.326  -8.345  3.273   1.00 54.43 ?  154 MET A CG  1 
ATOM   643  S  SD  . MET A 1 125 ? -4.915  -7.826  3.938   1.00 68.41 ?  154 MET A SD  1 
ATOM   644  C  CE  . MET A 1 125 ? -6.012  -9.139  3.378   1.00 48.41 ?  154 MET A CE  1 
ATOM   645  N  N   . ASN A 1 126 ? 0.416   -9.701  2.590   1.00 60.18 ?  155 ASN A N   1 
ATOM   646  C  CA  . ASN A 1 126 ? 1.386   -9.487  1.526   1.00 61.00 ?  155 ASN A CA  1 
ATOM   647  C  C   . ASN A 1 126 ? 1.865   -10.794 0.886   1.00 59.41 ?  155 ASN A C   1 
ATOM   648  O  O   . ASN A 1 126 ? 2.512   -10.748 -0.166  1.00 58.99 ?  155 ASN A O   1 
ATOM   649  C  CB  . ASN A 1 126 ? 2.613   -8.678  2.021   1.00 63.43 ?  155 ASN A CB  1 
ATOM   650  C  CG  . ASN A 1 126 ? 2.272   -7.217  2.449   1.00 59.76 ?  155 ASN A CG  1 
ATOM   651  O  OD1 . ASN A 1 126 ? 1.163   -6.895  2.888   1.00 59.31 ?  155 ASN A OD1 1 
ATOM   652  N  ND2 . ASN A 1 126 ? 3.244   -6.337  2.286   1.00 55.91 ?  155 ASN A ND2 1 
ATOM   653  N  N   . LYS A 1 127 ? 1.613   -11.955 1.506   1.00 63.81 ?  156 LYS A N   1 
ATOM   654  C  CA  . LYS A 1 127 ? 1.894   -13.224 0.824   1.00 61.71 ?  156 LYS A CA  1 
ATOM   655  C  C   . LYS A 1 127 ? 0.745   -13.630 -0.089  1.00 58.76 ?  156 LYS A C   1 
ATOM   656  O  O   . LYS A 1 127 ? 0.982   -14.242 -1.140  1.00 58.83 ?  156 LYS A O   1 
ATOM   657  C  CB  . LYS A 1 127 ? 2.193   -14.352 1.827   1.00 61.98 ?  156 LYS A CB  1 
ATOM   658  C  CG  . LYS A 1 127 ? 3.695   -14.596 2.093   1.00 61.78 ?  156 LYS A CG  1 
ATOM   659  C  CD  . LYS A 1 127 ? 3.919   -15.573 3.254   1.00 64.42 ?  156 LYS A CD  1 
ATOM   660  C  CE  . LYS A 1 127 ? 5.246   -15.294 3.962   1.00 69.19 ?  156 LYS A CE  1 
ATOM   661  N  NZ  . LYS A 1 127 ? 5.432   -16.063 5.225   1.00 65.46 ?  156 LYS A NZ  1 
ATOM   662  N  N   . GLU A 1 128 ? -0.492  -13.300 0.292   1.00 53.59 ?  157 GLU A N   1 
ATOM   663  C  CA  . GLU A 1 128 ? -1.609  -13.477 -0.626  1.00 54.96 ?  157 GLU A CA  1 
ATOM   664  C  C   . GLU A 1 128 ? -1.377  -12.655 -1.898  1.00 55.68 ?  157 GLU A C   1 
ATOM   665  O  O   . GLU A 1 128 ? -1.496  -13.165 -3.021  1.00 51.91 ?  157 GLU A O   1 
ATOM   666  C  CB  . GLU A 1 128 ? -2.914  -13.090 0.079   1.00 55.72 ?  157 GLU A CB  1 
ATOM   667  C  CG  . GLU A 1 128 ? -4.209  -13.492 -0.626  1.00 57.36 ?  157 GLU A CG  1 
ATOM   668  C  CD  . GLU A 1 128 ? -4.441  -15.008 -0.644  1.00 66.81 ?  157 GLU A CD  1 
ATOM   669  O  OE1 . GLU A 1 128 ? -3.771  -15.674 -1.463  1.00 64.71 ?  157 GLU A OE1 1 
ATOM   670  O  OE2 . GLU A 1 128 ? -5.308  -15.498 0.131   1.00 63.83 ?  157 GLU A OE2 1 
ATOM   671  N  N   . LEU A 1 129 ? -0.999  -11.386 -1.725  1.00 53.92 ?  158 LEU A N   1 
ATOM   672  C  CA  . LEU A 1 129 ? -0.652  -10.527 -2.853  1.00 48.14 ?  158 LEU A CA  1 
ATOM   673  C  C   . LEU A 1 129 ? 0.440   -11.162 -3.705  1.00 48.28 ?  158 LEU A C   1 
ATOM   674  O  O   . LEU A 1 129 ? 0.331   -11.222 -4.939  1.00 42.54 ?  158 LEU A O   1 
ATOM   675  C  CB  . LEU A 1 129 ? -0.209  -9.162  -2.324  1.00 51.06 ?  158 LEU A CB  1 
ATOM   676  C  CG  . LEU A 1 129 ? -0.108  -7.966  -3.273  1.00 41.98 ?  158 LEU A CG  1 
ATOM   677  C  CD1 . LEU A 1 129 ? 1.246   -7.921  -3.898  1.00 46.41 ?  158 LEU A CD1 1 
ATOM   678  C  CD2 . LEU A 1 129 ? -1.216  -8.050  -4.336  1.00 36.83 ?  158 LEU A CD2 1 
ATOM   679  N  N   . LYS A 1 130 ? 1.500   -11.655 -3.063  1.00 49.29 ?  159 LYS A N   1 
ATOM   680  C  CA  . LYS A 1 130 ? 2.537   -12.360 -3.810  1.00 49.07 ?  159 LYS A CA  1 
ATOM   681  C  C   . LYS A 1 130 ? 2.009   -13.662 -4.407  1.00 48.81 ?  159 LYS A C   1 
ATOM   682  O  O   . LYS A 1 130 ? 2.507   -14.120 -5.439  1.00 44.94 ?  159 LYS A O   1 
ATOM   683  C  CB  . LYS A 1 130 ? 3.733   -12.621 -2.905  1.00 48.22 ?  159 LYS A CB  1 
ATOM   684  C  CG  . LYS A 1 130 ? 4.926   -11.754 -3.217  1.00 55.53 ?  159 LYS A CG  1 
ATOM   685  C  CD  . LYS A 1 130 ? 5.940   -11.768 -2.067  1.00 54.99 ?  159 LYS A CD  1 
ATOM   686  C  CE  . LYS A 1 130 ? 7.375   -11.858 -2.569  1.00 55.47 ?  159 LYS A CE  1 
ATOM   687  N  NZ  . LYS A 1 130 ? 8.345   -12.192 -1.490  1.00 59.22 ?  159 LYS A NZ  1 
ATOM   688  N  N   . LYS A 1 131 ? 0.981   -14.255 -3.796  1.00 49.49 ?  160 LYS A N   1 
ATOM   689  C  CA  . LYS A 1 131 ? 0.372   -15.441 -4.385  1.00 46.81 ?  160 LYS A CA  1 
ATOM   690  C  C   . LYS A 1 131 ? -0.406  -15.093 -5.648  1.00 45.95 ?  160 LYS A C   1 
ATOM   691  O  O   . LYS A 1 131 ? -0.365  -15.840 -6.629  1.00 46.16 ?  160 LYS A O   1 
ATOM   692  C  CB  . LYS A 1 131 ? -0.532  -16.121 -3.358  1.00 49.70 ?  160 LYS A CB  1 
ATOM   693  C  CG  . LYS A 1 131 ? -1.459  -17.159 -3.916  1.00 50.81 ?  160 LYS A CG  1 
ATOM   694  C  CD  . LYS A 1 131 ? -2.169  -17.906 -2.789  1.00 57.85 ?  160 LYS A CD  1 
ATOM   695  C  CE  . LYS A 1 131 ? -3.620  -18.252 -3.160  1.00 65.71 ?  160 LYS A CE  1 
ATOM   696  N  NZ  . LYS A 1 131 ? -4.302  -19.054 -2.088  1.00 68.60 ?  160 LYS A NZ  1 
ATOM   697  N  N   . ILE A 1 132 ? -1.106  -13.954 -5.659  1.00 44.66 ?  161 ILE A N   1 
ATOM   698  C  CA  . ILE A 1 132 ? -1.846  -13.582 -6.863  1.00 40.78 ?  161 ILE A CA  1 
ATOM   699  C  C   . ILE A 1 132 ? -0.886  -13.178 -7.976  1.00 40.76 ?  161 ILE A C   1 
ATOM   700  O  O   . ILE A 1 132 ? -1.022  -13.634 -9.121  1.00 41.29 ?  161 ILE A O   1 
ATOM   701  C  CB  . ILE A 1 132 ? -2.881  -12.486 -6.551  1.00 41.94 ?  161 ILE A CB  1 
ATOM   702  C  CG1 . ILE A 1 132 ? -3.836  -12.962 -5.441  1.00 42.43 ?  161 ILE A CG1 1 
ATOM   703  C  CG2 . ILE A 1 132 ? -3.664  -12.175 -7.780  1.00 34.56 ?  161 ILE A CG2 1 
ATOM   704  C  CD1 . ILE A 1 132 ? -4.527  -11.844 -4.693  1.00 38.13 ?  161 ILE A CD1 1 
ATOM   705  N  N   . ILE A 1 133 ? 0.119   -12.348 -7.660  1.00 38.69 ?  162 ILE A N   1 
ATOM   706  C  CA  . ILE A 1 133 ? 1.134   -12.008 -8.657  1.00 35.35 ?  162 ILE A CA  1 
ATOM   707  C  C   . ILE A 1 133 ? 1.630   -13.272 -9.366  1.00 43.59 ?  162 ILE A C   1 
ATOM   708  O  O   . ILE A 1 133 ? 1.572   -13.377 -10.600 1.00 41.59 ?  162 ILE A O   1 
ATOM   709  C  CB  . ILE A 1 133 ? 2.288   -11.224 -8.002  1.00 38.24 ?  162 ILE A CB  1 
ATOM   710  C  CG1 . ILE A 1 133 ? 1.770   -9.921  -7.399  1.00 37.18 ?  162 ILE A CG1 1 
ATOM   711  C  CG2 . ILE A 1 133 ? 3.444   -10.930 -9.005  1.00 33.68 ?  162 ILE A CG2 1 
ATOM   712  C  CD1 . ILE A 1 133 ? 2.844   -9.043  -6.894  1.00 34.15 ?  162 ILE A CD1 1 
ATOM   713  N  N   . GLY A 1 134 ? 2.070   -14.280 -8.589  1.00 43.75 ?  163 GLY A N   1 
ATOM   714  C  CA  . GLY A 1 134 ? 2.633   -15.490 -9.192  1.00 42.96 ?  163 GLY A CA  1 
ATOM   715  C  C   . GLY A 1 134 ? 1.707   -16.170 -10.193 1.00 41.27 ?  163 GLY A C   1 
ATOM   716  O  O   . GLY A 1 134 ? 2.146   -16.602 -11.259 1.00 42.07 ?  163 GLY A O   1 
ATOM   717  N  N   . GLN A 1 135 ? 0.410   -16.232 -9.875  1.00 41.11 ?  164 GLN A N   1 
ATOM   718  C  CA  . GLN A 1 135 ? -0.602  -16.854 -10.728 1.00 39.66 ?  164 GLN A CA  1 
ATOM   719  C  C   . GLN A 1 135 ? -0.894  -16.052 -12.001 1.00 42.52 ?  164 GLN A C   1 
ATOM   720  O  O   . GLN A 1 135 ? -1.286  -16.636 -13.018 1.00 45.31 ?  164 GLN A O   1 
ATOM   721  C  CB  . GLN A 1 135 ? -1.898  -17.036 -9.925  1.00 41.29 ?  164 GLN A CB  1 
ATOM   722  C  CG  . GLN A 1 135 ? -1.725  -17.842 -8.635  1.00 39.30 ?  164 GLN A CG  1 
ATOM   723  C  CD  . GLN A 1 135 ? -2.874  -17.646 -7.651  1.00 45.41 ?  164 GLN A CD  1 
ATOM   724  O  OE1 . GLN A 1 135 ? -3.531  -16.619 -7.658  1.00 45.98 ?  164 GLN A OE1 1 
ATOM   725  N  NE2 . GLN A 1 135 ? -3.113  -18.640 -6.797  1.00 48.50 ?  164 GLN A NE2 1 
ATOM   726  N  N   . VAL A 1 136 ? -0.741  -14.725 -11.986 1.00 42.21 ?  165 VAL A N   1 
ATOM   727  C  CA  . VAL A 1 136 ? -1.024  -13.958 -13.193 1.00 39.48 ?  165 VAL A CA  1 
ATOM   728  C  C   . VAL A 1 136 ? 0.234   -13.502 -13.909 1.00 40.35 ?  165 VAL A C   1 
ATOM   729  O  O   . VAL A 1 136 ? 0.128   -12.934 -14.991 1.00 44.78 ?  165 VAL A O   1 
ATOM   730  C  CB  . VAL A 1 136 ? -1.954  -12.754 -12.911 1.00 41.37 ?  165 VAL A CB  1 
ATOM   731  C  CG1 . VAL A 1 136 ? -3.182  -13.179 -12.111 1.00 37.86 ?  165 VAL A CG1 1 
ATOM   732  C  CG2 . VAL A 1 136 ? -1.230  -11.634 -12.206 1.00 39.15 ?  165 VAL A CG2 1 
ATOM   733  N  N   . ARG A 1 137 ? 1.423   -13.788 -13.373 1.00 41.83 ?  166 ARG A N   1 
ATOM   734  C  CA  . ARG A 1 137 ? 2.667   -13.242 -13.933 1.00 43.95 ?  166 ARG A CA  1 
ATOM   735  C  C   . ARG A 1 137 ? 2.848   -13.539 -15.420 1.00 43.56 ?  166 ARG A C   1 
ATOM   736  O  O   . ARG A 1 137 ? 3.483   -12.758 -16.139 1.00 45.07 ?  166 ARG A O   1 
ATOM   737  C  CB  . ARG A 1 137 ? 3.875   -13.803 -13.184 1.00 41.39 ?  166 ARG A CB  1 
ATOM   738  C  CG  . ARG A 1 137 ? 5.178   -13.190 -13.672 1.00 40.39 ?  166 ARG A CG  1 
ATOM   739  C  CD  . ARG A 1 137 ? 5.295   -11.725 -13.226 1.00 38.34 ?  166 ARG A CD  1 
ATOM   740  N  NE  . ARG A 1 137 ? 6.522   -11.076 -13.692 1.00 36.73 ?  166 ARG A NE  1 
ATOM   741  C  CZ  . ARG A 1 137 ? 6.659   -10.515 -14.892 1.00 32.06 ?  166 ARG A CZ  1 
ATOM   742  N  NH1 . ARG A 1 137 ? 5.657   -10.528 -15.745 1.00 33.53 ?  166 ARG A NH1 1 
ATOM   743  N  NH2 . ARG A 1 137 ? 7.792   -9.942  -15.232 1.00 33.69 ?  166 ARG A NH2 1 
ATOM   744  N  N   . ASP A 1 138 ? 2.367   -14.686 -15.886 1.00 46.16 ?  167 ASP A N   1 
ATOM   745  C  CA  . ASP A 1 138 ? 2.496   -15.042 -17.287 1.00 45.07 ?  167 ASP A CA  1 
ATOM   746  C  C   . ASP A 1 138 ? 1.616   -14.172 -18.167 1.00 47.61 ?  167 ASP A C   1 
ATOM   747  O  O   . ASP A 1 138 ? 1.898   -14.048 -19.365 1.00 45.63 ?  167 ASP A O   1 
ATOM   748  C  CB  . ASP A 1 138 ? 2.093   -16.490 -17.478 1.00 45.29 ?  167 ASP A CB  1 
ATOM   749  C  CG  . ASP A 1 138 ? 0.593   -16.646 -17.459 1.00 55.29 ?  167 ASP A CG  1 
ATOM   750  O  OD1 . ASP A 1 138 ? 0.029   -16.877 -16.349 1.00 53.53 ?  167 ASP A OD1 1 
ATOM   751  O  OD2 . ASP A 1 138 ? -0.021  -16.467 -18.548 1.00 52.97 ?  167 ASP A OD2 1 
ATOM   752  N  N   . GLN A 1 139 ? 0.547   -13.592 -17.596 1.00 48.31 ?  168 GLN A N   1 
ATOM   753  C  CA  . GLN A 1 139 ? -0.367  -12.727 -18.336 1.00 45.58 ?  168 GLN A CA  1 
ATOM   754  C  C   . GLN A 1 139 ? 0.315   -11.497 -18.879 1.00 42.91 ?  168 GLN A C   1 
ATOM   755  O  O   . GLN A 1 139 ? -0.185  -10.903 -19.842 1.00 45.77 ?  168 GLN A O   1 
ATOM   756  C  CB  . GLN A 1 139 ? -1.520  -12.236 -17.461 1.00 44.80 ?  168 GLN A CB  1 
ATOM   757  C  CG  . GLN A 1 139 ? -2.833  -13.009 -17.558 1.00 48.12 ?  168 GLN A CG  1 
ATOM   758  C  CD  . GLN A 1 139 ? -2.833  -14.268 -16.730 1.00 51.89 ?  168 GLN A CD  1 
ATOM   759  O  OE1 . GLN A 1 139 ? -1.798  -14.876 -16.514 1.00 58.67 ?  168 GLN A OE1 1 
ATOM   760  N  NE2 . GLN A 1 139 ? -3.992  -14.631 -16.209 1.00 56.10 ?  168 GLN A NE2 1 
ATOM   761  N  N   . ALA A 1 140 ? 1.406   -11.067 -18.264 1.00 41.37 ?  169 ALA A N   1 
ATOM   762  C  CA  . ALA A 1 140 ? 1.946   -9.751  -18.561 1.00 39.99 ?  169 ALA A CA  1 
ATOM   763  C  C   . ALA A 1 140 ? 3.432   -9.805  -18.780 1.00 40.26 ?  169 ALA A C   1 
ATOM   764  O  O   . ALA A 1 140 ? 4.135   -10.637 -18.197 1.00 40.44 ?  169 ALA A O   1 
ATOM   765  C  CB  . ALA A 1 140 ? 1.737   -8.760  -17.448 1.00 38.82 ?  169 ALA A CB  1 
ATOM   766  N  N   . GLU A 1 141 ? 3.891   -8.852  -19.585 1.00 38.90 ?  170 GLU A N   1 
ATOM   767  C  CA  . GLU A 1 141 ? 5.306   -8.600  -19.752 1.00 41.47 ?  170 GLU A CA  1 
ATOM   768  C  C   . GLU A 1 141 ? 5.924   -8.138  -18.446 1.00 43.80 ?  170 GLU A C   1 
ATOM   769  O  O   . GLU A 1 141 ? 6.741   -8.855  -17.848 1.00 44.00 ?  170 GLU A O   1 
ATOM   770  C  CB  . GLU A 1 141 ? 5.548   -7.531  -20.798 1.00 42.46 ?  170 GLU A CB  1 
ATOM   771  C  CG  . GLU A 1 141 ? 6.995   -7.092  -20.807 1.00 50.37 ?  170 GLU A CG  1 
ATOM   772  C  CD  . GLU A 1 141 ? 7.776   -7.775  -21.903 1.00 64.38 ?  170 GLU A CD  1 
ATOM   773  O  OE1 . GLU A 1 141 ? 7.268   -7.725  -23.053 1.00 63.39 ?  170 GLU A OE1 1 
ATOM   774  O  OE2 . GLU A 1 141 ? 8.871   -8.348  -21.621 1.00 67.31 ?  170 GLU A OE2 1 
ATOM   775  N  N   . HIS A 1 142 ? 5.546   -6.935  -18.006 1.00 39.59 ?  171 HIS A N   1 
ATOM   776  C  CA  . HIS A 1 142 ? 6.266   -6.278  -16.927 1.00 36.46 ?  171 HIS A CA  1 
ATOM   777  C  C   . HIS A 1 142 ? 5.756   -6.747  -15.582 1.00 33.47 ?  171 HIS A C   1 
ATOM   778  O  O   . HIS A 1 142 ? 4.585   -7.083  -15.424 1.00 37.05 ?  171 HIS A O   1 
ATOM   779  C  CB  . HIS A 1 142 ? 6.111   -4.771  -17.006 1.00 35.11 ?  171 HIS A CB  1 
ATOM   780  C  CG  . HIS A 1 142 ? 6.466   -4.194  -18.326 1.00 38.39 ?  171 HIS A CG  1 
ATOM   781  N  ND1 . HIS A 1 142 ? 7.768   -4.063  -18.749 1.00 36.81 ?  171 HIS A ND1 1 
ATOM   782  C  CD2 . HIS A 1 142 ? 5.694   -3.670  -19.305 1.00 40.54 ?  171 HIS A CD2 1 
ATOM   783  C  CE1 . HIS A 1 142 ? 7.787   -3.480  -19.931 1.00 36.30 ?  171 HIS A CE1 1 
ATOM   784  N  NE2 . HIS A 1 142 ? 6.541   -3.241  -20.295 1.00 43.31 ?  171 HIS A NE2 1 
ATOM   785  N  N   . LEU A 1 143 ? 6.640   -6.754  -14.598 1.00 35.06 ?  172 LEU A N   1 
ATOM   786  C  CA  . LEU A 1 143 ? 6.183   -7.094  -13.259 1.00 35.71 ?  172 LEU A CA  1 
ATOM   787  C  C   . LEU A 1 143 ? 5.143   -6.085  -12.758 1.00 34.22 ?  172 LEU A C   1 
ATOM   788  O  O   . LEU A 1 143 ? 4.169   -6.460  -12.085 1.00 37.00 ?  172 LEU A O   1 
ATOM   789  C  CB  . LEU A 1 143 ? 7.381   -7.183  -12.321 1.00 29.21 ?  172 LEU A CB  1 
ATOM   790  C  CG  . LEU A 1 143 ? 7.045   -7.337  -10.858 1.00 31.77 ?  172 LEU A CG  1 
ATOM   791  C  CD1 . LEU A 1 143 ? 6.128   -8.526  -10.626 1.00 31.74 ?  172 LEU A CD1 1 
ATOM   792  C  CD2 . LEU A 1 143 ? 8.333   -7.467  -10.040 1.00 38.54 ?  172 LEU A CD2 1 
ATOM   793  N  N   . LYS A 1 144 ? 5.316   -4.802  -13.088 1.00 33.12 ?  173 LYS A N   1 
ATOM   794  C  CA  . LYS A 1 144 ? 4.432   -3.781  -12.519 1.00 34.85 ?  173 LYS A CA  1 
ATOM   795  C  C   . LYS A 1 144 ? 2.993   -4.000  -12.973 1.00 35.06 ?  173 LYS A C   1 
ATOM   796  O  O   . LYS A 1 144 ? 2.038   -3.801  -12.197 1.00 33.29 ?  173 LYS A O   1 
ATOM   797  C  CB  . LYS A 1 144 ? 4.927   -2.372  -12.887 1.00 33.23 ?  173 LYS A CB  1 
ATOM   798  C  CG  . LYS A 1 144 ? 4.921   -2.062  -14.360 1.00 29.97 ?  173 LYS A CG  1 
ATOM   799  C  CD  . LYS A 1 144 ? 5.203   -0.605  -14.604 1.00 32.82 ?  173 LYS A CD  1 
ATOM   800  C  CE  . LYS A 1 144 ? 5.283   -0.360  -16.113 1.00 37.28 ?  173 LYS A CE  1 
ATOM   801  N  NZ  . LYS A 1 144 ? 5.033   1.052   -16.566 1.00 41.45 ?  173 LYS A NZ  1 
ATOM   802  N  N   . THR A 1 145 ? 2.828   -4.454  -14.219 1.00 33.79 ?  174 THR A N   1 
ATOM   803  C  CA  . THR A 1 145 ? 1.510   -4.805  -14.731 1.00 35.44 ?  174 THR A CA  1 
ATOM   804  C  C   . THR A 1 145 ? 0.891   -5.965  -13.947 1.00 34.02 ?  174 THR A C   1 
ATOM   805  O  O   . THR A 1 145 ? -0.293  -5.916  -13.579 1.00 33.87 ?  174 THR A O   1 
ATOM   806  C  CB  . THR A 1 145 ? 1.626   -5.150  -16.214 1.00 34.47 ?  174 THR A CB  1 
ATOM   807  O  OG1 . THR A 1 145 ? 2.188   -4.022  -16.900 1.00 33.95 ?  174 THR A OG1 1 
ATOM   808  C  CG2 . THR A 1 145 ? 0.264   -5.477  -16.790 1.00 31.89 ?  174 THR A CG2 1 
ATOM   809  N  N   . ALA A 1 146 ? 1.675   -7.020  -13.686 1.00 28.72 ?  175 ALA A N   1 
ATOM   810  C  CA  . ALA A 1 146 ? 1.162   -8.134  -12.888 1.00 33.23 ?  175 ALA A CA  1 
ATOM   811  C  C   . ALA A 1 146 ? 0.742   -7.653  -11.510 1.00 32.67 ?  175 ALA A C   1 
ATOM   812  O  O   . ALA A 1 146 ? -0.305  -8.064  -10.993 1.00 32.45 ?  175 ALA A O   1 
ATOM   813  C  CB  . ALA A 1 146 ? 2.207   -9.247  -12.756 1.00 33.16 ?  175 ALA A CB  1 
ATOM   814  N  N   . VAL A 1 147 ? 1.523   -6.735  -10.923 1.00 31.62 ?  176 VAL A N   1 
ATOM   815  C  CA  . VAL A 1 147 ? 1.194   -6.222  -9.592  1.00 34.50 ?  176 VAL A CA  1 
ATOM   816  C  C   . VAL A 1 147 ? -0.173  -5.535  -9.591  1.00 31.98 ?  176 VAL A C   1 
ATOM   817  O  O   . VAL A 1 147 ? -1.005  -5.776  -8.702  1.00 27.96 ?  176 VAL A O   1 
ATOM   818  C  CB  . VAL A 1 147 ? 2.304   -5.280  -9.086  1.00 36.88 ?  176 VAL A CB  1 
ATOM   819  C  CG1 . VAL A 1 147 ? 1.771   -4.430  -7.924  1.00 30.87 ?  176 VAL A CG1 1 
ATOM   820  C  CG2 . VAL A 1 147 ? 3.621   -6.074  -8.707  1.00 27.61 ?  176 VAL A CG2 1 
ATOM   821  N  N   . GLN A 1 148 ? -0.435  -4.669  -10.589 1.00 32.17 ?  177 GLN A N   1 
ATOM   822  C  CA  . GLN A 1 148 ? -1.722  -3.961  -10.575 1.00 30.43 ?  177 GLN A CA  1 
ATOM   823  C  C   . GLN A 1 148 ? -2.878  -4.898  -10.911 1.00 30.02 ?  177 GLN A C   1 
ATOM   824  O  O   . GLN A 1 148 ? -3.991  -4.720  -10.397 1.00 29.14 ?  177 GLN A O   1 
ATOM   825  C  CB  . GLN A 1 148 ? -1.676  -2.771  -11.520 1.00 25.44 ?  177 GLN A CB  1 
ATOM   826  C  CG  . GLN A 1 148 ? -0.479  -1.818  -11.231 1.00 32.40 ?  177 GLN A CG  1 
ATOM   827  C  CD  . GLN A 1 148 ? -0.523  -1.226  -9.808  1.00 30.42 ?  177 GLN A CD  1 
ATOM   828  O  OE1 . GLN A 1 148 ? -1.581  -1.104  -9.210  1.00 30.49 ?  177 GLN A OE1 1 
ATOM   829  N  NE2 . GLN A 1 148 ? 0.625   -0.869  -9.276  1.00 30.68 ?  177 GLN A NE2 1 
ATOM   830  N  N   . MET A 1 149 ? -2.642  -5.903  -11.754 1.00 27.47 ?  178 MET A N   1 
ATOM   831  C  CA  . MET A 1 149 ? -3.598  -7.000  -11.875 1.00 31.61 ?  178 MET A CA  1 
ATOM   832  C  C   . MET A 1 149 ? -3.891  -7.631  -10.505 1.00 32.54 ?  178 MET A C   1 
ATOM   833  O  O   . MET A 1 149 ? -5.057  -7.838  -10.125 1.00 26.94 ?  178 MET A O   1 
ATOM   834  C  CB  . MET A 1 149 ? -3.049  -8.049  -12.858 1.00 31.86 ?  178 MET A CB  1 
ATOM   835  C  CG  . MET A 1 149 ? -2.970  -7.595  -14.337 1.00 28.79 ?  178 MET A CG  1 
ATOM   836  S  SD  . MET A 1 149 ? -2.581  -8.966  -15.461 1.00 40.32 ?  178 MET A SD  1 
ATOM   837  C  CE  . MET A 1 149 ? -0.996  -8.443  -15.822 1.00 36.22 ?  178 MET A CE  1 
ATOM   838  N  N   . ALA A 1 150 ? -2.830  -7.925  -9.737  1.00 26.79 ?  179 ALA A N   1 
ATOM   839  C  CA  . ALA A 1 150 ? -3.024  -8.597  -8.462  1.00 27.53 ?  179 ALA A CA  1 
ATOM   840  C  C   . ALA A 1 150 ? -3.726  -7.691  -7.461  1.00 30.09 ?  179 ALA A C   1 
ATOM   841  O  O   . ALA A 1 150 ? -4.546  -8.155  -6.653  1.00 31.97 ?  179 ALA A O   1 
ATOM   842  C  CB  . ALA A 1 150 ? -1.678  -9.093  -7.930  1.00 26.94 ?  179 ALA A CB  1 
ATOM   843  N  N   . VAL A 1 151 ? -3.427  -6.395  -7.496  1.00 28.86 ?  180 VAL A N   1 
ATOM   844  C  CA  . VAL A 1 151 ? -4.155  -5.461  -6.640  1.00 31.28 ?  180 VAL A CA  1 
ATOM   845  C  C   . VAL A 1 151 ? -5.632  -5.453  -7.013  1.00 30.40 ?  180 VAL A C   1 
ATOM   846  O  O   . VAL A 1 151 ? -6.511  -5.465  -6.145  1.00 29.05 ?  180 VAL A O   1 
ATOM   847  C  CB  . VAL A 1 151 ? -3.535  -4.051  -6.738  1.00 29.99 ?  180 VAL A CB  1 
ATOM   848  C  CG1 . VAL A 1 151 ? -4.487  -2.996  -6.210  1.00 27.48 ?  180 VAL A CG1 1 
ATOM   849  C  CG2 . VAL A 1 151 ? -2.174  -4.005  -6.001  1.00 34.07 ?  180 VAL A CG2 1 
ATOM   850  N  N   . PHE A 1 152 ? -5.924  -5.435  -8.314  1.00 28.81 ?  181 PHE A N   1 
ATOM   851  C  CA  . PHE A 1 152 ? -7.307  -5.444  -8.769  1.00 28.57 ?  181 PHE A CA  1 
ATOM   852  C  C   . PHE A 1 152 ? -8.027  -6.700  -8.283  1.00 30.18 ?  181 PHE A C   1 
ATOM   853  O  O   . PHE A 1 152 ? -9.098  -6.618  -7.666  1.00 28.93 ?  181 PHE A O   1 
ATOM   854  C  CB  . PHE A 1 152 ? -7.319  -5.309  -10.290 1.00 25.45 ?  181 PHE A CB  1 
ATOM   855  C  CG  . PHE A 1 152 ? -8.673  -5.312  -10.922 1.00 29.84 ?  181 PHE A CG  1 
ATOM   856  C  CD1 . PHE A 1 152 ? -9.451  -6.499  -10.985 1.00 29.07 ?  181 PHE A CD1 1 
ATOM   857  C  CD2 . PHE A 1 152 ? -9.136  -4.172  -11.565 1.00 27.45 ?  181 PHE A CD2 1 
ATOM   858  C  CE1 . PHE A 1 152 ? -10.691 -6.526  -11.607 1.00 23.25 ?  181 PHE A CE1 1 
ATOM   859  C  CE2 . PHE A 1 152 ? -10.376 -4.186  -12.218 1.00 27.70 ?  181 PHE A CE2 1 
ATOM   860  C  CZ  . PHE A 1 152 ? -11.157 -5.361  -12.237 1.00 28.02 ?  181 PHE A CZ  1 
ATOM   861  N  N   . ILE A 1 153 ? -7.459  -7.874  -8.541  1.00 29.04 ?  182 ILE A N   1 
ATOM   862  C  CA  . ILE A 1 153 ? -8.110  -9.088  -8.059  1.00 30.88 ?  182 ILE A CA  1 
ATOM   863  C  C   . ILE A 1 153 ? -8.355  -8.987  -6.555  1.00 35.40 ?  182 ILE A C   1 
ATOM   864  O  O   . ILE A 1 153 ? -9.492  -9.134  -6.087  1.00 36.32 ?  182 ILE A O   1 
ATOM   865  C  CB  . ILE A 1 153 ? -7.279  -10.333 -8.414  1.00 31.18 ?  182 ILE A CB  1 
ATOM   866  C  CG1 . ILE A 1 153 ? -7.454  -10.687 -9.890  1.00 29.56 ?  182 ILE A CG1 1 
ATOM   867  C  CG2 . ILE A 1 153 ? -7.668  -11.480 -7.504  1.00 29.31 ?  182 ILE A CG2 1 
ATOM   868  C  CD1 . ILE A 1 153 ? -6.113  -10.967 -10.603 1.00 32.90 ?  182 ILE A CD1 1 
ATOM   869  N  N   . HIS A 1 154 ? -7.294  -8.691  -5.784  1.00 32.86 ?  183 HIS A N   1 
ATOM   870  C  CA  . HIS A 1 154 ? -7.403  -8.673  -4.323  1.00 30.58 ?  183 HIS A CA  1 
ATOM   871  C  C   . HIS A 1 154 ? -8.491  -7.724  -3.857  1.00 31.43 ?  183 HIS A C   1 
ATOM   872  O  O   . HIS A 1 154 ? -9.371  -8.106  -3.081  1.00 36.76 ?  183 HIS A O   1 
ATOM   873  C  CB  . HIS A 1 154 ? -6.070  -8.269  -3.674  1.00 33.27 ?  183 HIS A CB  1 
ATOM   874  C  CG  . HIS A 1 154 ? -6.183  -8.044  -2.194  1.00 30.29 ?  183 HIS A CG  1 
ATOM   875  N  ND1 . HIS A 1 154 ? -6.065  -9.063  -1.267  1.00 34.78 ?  183 HIS A ND1 1 
ATOM   876  C  CD2 . HIS A 1 154 ? -6.464  -6.929  -1.487  1.00 32.31 ?  183 HIS A CD2 1 
ATOM   877  C  CE1 . HIS A 1 154 ? -6.239  -8.574  -0.055  1.00 33.85 ?  183 HIS A CE1 1 
ATOM   878  N  NE2 . HIS A 1 154 ? -6.479  -7.278  -0.160  1.00 32.52 ?  183 HIS A NE2 1 
ATOM   879  N  N   . ASN A 1 155 ? -8.445  -6.473  -4.319  1.00 31.56 ?  184 ASN A N   1 
ATOM   880  C  CA  . ASN A 1 155 ? -9.375  -5.461  -3.843  1.00 32.36 ?  184 ASN A CA  1 
ATOM   881  C  C   . ASN A 1 155 ? -10.819 -5.768  -4.210  1.00 35.20 ?  184 ASN A C   1 
ATOM   882  O  O   . ASN A 1 155 ? -11.731 -5.227  -3.571  1.00 37.76 ?  184 ASN A O   1 
ATOM   883  C  CB  . ASN A 1 155 ? -8.997  -4.073  -4.393  1.00 30.21 ?  184 ASN A CB  1 
ATOM   884  C  CG  . ASN A 1 155 ? -7.848  -3.408  -3.616  1.00 33.47 ?  184 ASN A CG  1 
ATOM   885  O  OD1 . ASN A 1 155 ? -7.499  -3.815  -2.489  1.00 32.59 ?  184 ASN A OD1 1 
ATOM   886  N  ND2 . ASN A 1 155 ? -7.260  -2.373  -4.218  1.00 30.02 ?  184 ASN A ND2 1 
ATOM   887  N  N   . HIS A 1 156 ? -11.063 -6.590  -5.232  1.00 35.04 ?  185 HIS A N   1 
ATOM   888  C  CA  . HIS A 1 156 ? -12.434 -6.834  -5.685  1.00 38.31 ?  185 HIS A CA  1 
ATOM   889  C  C   . HIS A 1 156 ? -12.927 -8.255  -5.426  1.00 41.50 ?  185 HIS A C   1 
ATOM   890  O  O   . HIS A 1 156 ? -14.087 -8.540  -5.705  1.00 43.81 ?  185 HIS A O   1 
ATOM   891  C  CB  . HIS A 1 156 ? -12.564 -6.490  -7.172  1.00 35.01 ?  185 HIS A CB  1 
ATOM   892  C  CG  . HIS A 1 156 ? -12.372 -5.034  -7.462  1.00 34.31 ?  185 HIS A CG  1 
ATOM   893  N  ND1 . HIS A 1 156 ? -11.868 -4.571  -8.658  1.00 33.69 ?  185 HIS A ND1 1 
ATOM   894  C  CD2 . HIS A 1 156 ? -12.584 -3.940  -6.692  1.00 31.95 ?  185 HIS A CD2 1 
ATOM   895  C  CE1 . HIS A 1 156 ? -11.797 -3.251  -8.621  1.00 36.01 ?  185 HIS A CE1 1 
ATOM   896  N  NE2 . HIS A 1 156 ? -12.213 -2.844  -7.433  1.00 37.33 ?  185 HIS A NE2 1 
ATOM   897  N  N   . LYS A 1 157 ? -12.085 -9.142  -4.896  1.00 40.60 ?  186 LYS A N   1 
ATOM   898  C  CA  . LYS A 1 157 ? -12.526 -10.443 -4.417  1.00 41.05 ?  186 LYS A CA  1 
ATOM   899  C  C   . LYS A 1 157 ? -13.413 -10.288 -3.181  1.00 50.35 ?  186 LYS A C   1 
ATOM   900  O  O   . LYS A 1 157 ? -13.053 -9.582  -2.230  1.00 49.12 ?  186 LYS A O   1 
ATOM   901  C  CB  . LYS A 1 157 ? -11.305 -11.295 -4.082  1.00 41.77 ?  186 LYS A CB  1 
ATOM   902  C  CG  . LYS A 1 157 ? -11.583 -12.770 -3.885  1.00 50.28 ?  186 LYS A CG  1 
ATOM   903  C  CD  . LYS A 1 157 ? -10.276 -13.550 -3.838  1.00 54.05 ?  186 LYS A CD  1 
ATOM   904  C  CE  . LYS A 1 157 ? -9.549  -13.544 -5.194  1.00 53.71 ?  186 LYS A CE  1 
ATOM   905  N  NZ  . LYS A 1 157 ? -8.185  -14.209 -5.171  1.00 44.63 ?  186 LYS A NZ  1 
ATOM   906  N  N   . ARG A 1 158 ? -14.575 -10.952 -3.184  1.00 54.85 ?  187 ARG A N   1 
ATOM   907  C  CA  . ARG A 1 158 ? -15.425 -10.987 -1.976  1.00 53.80 ?  187 ARG A CA  1 
ATOM   908  C  C   . ARG A 1 158 ? -15.052 -12.192 -1.134  1.00 53.66 ?  187 ARG A C   1 
ATOM   909  O  O   . ARG A 1 158 ? -14.535 -13.185 -1.673  1.00 56.86 ?  187 ARG A O   1 
ATOM   910  C  CB  . ARG A 1 158 ? -16.912 -11.049 -2.320  1.00 54.15 ?  187 ARG A CB  1 
ATOM   911  C  CG  . ARG A 1 158 ? -17.442 -9.965  -3.281  1.00 55.60 ?  187 ARG A CG  1 
ATOM   912  C  CD  . ARG A 1 158 ? -18.588 -9.226  -2.606  1.00 55.65 ?  187 ARG A CD  1 
ATOM   913  N  NE  . ARG A 1 158 ? -19.449 -8.507  -3.535  1.00 63.92 ?  187 ARG A NE  1 
ATOM   914  C  CZ  . ARG A 1 158 ? -20.479 -7.751  -3.153  1.00 67.09 ?  187 ARG A CZ  1 
ATOM   915  N  NH1 . ARG A 1 158 ? -20.763 -7.611  -1.857  1.00 62.14 ?  187 ARG A NH1 1 
ATOM   916  N  NH2 . ARG A 1 158 ? -21.223 -7.125  -4.062  1.00 63.67 ?  187 ARG A NH2 1 
ATOM   917  N  N   . GLY A 1 164 ? -20.724 -10.707 3.044   1.00 59.57 ?  193 GLY A N   1 
ATOM   918  C  CA  . GLY A 1 164 ? -19.384 -10.824 2.494   1.00 60.69 ?  193 GLY A CA  1 
ATOM   919  C  C   . GLY A 1 164 ? -19.062 -9.888  1.331   1.00 65.42 ?  193 GLY A C   1 
ATOM   920  O  O   . GLY A 1 164 ? -19.359 -10.177 0.162   1.00 64.24 ?  193 GLY A O   1 
ATOM   921  N  N   . TYR A 1 165 ? -18.431 -8.765  1.653   1.00 62.61 ?  194 TYR A N   1 
ATOM   922  C  CA  . TYR A 1 165 ? -18.072 -7.739  0.682   1.00 57.72 ?  194 TYR A CA  1 
ATOM   923  C  C   . TYR A 1 165 ? -16.577 -7.824  0.337   1.00 53.64 ?  194 TYR A C   1 
ATOM   924  O  O   . TYR A 1 165 ? -15.827 -8.613  0.921   1.00 47.73 ?  194 TYR A O   1 
ATOM   925  C  CB  . TYR A 1 165 ? -18.468 -6.361  1.235   1.00 55.55 ?  194 TYR A CB  1 
ATOM   926  C  CG  . TYR A 1 165 ? -19.957 -6.289  1.493   1.00 59.11 ?  194 TYR A CG  1 
ATOM   927  C  CD1 . TYR A 1 165 ? -20.550 -6.994  2.547   1.00 65.69 ?  194 TYR A CD1 1 
ATOM   928  C  CD2 . TYR A 1 165 ? -20.785 -5.607  0.612   1.00 62.50 ?  194 TYR A CD2 1 
ATOM   929  C  CE1 . TYR A 1 165 ? -21.910 -6.967  2.739   1.00 66.21 ?  194 TYR A CE1 1 
ATOM   930  C  CE2 . TYR A 1 165 ? -22.137 -5.577  0.793   1.00 67.00 ?  194 TYR A CE2 1 
ATOM   931  C  CZ  . TYR A 1 165 ? -22.695 -6.258  1.859   1.00 68.37 ?  194 TYR A CZ  1 
ATOM   932  O  OH  . TYR A 1 165 ? -24.052 -6.225  2.042   1.00 75.67 ?  194 TYR A OH  1 
ATOM   933  N  N   . SER A 1 166 ? -16.151 -7.025  -0.647  1.00 49.95 ?  195 SER A N   1 
ATOM   934  C  CA  . SER A 1 166 ? -14.741 -6.988  -1.021  1.00 47.07 ?  195 SER A CA  1 
ATOM   935  C  C   . SER A 1 166 ? -13.979 -5.957  -0.182  1.00 43.44 ?  195 SER A C   1 
ATOM   936  O  O   . SER A 1 166 ? -14.564 -5.027  0.393   1.00 40.17 ?  195 SER A O   1 
ATOM   937  C  CB  . SER A 1 166 ? -14.577 -6.665  -2.504  1.00 44.54 ?  195 SER A CB  1 
ATOM   938  O  OG  . SER A 1 166 ? -14.832 -5.293  -2.749  1.00 41.12 ?  195 SER A OG  1 
ATOM   939  N  N   . ALA A 1 167 ? -12.653 -6.132  -0.111  1.00 40.54 ?  196 ALA A N   1 
ATOM   940  C  CA  . ALA A 1 167 ? -11.824 -5.082  0.480   1.00 39.73 ?  196 ALA A CA  1 
ATOM   941  C  C   . ALA A 1 167 ? -12.153 -3.710  -0.127  1.00 36.30 ?  196 ALA A C   1 
ATOM   942  O  O   . ALA A 1 167 ? -12.256 -2.717  0.594   1.00 37.60 ?  196 ALA A O   1 
ATOM   943  C  CB  . ALA A 1 167 ? -10.341 -5.421  0.324   1.00 33.91 ?  196 ALA A CB  1 
ATOM   944  N  N   . GLY A 1 168 ? -12.398 -3.649  -1.436  1.00 34.57 ?  197 GLY A N   1 
ATOM   945  C  CA  . GLY A 1 168 ? -12.790 -2.382  -2.047  1.00 36.02 ?  197 GLY A CA  1 
ATOM   946  C  C   . GLY A 1 168 ? -14.069 -1.811  -1.467  1.00 37.13 ?  197 GLY A C   1 
ATOM   947  O  O   . GLY A 1 168 ? -14.183 -0.601  -1.247  1.00 37.78 ?  197 GLY A O   1 
ATOM   948  N  N   . GLU A 1 169 ? -15.057 -2.663  -1.215  1.00 37.65 ?  198 GLU A N   1 
ATOM   949  C  CA  . GLU A 1 169 ? -16.315 -2.131  -0.708  1.00 40.55 ?  198 GLU A CA  1 
ATOM   950  C  C   . GLU A 1 169 ? -16.215 -1.813  0.772   1.00 38.75 ?  198 GLU A C   1 
ATOM   951  O  O   . GLU A 1 169 ? -16.838 -0.854  1.231   1.00 44.08 ?  198 GLU A O   1 
ATOM   952  C  CB  . GLU A 1 169 ? -17.473 -3.107  -0.954  1.00 46.08 ?  198 GLU A CB  1 
ATOM   953  C  CG  . GLU A 1 169 ? -17.853 -3.292  -2.409  1.00 42.05 ?  198 GLU A CG  1 
ATOM   954  C  CD  . GLU A 1 169 ? -18.257 -4.723  -2.695  1.00 51.60 ?  198 GLU A CD  1 
ATOM   955  O  OE1 . GLU A 1 169 ? -17.990 -5.612  -1.849  1.00 51.39 ?  198 GLU A OE1 1 
ATOM   956  O  OE2 . GLU A 1 169 ? -18.835 -4.973  -3.768  1.00 55.21 ?  198 GLU A OE2 1 
ATOM   957  N  N   . ARG A 1 170 ? -15.416 -2.579  1.521   1.00 38.66 ?  199 ARG A N   1 
ATOM   958  C  CA  . ARG A 1 170 ? -15.263 -2.324  2.951   1.00 39.17 ?  199 ARG A CA  1 
ATOM   959  C  C   . ARG A 1 170 ? -14.584 -0.986  3.222   1.00 39.15 ?  199 ARG A C   1 
ATOM   960  O  O   . ARG A 1 170 ? -14.986 -0.268  4.147   1.00 38.76 ?  199 ARG A O   1 
ATOM   961  C  CB  . ARG A 1 170 ? -14.479 -3.455  3.618   1.00 37.84 ?  199 ARG A CB  1 
ATOM   962  C  CG  . ARG A 1 170 ? -15.155 -4.082  4.837   1.00 41.13 ?  199 ARG A CG  1 
ATOM   963  C  CD  . ARG A 1 170 ? -14.899 -5.609  4.934   1.00 47.11 ?  199 ARG A CD  1 
ATOM   964  N  NE  . ARG A 1 170 ? -13.615 -6.028  4.345   1.00 43.12 ?  199 ARG A NE  1 
ATOM   965  C  CZ  . ARG A 1 170 ? -13.491 -7.048  3.493   1.00 48.32 ?  199 ARG A CZ  1 
ATOM   966  N  NH1 . ARG A 1 170 ? -14.573 -7.755  3.159   1.00 49.21 ?  199 ARG A NH1 1 
ATOM   967  N  NH2 . ARG A 1 170 ? -12.297 -7.380  2.976   1.00 44.76 ?  199 ARG A NH2 1 
ATOM   968  N  N   . ILE A 1 171 ? -13.552 -0.622  2.447   1.00 36.15 ?  200 ILE A N   1 
ATOM   969  C  CA  . ILE A 1 171 ? -12.857 0.624   2.768   1.00 38.05 ?  200 ILE A CA  1 
ATOM   970  C  C   . ILE A 1 171 ? -13.787 1.810   2.582   1.00 37.51 ?  200 ILE A C   1 
ATOM   971  O  O   . ILE A 1 171 ? -13.832 2.710   3.429   1.00 38.20 ?  200 ILE A O   1 
ATOM   972  C  CB  . ILE A 1 171 ? -11.546 0.799   1.969   1.00 35.52 ?  200 ILE A CB  1 
ATOM   973  C  CG1 . ILE A 1 171 ? -10.787 2.020   2.535   1.00 35.30 ?  200 ILE A CG1 1 
ATOM   974  C  CG2 . ILE A 1 171 ? -11.803 0.992   0.473   1.00 35.84 ?  200 ILE A CG2 1 
ATOM   975  C  CD1 . ILE A 1 171 ? -9.443  2.324   1.898   1.00 30.46 ?  200 ILE A CD1 1 
ATOM   976  N  N   . VAL A 1 172 ? -14.583 1.818   1.507   1.00 39.34 ?  201 VAL A N   1 
ATOM   977  C  CA  . VAL A 1 172 ? -15.409 3.009   1.290   1.00 41.23 ?  201 VAL A CA  1 
ATOM   978  C  C   . VAL A 1 172 ? -16.566 3.056   2.280   1.00 40.22 ?  201 VAL A C   1 
ATOM   979  O  O   . VAL A 1 172 ? -16.940 4.138   2.753   1.00 39.80 ?  201 VAL A O   1 
ATOM   980  C  CB  . VAL A 1 172 ? -15.869 3.097   -0.173  1.00 35.70 ?  201 VAL A CB  1 
ATOM   981  C  CG1 . VAL A 1 172 ? -14.694 2.767   -1.065  1.00 38.90 ?  201 VAL A CG1 1 
ATOM   982  C  CG2 . VAL A 1 172 ? -17.030 2.178   -0.463  1.00 37.58 ?  201 VAL A CG2 1 
ATOM   983  N  N   . ASP A 1 173 ? -17.107 1.899   2.666   1.00 38.31 ?  202 ASP A N   1 
ATOM   984  C  CA  . ASP A 1 173 ? -18.103 1.884   3.732   1.00 43.76 ?  202 ASP A CA  1 
ATOM   985  C  C   . ASP A 1 173 ? -17.506 2.341   5.066   1.00 44.35 ?  202 ASP A C   1 
ATOM   986  O  O   . ASP A 1 173 ? -18.104 3.151   5.781   1.00 44.79 ?  202 ASP A O   1 
ATOM   987  C  CB  . ASP A 1 173 ? -18.705 0.486   3.864   1.00 47.38 ?  202 ASP A CB  1 
ATOM   988  C  CG  . ASP A 1 173 ? -19.784 0.431   4.931   1.00 52.94 ?  202 ASP A CG  1 
ATOM   989  O  OD1 . ASP A 1 173 ? -19.539 -0.143  6.033   1.00 48.28 ?  202 ASP A OD1 1 
ATOM   990  O  OD2 . ASP A 1 173 ? -20.864 1.003   4.653   1.00 52.96 ?  202 ASP A OD2 1 
ATOM   991  N  N   . ILE A 1 174 ? -16.318 1.828   5.416   1.00 43.65 ?  203 ILE A N   1 
ATOM   992  C  CA  . ILE A 1 174 ? -15.660 2.219   6.661   1.00 41.11 ?  203 ILE A CA  1 
ATOM   993  C  C   . ILE A 1 174 ? -15.392 3.723   6.679   1.00 44.11 ?  203 ILE A C   1 
ATOM   994  O  O   . ILE A 1 174 ? -15.684 4.409   7.665   1.00 43.64 ?  203 ILE A O   1 
ATOM   995  C  CB  . ILE A 1 174 ? -14.363 1.419   6.860   1.00 38.50 ?  203 ILE A CB  1 
ATOM   996  C  CG1 . ILE A 1 174 ? -14.655 -0.015  7.254   1.00 40.69 ?  203 ILE A CG1 1 
ATOM   997  C  CG2 . ILE A 1 174 ? -13.507 2.052   7.921   1.00 40.39 ?  203 ILE A CG2 1 
ATOM   998  C  CD1 . ILE A 1 174 ? -13.474 -0.949  7.082   1.00 37.67 ?  203 ILE A CD1 1 
ATOM   999  N  N   . ILE A 1 175 ? -14.841 4.261   5.584   1.00 44.67 ?  204 ILE A N   1 
ATOM   1000 C  CA  . ILE A 1 175 ? -14.462 5.671   5.588   1.00 42.43 ?  204 ILE A CA  1 
ATOM   1001 C  C   . ILE A 1 175 ? -15.702 6.544   5.578   1.00 45.67 ?  204 ILE A C   1 
ATOM   1002 O  O   . ILE A 1 175 ? -15.734 7.616   6.195   1.00 47.36 ?  204 ILE A O   1 
ATOM   1003 C  CB  . ILE A 1 175 ? -13.551 6.000   4.399   1.00 42.31 ?  204 ILE A CB  1 
ATOM   1004 C  CG1 . ILE A 1 175 ? -12.268 5.168   4.448   1.00 37.98 ?  204 ILE A CG1 1 
ATOM   1005 C  CG2 . ILE A 1 175 ? -13.231 7.474   4.399   1.00 37.49 ?  204 ILE A CG2 1 
ATOM   1006 C  CD1 . ILE A 1 175 ? -11.499 5.402   5.683   1.00 39.46 ?  204 ILE A CD1 1 
ATOM   1007 N  N   . ALA A 1 176 ? -16.741 6.102   4.877   1.00 45.97 ?  205 ALA A N   1 
ATOM   1008 C  CA  . ALA A 1 176 ? -17.950 6.912   4.785   1.00 49.67 ?  205 ALA A CA  1 
ATOM   1009 C  C   . ALA A 1 176 ? -18.735 6.873   6.092   1.00 51.31 ?  205 ALA A C   1 
ATOM   1010 O  O   . ALA A 1 176 ? -19.271 7.904   6.529   1.00 48.61 ?  205 ALA A O   1 
ATOM   1011 C  CB  . ALA A 1 176 ? -18.799 6.444   3.610   1.00 40.50 ?  205 ALA A CB  1 
ATOM   1012 N  N   . THR A 1 177 ? -18.810 5.695   6.730   1.00 51.77 ?  206 THR A N   1 
ATOM   1013 C  CA  . THR A 1 177 ? -19.364 5.636   8.077   1.00 51.28 ?  206 THR A CA  1 
ATOM   1014 C  C   . THR A 1 177 ? -18.664 6.641   8.972   1.00 52.46 ?  206 THR A C   1 
ATOM   1015 O  O   . THR A 1 177 ? -19.315 7.390   9.703   1.00 59.81 ?  206 THR A O   1 
ATOM   1016 C  CB  . THR A 1 177 ? -19.227 4.234   8.671   1.00 47.29 ?  206 THR A CB  1 
ATOM   1017 O  OG1 . THR A 1 177 ? -20.166 3.352   8.059   1.00 52.19 ?  206 THR A OG1 1 
ATOM   1018 C  CG2 . THR A 1 177 ? -19.510 4.274   10.152  1.00 52.45 ?  206 THR A CG2 1 
ATOM   1019 N  N   . ASP A 1 178 ? -17.335 6.705   8.885   1.00 52.80 ?  207 ASP A N   1 
ATOM   1020 C  CA  . ASP A 1 178 ? -16.563 7.602   9.742   1.00 53.19 ?  207 ASP A CA  1 
ATOM   1021 C  C   . ASP A 1 178 ? -16.959 9.055   9.531   1.00 52.51 ?  207 ASP A C   1 
ATOM   1022 O  O   . ASP A 1 178 ? -17.003 9.833   10.484  1.00 61.41 ?  207 ASP A O   1 
ATOM   1023 C  CB  . ASP A 1 178 ? -15.070 7.413   9.483   1.00 51.39 ?  207 ASP A CB  1 
ATOM   1024 C  CG  . ASP A 1 178 ? -14.219 7.771   10.684  1.00 55.76 ?  207 ASP A CG  1 
ATOM   1025 O  OD1 . ASP A 1 178 ? -14.645 7.496   11.832  1.00 61.93 ?  207 ASP A OD1 1 
ATOM   1026 O  OD2 . ASP A 1 178 ? -13.115 8.316   10.487  1.00 56.01 ?  207 ASP A OD2 1 
ATOM   1027 N  N   . ILE A 1 179 ? -17.257 9.441   8.301   1.00 55.45 ?  208 ILE A N   1 
ATOM   1028 C  CA  . ILE A 1 179 ? -17.627 10.831  8.030   1.00 62.68 ?  208 ILE A CA  1 
ATOM   1029 C  C   . ILE A 1 179 ? -19.006 11.109  8.620   1.00 61.03 ?  208 ILE A C   1 
ATOM   1030 O  O   . ILE A 1 179 ? -19.177 12.087  9.337   1.00 65.89 ?  208 ILE A O   1 
ATOM   1031 C  CB  . ILE A 1 179 ? -17.593 11.170  6.502   1.00 56.94 ?  208 ILE A CB  1 
ATOM   1032 C  CG1 . ILE A 1 179 ? -16.193 10.931  5.913   1.00 54.17 ?  208 ILE A CG1 1 
ATOM   1033 C  CG2 . ILE A 1 179 ? -18.048 12.610  6.266   1.00 47.76 ?  208 ILE A CG2 1 
ATOM   1034 C  CD1 . ILE A 1 179 ? -16.203 10.643  4.432   1.00 49.55 ?  208 ILE A CD1 1 
HETATM 1035 C  C10 . J3P B 2 .   ? 11.914  16.372  -1.845  1.00 37.30 ?  301 J3P A C10 1 
HETATM 1036 C  C13 . J3P B 2 .   ? 9.583   15.666  0.752   1.00 31.92 ?  301 J3P A C13 1 
HETATM 1037 C  C15 . J3P B 2 .   ? 7.469   16.842  0.875   1.00 28.25 ?  301 J3P A C15 1 
HETATM 1038 C  C17 . J3P B 2 .   ? 5.250   17.793  0.853   1.00 34.58 ?  301 J3P A C17 1 
HETATM 1039 C  C20 . J3P B 2 .   ? 7.983   17.893  0.103   1.00 30.68 ?  301 J3P A C20 1 
HETATM 1040 C  C21 . J3P B 2 .   ? 9.301   17.778  -0.336  1.00 30.65 ?  301 J3P A C21 1 
HETATM 1041 C  C24 . J3P B 2 .   ? 14.544  17.002  1.470   1.00 51.20 ?  301 J3P A C24 1 
HETATM 1042 C  C28 . J3P B 2 .   ? 14.788  18.549  4.995   1.00 57.30 ?  301 J3P A C28 1 
HETATM 1043 C  C01 . J3P B 2 .   ? 9.031   13.985  -2.345  1.00 33.70 ?  301 J3P A C01 1 
HETATM 1044 C  C02 . J3P B 2 .   ? 10.296  13.763  -3.193  1.00 36.33 ?  301 J3P A C02 1 
HETATM 1045 C  C03 . J3P B 2 .   ? 11.300  12.933  -2.434  1.00 38.80 ?  301 J3P A C03 1 
HETATM 1046 C  C04 . J3P B 2 .   ? 9.902   12.978  -4.422  1.00 35.62 ?  301 J3P A C04 1 
HETATM 1047 O  O05 . J3P B 2 .   ? 10.897  14.960  -3.651  1.00 39.41 ?  301 J3P A O05 1 
HETATM 1048 C  C06 . J3P B 2 .   ? 10.770  16.151  -2.888  1.00 37.08 ?  301 J3P A C06 1 
HETATM 1049 C  C07 . J3P B 2 .   ? 10.578  17.319  -3.873  1.00 37.32 ?  301 J3P A C07 1 
HETATM 1050 O  O08 . J3P B 2 .   ? 10.648  18.463  -3.312  1.00 38.34 ?  301 J3P A O08 1 
HETATM 1051 O  O09 . J3P B 2 .   ? 10.349  17.076  -5.052  1.00 41.20 -1 301 J3P A O09 1 
HETATM 1052 C  C11 . J3P B 2 .   ? 11.554  16.590  -0.521  1.00 35.18 ?  301 J3P A C11 1 
HETATM 1053 C  C12 . J3P B 2 .   ? 10.135  16.693  -0.035  1.00 33.86 ?  301 J3P A C12 1 
HETATM 1054 C  C14 . J3P B 2 .   ? 8.268   15.742  1.186   1.00 29.20 ?  301 J3P A C14 1 
HETATM 1055 O  O16 . J3P B 2 .   ? 6.216   16.818  1.329   1.00 29.81 ?  301 J3P A O16 1 
HETATM 1056 C  C18 . J3P B 2 .   ? 5.825   19.182  0.609   1.00 32.75 ?  301 J3P A C18 1 
HETATM 1057 C  C19 . J3P B 2 .   ? 7.132   19.065  -0.196  1.00 31.39 ?  301 J3P A C19 1 
HETATM 1058 N  N22 . J3P B 2 .   ? 12.447  16.790  0.468   1.00 38.21 ?  301 J3P A N22 1 
HETATM 1059 C  C23 . J3P B 2 .   ? 13.739  16.765  0.233   1.00 44.99 ?  301 J3P A C23 1 
HETATM 1060 C  C25 . J3P B 2 .   ? 15.818  16.528  1.894   1.00 48.84 ?  301 J3P A C25 1 
HETATM 1061 N  N26 . J3P B 2 .   ? 16.089  17.007  3.190   1.00 58.56 ?  301 J3P A N26 1 
HETATM 1062 N  N27 . J3P B 2 .   ? 14.958  17.768  3.598   1.00 63.73 ?  301 J3P A N27 1 
HETATM 1063 C  C29 . J3P B 2 .   ? 13.297  18.744  5.591   1.00 56.76 ?  301 J3P A C29 1 
HETATM 1064 C  C30 . J3P B 2 .   ? 12.269  19.395  4.868   1.00 60.79 ?  301 J3P A C30 1 
HETATM 1065 C  C31 . J3P B 2 .   ? 10.941  19.575  5.398   1.00 62.97 ?  301 J3P A C31 1 
HETATM 1066 C  C32 . J3P B 2 .   ? 10.572  19.099  6.689   1.00 59.25 ?  301 J3P A C32 1 
HETATM 1067 C  C33 . J3P B 2 .   ? 11.572  18.436  7.430   1.00 64.63 ?  301 J3P A C33 1 
HETATM 1068 C  C34 . J3P B 2 .   ? 12.898  18.279  6.887   1.00 63.68 ?  301 J3P A C34 1 
HETATM 1069 C  C35 . J3P B 2 .   ? 14.029  17.737  2.543   1.00 59.27 ?  301 J3P A C35 1 
HETATM 1070 C  C36 . J3P B 2 .   ? 14.298  16.550  -1.093  1.00 39.95 ?  301 J3P A C36 1 
HETATM 1071 C  C37 . J3P B 2 .   ? 15.692  16.512  -1.408  1.00 43.05 ?  301 J3P A C37 1 
HETATM 1072 C  C38 . J3P B 2 .   ? 16.130  16.290  -2.706  1.00 43.17 ?  301 J3P A C38 1 
HETATM 1073 C  C39 . J3P B 2 .   ? 15.182  16.091  -3.770  1.00 41.69 ?  301 J3P A C39 1 
HETATM 1074 C  C40 . J3P B 2 .   ? 13.841  16.123  -3.476  1.00 43.62 ?  301 J3P A C40 1 
HETATM 1075 C  C41 . J3P B 2 .   ? 13.316  16.346  -2.142  1.00 38.23 ?  301 J3P A C41 1 
HETATM 1076 O  O   . HOH C 3 .   ? 4.832   1.834   13.322  1.00 42.09 ?  401 HOH A O   1 
HETATM 1077 O  O   . HOH C 3 .   ? -11.287 -8.246  -1.134  1.00 39.74 ?  402 HOH A O   1 
HETATM 1078 O  O   . HOH C 3 .   ? -2.712  12.566  5.507   1.00 29.54 ?  403 HOH A O   1 
HETATM 1079 O  O   . HOH C 3 .   ? -12.459 1.227   11.715  1.00 52.58 ?  404 HOH A O   1 
HETATM 1080 O  O   . HOH C 3 .   ? 4.855   5.848   -6.182  1.00 33.89 ?  405 HOH A O   1 
HETATM 1081 O  O   . HOH C 3 .   ? 10.466  4.444   12.428  1.00 41.78 ?  406 HOH A O   1 
HETATM 1082 O  O   . HOH C 3 .   ? 7.390   6.030   -4.832  1.00 32.60 ?  407 HOH A O   1 
HETATM 1083 O  O   . HOH C 3 .   ? -7.398  0.884   9.015   1.00 41.12 ?  408 HOH A O   1 
HETATM 1084 O  O   . HOH C 3 .   ? 11.966  4.452   2.977   1.00 38.52 ?  409 HOH A O   1 
HETATM 1085 O  O   . HOH C 3 .   ? 2.120   -3.454  4.065   1.00 37.94 ?  410 HOH A O   1 
HETATM 1086 O  O   . HOH C 3 .   ? -4.947  -2.152  -9.726  1.00 26.91 ?  411 HOH A O   1 
HETATM 1087 O  O   . HOH C 3 .   ? -5.028  12.271  4.280   1.00 28.04 ?  412 HOH A O   1 
HETATM 1088 O  O   . HOH C 3 .   ? 8.864   -3.331  4.925   1.00 34.45 ?  413 HOH A O   1 
HETATM 1089 O  O   . HOH C 3 .   ? -12.247 -6.337  7.412   1.00 45.08 ?  414 HOH A O   1 
HETATM 1090 O  O   . HOH C 3 .   ? -11.978 9.056   7.792   1.00 41.79 ?  415 HOH A O   1 
HETATM 1091 O  O   . HOH C 3 .   ? -6.897  5.505   -4.657  0.50 47.86 ?  416 HOH A O   1 
HETATM 1092 O  O   . HOH C 3 .   ? -14.312 0.441   -4.308  1.00 40.43 ?  417 HOH A O   1 
HETATM 1093 O  O   . HOH C 3 .   ? 10.487  -9.797  0.869   1.00 43.79 ?  418 HOH A O   1 
HETATM 1094 O  O   . HOH C 3 .   ? -9.694  -6.851  7.443   1.00 41.91 ?  419 HOH A O   1 
HETATM 1095 O  O   . HOH C 3 .   ? 16.459  8.621   -0.077  1.00 38.58 ?  420 HOH A O   1 
HETATM 1096 O  O   . HOH C 3 .   ? 16.450  10.160  2.542   1.00 48.03 ?  421 HOH A O   1 
HETATM 1097 O  O   . HOH C 3 .   ? -15.060 -2.614  10.120  1.00 51.77 ?  422 HOH A O   1 
# 
